data_3SSO
#
_entry.id   3SSO
#
_cell.length_a   144.220
_cell.length_b   250.846
_cell.length_c   158.315
_cell.angle_alpha   90.000
_cell.angle_beta   90.000
_cell.angle_gamma   90.000
#
_symmetry.space_group_name_H-M   'C 2 2 21'
#
loop_
_entity.id
_entity.type
_entity.pdbx_description
1 polymer Methyltransferase
2 non-polymer 'MAGNESIUM ION'
3 non-polymer S-ADENOSYL-L-HOMOCYSTEINE
4 water water
#
_entity_poly.entity_id   1
_entity_poly.type   'polypeptide(L)'
_entity_poly.pdbx_seq_one_letter_code
;MGSSHHHHHHSSGLVPRGSHMTAQTEFDEATVQDVVRLAGGHDSELRELTQKYDPAMISRLLVAEILSRCPPPSNDTPVL
VELAIVHGSERFRHFLRVVRDSPIRPVGADEGFVGMLVEYELTELLRELFGVTHERPAGVRGTKLFPYLTDDEEAVEQIG
TYLLAAQQGTEAVLAGCGSRKPDLSELSSRYFTPKFGFLHWFTPHYDRHFRDYRNQQVRVLEIGVGGYKHPEWGGGSLRM
WKSFFPRGQIYGLDIMDKSHVDELRIRTIQGDQNDAEFLDRIARRYGPFDIVIDDGSHINAHVRTSFAALFPHVRPGGLY
VIEDMWTAYWPGFGGQADPQECSGTSLGLLKSLIDAIQHQELPSDPNRSPGYVDRNIVGLHVYHNVAFVEKGRNDEGGIP
TWIPRDFESLVQASSGGAT
;
_entity_poly.pdbx_strand_id   A,B,C,D,E,F
#
# COMPACT_ATOMS: atom_id res chain seq x y z
N GLU A 26 -0.61 -51.22 -20.56
CA GLU A 26 0.68 -50.52 -20.26
C GLU A 26 0.84 -50.12 -18.78
N PHE A 27 -0.15 -49.39 -18.24
CA PHE A 27 -0.09 -48.94 -16.85
C PHE A 27 -1.31 -49.37 -16.06
N ASP A 28 -1.09 -49.77 -14.81
CA ASP A 28 -2.16 -50.18 -13.93
C ASP A 28 -3.06 -49.00 -13.61
N GLU A 29 -4.36 -49.20 -13.81
CA GLU A 29 -5.35 -48.13 -13.62
C GLU A 29 -5.31 -47.49 -12.22
N ALA A 30 -5.18 -48.31 -11.19
CA ALA A 30 -5.11 -47.79 -9.81
C ALA A 30 -3.91 -46.87 -9.62
N THR A 31 -2.79 -47.27 -10.20
CA THR A 31 -1.57 -46.44 -10.19
C THR A 31 -1.77 -45.11 -10.90
N VAL A 32 -2.36 -45.14 -12.09
CA VAL A 32 -2.59 -43.92 -12.86
C VAL A 32 -3.47 -42.95 -12.07
N GLN A 33 -4.55 -43.49 -11.49
CA GLN A 33 -5.46 -42.66 -10.71
C GLN A 33 -4.78 -42.04 -9.49
N ASP A 34 -3.90 -42.81 -8.84
CA ASP A 34 -3.13 -42.33 -7.70
C ASP A 34 -2.14 -41.23 -8.10
N VAL A 35 -1.48 -41.41 -9.24
CA VAL A 35 -0.60 -40.40 -9.82
C VAL A 35 -1.36 -39.09 -10.05
N VAL A 36 -2.54 -39.19 -10.66
CA VAL A 36 -3.36 -38.01 -10.92
C VAL A 36 -3.82 -37.33 -9.61
N ARG A 37 -4.21 -38.15 -8.63
N ARG A 37 -4.22 -38.15 -8.63
CA ARG A 37 -4.64 -37.67 -7.32
CA ARG A 37 -4.64 -37.62 -7.33
C ARG A 37 -3.54 -36.87 -6.59
C ARG A 37 -3.52 -36.82 -6.67
N LEU A 38 -2.33 -37.41 -6.58
CA LEU A 38 -1.18 -36.75 -5.95
C LEU A 38 -0.68 -35.54 -6.74
N ALA A 39 -0.72 -35.64 -8.07
CA ALA A 39 -0.30 -34.52 -8.94
C ALA A 39 -1.18 -33.29 -8.73
N GLY A 40 -2.42 -33.52 -8.30
CA GLY A 40 -3.34 -32.42 -7.98
C GLY A 40 -3.06 -31.69 -6.67
N GLY A 41 -2.12 -32.18 -5.88
CA GLY A 41 -1.83 -31.62 -4.57
C GLY A 41 -0.78 -30.53 -4.59
N HIS A 42 -0.18 -30.27 -3.43
CA HIS A 42 0.82 -29.21 -3.28
C HIS A 42 2.20 -29.88 -3.33
N ASP A 43 3.27 -29.14 -2.98
CA ASP A 43 4.64 -29.67 -3.05
C ASP A 43 4.82 -31.00 -2.32
N SER A 44 4.21 -31.14 -1.13
CA SER A 44 4.34 -32.37 -0.35
C SER A 44 3.80 -33.61 -1.08
N GLU A 45 2.69 -33.45 -1.81
CA GLU A 45 2.08 -34.55 -2.57
C GLU A 45 2.89 -34.92 -3.81
N LEU A 46 3.47 -33.92 -4.48
CA LEU A 46 4.36 -34.18 -5.61
C LEU A 46 5.62 -34.93 -5.17
N ARG A 47 6.17 -34.54 -4.02
CA ARG A 47 7.31 -35.27 -3.43
C ARG A 47 6.93 -36.69 -3.03
N GLU A 48 5.74 -36.86 -2.45
CA GLU A 48 5.23 -38.18 -2.05
C GLU A 48 5.13 -39.10 -3.26
N LEU A 49 4.64 -38.54 -4.36
CA LEU A 49 4.42 -39.28 -5.60
C LEU A 49 5.75 -39.81 -6.15
N THR A 50 6.74 -38.93 -6.26
CA THR A 50 8.04 -39.31 -6.84
C THR A 50 8.87 -40.19 -5.91
N GLN A 51 8.50 -40.24 -4.63
CA GLN A 51 9.09 -41.17 -3.68
C GLN A 51 8.43 -42.56 -3.76
N LYS A 52 7.11 -42.56 -3.95
CA LYS A 52 6.28 -43.76 -3.95
C LYS A 52 6.49 -44.63 -5.18
N TYR A 53 6.72 -43.98 -6.32
CA TYR A 53 6.83 -44.69 -7.60
C TYR A 53 8.19 -44.42 -8.24
N ASP A 54 8.62 -45.36 -9.08
CA ASP A 54 9.86 -45.24 -9.82
C ASP A 54 9.77 -44.05 -10.81
N PRO A 55 10.67 -43.06 -10.68
CA PRO A 55 10.59 -41.89 -11.57
C PRO A 55 10.67 -42.24 -13.07
N ALA A 56 11.41 -43.29 -13.41
CA ALA A 56 11.49 -43.77 -14.80
C ALA A 56 10.11 -44.20 -15.30
N MET A 57 9.39 -44.94 -14.47
CA MET A 57 8.02 -45.38 -14.78
C MET A 57 7.07 -44.18 -14.90
N ILE A 58 7.13 -43.25 -13.96
CA ILE A 58 6.32 -42.04 -14.04
C ILE A 58 6.58 -41.28 -15.34
N SER A 59 7.86 -41.19 -15.72
N SER A 59 7.85 -41.19 -15.74
CA SER A 59 8.26 -40.54 -16.97
CA SER A 59 8.21 -40.51 -16.97
C SER A 59 7.59 -41.17 -18.19
C SER A 59 7.62 -41.17 -18.23
N ARG A 60 7.60 -42.50 -18.25
CA ARG A 60 6.98 -43.24 -19.36
C ARG A 60 5.47 -43.01 -19.38
N LEU A 61 4.86 -42.95 -18.20
CA LEU A 61 3.43 -42.66 -18.06
C LEU A 61 3.10 -41.27 -18.62
N LEU A 62 3.91 -40.27 -18.28
CA LEU A 62 3.68 -38.92 -18.75
C LEU A 62 3.84 -38.81 -20.27
N VAL A 63 4.86 -39.48 -20.81
CA VAL A 63 5.05 -39.53 -22.26
C VAL A 63 3.85 -40.19 -22.96
N ALA A 64 3.34 -41.28 -22.41
CA ALA A 64 2.14 -41.92 -22.96
C ALA A 64 0.97 -40.94 -23.04
N GLU A 65 0.76 -40.17 -21.96
CA GLU A 65 -0.30 -39.15 -21.92
C GLU A 65 -0.06 -38.04 -22.95
N ILE A 66 1.17 -37.52 -22.98
CA ILE A 66 1.57 -36.48 -23.95
C ILE A 66 1.27 -36.90 -25.39
N LEU A 67 1.60 -38.14 -25.76
CA LEU A 67 1.37 -38.64 -27.12
C LEU A 67 -0.10 -38.61 -27.53
N SER A 68 -1.00 -38.85 -26.57
CA SER A 68 -2.44 -38.81 -26.85
C SER A 68 -2.97 -37.37 -26.84
N ARG A 69 -2.27 -36.50 -26.14
CA ARG A 69 -2.72 -35.12 -25.93
C ARG A 69 -2.33 -34.19 -27.08
N CYS A 70 -1.22 -34.50 -27.76
CA CYS A 70 -0.71 -33.66 -28.85
C CYS A 70 -1.71 -33.50 -29.99
N PRO A 71 -1.88 -32.26 -30.50
CA PRO A 71 -2.73 -32.02 -31.67
C PRO A 71 -2.07 -32.57 -32.94
N PRO A 72 -2.82 -32.64 -34.05
CA PRO A 72 -2.18 -33.08 -35.30
C PRO A 72 -1.08 -32.11 -35.75
N PRO A 73 0.10 -32.64 -36.09
CA PRO A 73 1.21 -31.81 -36.59
C PRO A 73 0.87 -31.14 -37.91
N SER A 74 1.41 -29.93 -38.13
CA SER A 74 1.16 -29.20 -39.37
C SER A 74 2.40 -29.12 -40.29
N ASN A 75 3.54 -29.59 -39.80
CA ASN A 75 4.80 -29.52 -40.56
C ASN A 75 4.95 -30.61 -41.61
N ASP A 76 5.29 -30.21 -42.84
CA ASP A 76 5.49 -31.15 -43.95
C ASP A 76 6.84 -31.88 -43.89
N THR A 77 7.89 -31.16 -43.49
CA THR A 77 9.21 -31.74 -43.30
C THR A 77 9.29 -32.38 -41.91
N PRO A 78 9.61 -33.69 -41.84
CA PRO A 78 9.70 -34.36 -40.55
C PRO A 78 10.83 -33.82 -39.68
N VAL A 79 10.54 -33.63 -38.39
N VAL A 79 10.56 -33.68 -38.39
CA VAL A 79 11.56 -33.22 -37.43
CA VAL A 79 11.55 -33.18 -37.43
C VAL A 79 11.46 -34.08 -36.18
C VAL A 79 11.42 -33.93 -36.11
N LEU A 80 12.52 -34.04 -35.37
CA LEU A 80 12.50 -34.66 -34.05
C LEU A 80 12.43 -33.58 -32.99
N VAL A 81 11.65 -33.84 -31.96
CA VAL A 81 11.65 -32.99 -30.78
C VAL A 81 12.10 -33.87 -29.63
N GLU A 82 13.24 -33.52 -29.02
CA GLU A 82 13.71 -34.24 -27.86
C GLU A 82 13.00 -33.72 -26.63
N LEU A 83 12.32 -34.61 -25.91
CA LEU A 83 11.76 -34.31 -24.61
C LEU A 83 12.60 -34.97 -23.54
N ALA A 84 13.26 -34.17 -22.70
CA ALA A 84 14.05 -34.69 -21.61
C ALA A 84 13.37 -34.40 -20.27
N ILE A 85 13.14 -35.46 -19.50
CA ILE A 85 12.48 -35.32 -18.20
C ILE A 85 13.49 -35.58 -17.09
N VAL A 86 13.67 -34.59 -16.23
CA VAL A 86 14.72 -34.61 -15.22
C VAL A 86 14.12 -34.85 -13.83
N HIS A 87 14.73 -35.75 -13.08
CA HIS A 87 14.41 -35.91 -11.66
C HIS A 87 15.66 -36.35 -10.91
N GLY A 88 16.13 -35.48 -10.01
CA GLY A 88 17.37 -35.73 -9.28
C GLY A 88 18.51 -35.79 -10.27
N SER A 89 19.33 -36.84 -10.15
CA SER A 89 20.49 -37.05 -11.01
C SER A 89 20.14 -37.80 -12.30
N GLU A 90 18.86 -38.10 -12.49
CA GLU A 90 18.43 -38.84 -13.68
C GLU A 90 17.83 -37.95 -14.75
N ARG A 91 17.98 -38.36 -16.00
CA ARG A 91 17.47 -37.61 -17.14
C ARG A 91 16.91 -38.62 -18.14
N PHE A 92 15.60 -38.58 -18.32
CA PHE A 92 14.91 -39.52 -19.18
C PHE A 92 14.63 -38.86 -20.52
N ARG A 93 15.34 -39.31 -21.55
CA ARG A 93 15.30 -38.66 -22.85
C ARG A 93 14.39 -39.41 -23.82
N HIS A 94 13.48 -38.67 -24.45
CA HIS A 94 12.56 -39.25 -25.41
C HIS A 94 12.59 -38.45 -26.70
N PHE A 95 12.83 -39.12 -27.82
CA PHE A 95 12.88 -38.46 -29.11
C PHE A 95 11.59 -38.68 -29.89
N LEU A 96 10.87 -37.59 -30.14
CA LEU A 96 9.55 -37.67 -30.76
C LEU A 96 9.60 -37.25 -32.22
N ARG A 97 9.20 -38.15 -33.11
CA ARG A 97 9.10 -37.83 -34.54
C ARG A 97 7.78 -37.12 -34.81
N VAL A 98 7.88 -35.92 -35.40
CA VAL A 98 6.72 -35.07 -35.63
C VAL A 98 6.60 -34.68 -37.10
N VAL A 99 5.51 -35.13 -37.73
CA VAL A 99 5.24 -34.85 -39.14
C VAL A 99 3.74 -34.91 -39.44
N ARG A 100 3.28 -34.01 -40.32
CA ARG A 100 1.85 -33.94 -40.71
C ARG A 100 1.34 -35.29 -41.23
N ASP A 101 0.10 -35.61 -40.83
CA ASP A 101 -0.61 -36.83 -41.24
C ASP A 101 -0.07 -38.12 -40.63
N SER A 102 0.77 -37.97 -39.60
CA SER A 102 1.21 -39.09 -38.78
C SER A 102 1.06 -38.74 -37.31
N PRO A 103 0.67 -39.71 -36.47
CA PRO A 103 0.69 -39.44 -35.03
C PRO A 103 2.12 -39.29 -34.53
N ILE A 104 2.32 -38.41 -33.54
CA ILE A 104 3.62 -38.24 -32.90
C ILE A 104 3.98 -39.53 -32.18
N ARG A 105 5.18 -40.04 -32.44
CA ARG A 105 5.64 -41.29 -31.82
C ARG A 105 7.13 -41.23 -31.48
N PRO A 106 7.54 -41.98 -30.45
CA PRO A 106 8.96 -41.98 -30.10
C PRO A 106 9.79 -42.79 -31.10
N VAL A 107 10.99 -42.31 -31.39
CA VAL A 107 11.93 -42.99 -32.29
C VAL A 107 13.33 -42.94 -31.68
N GLY A 108 14.29 -43.58 -32.33
CA GLY A 108 15.69 -43.49 -31.92
C GLY A 108 16.27 -42.12 -32.22
N ALA A 109 17.26 -41.70 -31.43
CA ALA A 109 17.89 -40.39 -31.58
C ALA A 109 18.47 -40.13 -32.98
N ASP A 110 18.89 -41.21 -33.66
CA ASP A 110 19.52 -41.11 -34.97
C ASP A 110 18.54 -41.09 -36.15
N GLU A 111 17.24 -41.07 -35.85
CA GLU A 111 16.20 -41.23 -36.86
C GLU A 111 15.66 -39.93 -37.46
N GLY A 112 16.45 -38.86 -37.38
CA GLY A 112 16.08 -37.57 -37.96
C GLY A 112 16.82 -36.39 -37.36
N PHE A 113 16.44 -35.19 -37.78
CA PHE A 113 17.07 -33.96 -37.32
C PHE A 113 16.33 -33.46 -36.07
N VAL A 114 17.09 -33.22 -35.01
CA VAL A 114 16.53 -32.71 -33.75
C VAL A 114 16.40 -31.19 -33.84
N GLY A 115 15.16 -30.73 -34.05
CA GLY A 115 14.90 -29.30 -34.17
C GLY A 115 14.86 -28.56 -32.83
N MET A 116 14.55 -29.30 -31.77
CA MET A 116 14.32 -28.69 -30.45
C MET A 116 14.52 -29.68 -29.31
N LEU A 117 15.15 -29.20 -28.24
CA LEU A 117 15.22 -29.93 -26.99
C LEU A 117 14.31 -29.21 -25.98
N VAL A 118 13.33 -29.95 -25.47
CA VAL A 118 12.41 -29.45 -24.44
C VAL A 118 12.74 -30.16 -23.12
N GLU A 119 13.03 -29.38 -22.08
N GLU A 119 13.05 -29.39 -22.09
CA GLU A 119 13.42 -29.91 -20.78
CA GLU A 119 13.41 -29.95 -20.79
C GLU A 119 12.37 -29.60 -19.72
C GLU A 119 12.39 -29.61 -19.72
N TYR A 120 11.88 -30.64 -19.07
CA TYR A 120 10.95 -30.50 -17.95
C TYR A 120 11.50 -31.19 -16.72
N GLU A 121 11.31 -30.57 -15.56
N GLU A 121 11.30 -30.57 -15.57
CA GLU A 121 11.48 -31.29 -14.31
CA GLU A 121 11.43 -31.23 -14.28
C GLU A 121 10.26 -32.17 -14.15
C GLU A 121 10.24 -32.18 -14.18
N LEU A 122 10.47 -33.39 -13.66
CA LEU A 122 9.39 -34.37 -13.50
C LEU A 122 8.18 -33.81 -12.74
N THR A 123 8.44 -33.15 -11.60
CA THR A 123 7.35 -32.60 -10.79
C THR A 123 6.62 -31.47 -11.51
N GLU A 124 7.34 -30.70 -12.33
CA GLU A 124 6.72 -29.63 -13.12
C GLU A 124 5.81 -30.16 -14.22
N LEU A 125 6.25 -31.21 -14.91
CA LEU A 125 5.43 -31.84 -15.94
C LEU A 125 4.20 -32.51 -15.34
N LEU A 126 4.35 -33.11 -14.15
CA LEU A 126 3.21 -33.64 -13.40
C LEU A 126 2.14 -32.58 -13.13
N ARG A 127 2.57 -31.43 -12.63
CA ARG A 127 1.67 -30.30 -12.39
C ARG A 127 0.99 -29.83 -13.67
N GLU A 128 1.74 -29.74 -14.75
CA GLU A 128 1.24 -29.19 -16.00
C GLU A 128 0.20 -30.11 -16.67
N LEU A 129 0.40 -31.42 -16.55
CA LEU A 129 -0.52 -32.40 -17.15
C LEU A 129 -1.70 -32.76 -16.25
N PHE A 130 -1.43 -33.00 -14.97
CA PHE A 130 -2.41 -33.59 -14.06
C PHE A 130 -2.67 -32.76 -12.81
N GLY A 131 -2.10 -31.56 -12.76
CA GLY A 131 -2.19 -30.73 -11.55
C GLY A 131 -3.47 -29.93 -11.46
N VAL A 132 -3.75 -29.41 -10.27
CA VAL A 132 -4.75 -28.37 -10.11
C VAL A 132 -3.95 -27.09 -10.11
N THR A 133 -3.97 -26.39 -11.25
CA THR A 133 -3.03 -25.30 -11.47
C THR A 133 -3.66 -24.14 -12.23
N HIS A 134 -3.14 -22.95 -11.97
CA HIS A 134 -3.45 -21.76 -12.76
C HIS A 134 -2.68 -21.83 -14.08
N GLU A 135 -3.08 -21.01 -15.04
CA GLU A 135 -2.39 -20.90 -16.32
C GLU A 135 -1.04 -20.22 -16.10
N ARG A 136 0.02 -20.87 -16.58
CA ARG A 136 1.37 -20.36 -16.40
C ARG A 136 1.94 -20.04 -17.78
N PRO A 137 2.02 -18.74 -18.11
CA PRO A 137 2.42 -18.28 -19.46
C PRO A 137 3.91 -18.42 -19.78
N ALA A 138 4.71 -18.69 -18.75
CA ALA A 138 6.16 -18.86 -18.93
C ALA A 138 6.69 -19.66 -17.75
N GLY A 139 7.97 -20.04 -17.83
CA GLY A 139 8.67 -20.62 -16.70
C GLY A 139 8.38 -22.06 -16.29
N VAL A 140 7.70 -22.83 -17.14
CA VAL A 140 7.35 -24.22 -16.79
C VAL A 140 8.36 -25.26 -17.33
N ARG A 141 9.29 -24.81 -18.16
N ARG A 141 9.30 -24.82 -18.15
CA ARG A 141 10.18 -25.70 -18.91
CA ARG A 141 10.22 -25.71 -18.85
C ARG A 141 11.44 -24.95 -19.33
C ARG A 141 11.46 -24.96 -19.29
N GLY A 142 12.36 -25.66 -19.97
CA GLY A 142 13.50 -25.05 -20.65
C GLY A 142 13.44 -25.47 -22.11
N THR A 143 13.97 -24.63 -23.00
CA THR A 143 13.96 -24.92 -24.44
C THR A 143 15.29 -24.56 -25.06
N LYS A 144 15.84 -25.50 -25.82
CA LYS A 144 17.10 -25.32 -26.52
C LYS A 144 16.93 -25.67 -28.00
N LEU A 145 16.83 -24.64 -28.83
CA LEU A 145 16.64 -24.80 -30.28
C LEU A 145 17.86 -25.45 -30.93
N PHE A 146 17.63 -26.19 -32.01
CA PHE A 146 18.71 -26.85 -32.78
C PHE A 146 19.82 -27.36 -31.85
N PRO A 147 19.49 -28.22 -30.88
CA PRO A 147 20.42 -28.49 -29.76
C PRO A 147 21.73 -29.20 -30.12
N TYR A 148 21.78 -29.88 -31.26
CA TYR A 148 22.99 -30.61 -31.66
C TYR A 148 23.62 -30.09 -32.95
N LEU A 149 23.15 -28.93 -33.40
CA LEU A 149 23.68 -28.31 -34.61
C LEU A 149 25.01 -27.61 -34.30
N THR A 150 26.11 -28.26 -34.68
CA THR A 150 27.44 -27.70 -34.50
C THR A 150 27.67 -26.56 -35.50
N ASP A 151 28.20 -25.45 -35.01
CA ASP A 151 28.30 -24.22 -35.80
C ASP A 151 29.43 -24.25 -36.83
N ASP A 152 29.16 -24.88 -37.96
CA ASP A 152 30.10 -24.92 -39.09
C ASP A 152 29.44 -24.43 -40.39
N GLU A 153 30.05 -24.75 -41.52
CA GLU A 153 29.60 -24.28 -42.83
C GLU A 153 28.27 -24.89 -43.31
N GLU A 154 27.97 -26.09 -42.82
CA GLU A 154 26.75 -26.81 -43.23
C GLU A 154 25.52 -26.39 -42.44
N ALA A 155 25.73 -25.69 -41.32
CA ALA A 155 24.66 -25.26 -40.42
C ALA A 155 23.60 -24.42 -41.12
N VAL A 156 24.05 -23.43 -41.90
CA VAL A 156 23.16 -22.50 -42.60
C VAL A 156 22.16 -23.24 -43.51
N GLU A 157 22.63 -24.31 -44.14
CA GLU A 157 21.79 -25.17 -44.99
C GLU A 157 20.73 -25.88 -44.16
N GLN A 158 21.16 -26.45 -43.03
CA GLN A 158 20.27 -27.14 -42.09
C GLN A 158 19.20 -26.21 -41.53
N ILE A 159 19.60 -24.96 -41.27
CA ILE A 159 18.68 -23.95 -40.71
C ILE A 159 17.56 -23.64 -41.69
N GLY A 160 17.91 -23.42 -42.96
CA GLY A 160 16.92 -23.13 -43.99
C GLY A 160 15.89 -24.23 -44.18
N THR A 161 16.35 -25.48 -44.08
CA THR A 161 15.50 -26.65 -44.30
C THR A 161 14.53 -26.89 -43.14
N TYR A 162 14.99 -26.64 -41.91
CA TYR A 162 14.27 -27.10 -40.71
C TYR A 162 13.63 -26.01 -39.82
N LEU A 163 13.93 -24.74 -40.08
CA LEU A 163 13.47 -23.64 -39.20
C LEU A 163 11.95 -23.61 -39.00
N LEU A 164 11.19 -23.65 -40.10
CA LEU A 164 9.74 -23.63 -40.04
C LEU A 164 9.17 -24.89 -39.42
N ALA A 165 9.68 -26.05 -39.86
CA ALA A 165 9.21 -27.35 -39.39
C ALA A 165 9.50 -27.55 -37.90
N ALA A 166 10.63 -27.02 -37.43
CA ALA A 166 11.00 -27.10 -36.02
C ALA A 166 10.08 -26.26 -35.13
N GLN A 167 9.67 -25.09 -35.63
CA GLN A 167 8.70 -24.25 -34.93
C GLN A 167 7.33 -24.93 -34.85
N GLN A 168 6.88 -25.45 -36.00
CA GLN A 168 5.58 -26.13 -36.08
C GLN A 168 5.55 -27.40 -35.24
N GLY A 169 6.61 -28.20 -35.35
CA GLY A 169 6.73 -29.44 -34.57
C GLY A 169 6.80 -29.23 -33.07
N THR A 170 7.54 -28.20 -32.65
CA THR A 170 7.65 -27.85 -31.22
C THR A 170 6.30 -27.42 -30.67
N GLU A 171 5.61 -26.55 -31.40
CA GLU A 171 4.30 -26.05 -31.01
C GLU A 171 3.31 -27.20 -30.76
N ALA A 172 3.36 -28.23 -31.61
CA ALA A 172 2.50 -29.40 -31.46
C ALA A 172 2.83 -30.20 -30.21
N VAL A 173 4.12 -30.42 -29.94
CA VAL A 173 4.55 -31.17 -28.77
C VAL A 173 4.23 -30.42 -27.47
N LEU A 174 4.52 -29.11 -27.44
CA LEU A 174 4.22 -28.30 -26.25
C LEU A 174 2.74 -28.24 -25.93
N ALA A 175 1.89 -28.18 -26.96
CA ALA A 175 0.44 -28.25 -26.75
C ALA A 175 0.04 -29.54 -26.03
N GLY A 176 0.77 -30.62 -26.26
CA GLY A 176 0.50 -31.90 -25.59
C GLY A 176 1.09 -32.02 -24.20
N CYS A 177 1.92 -31.04 -23.81
CA CYS A 177 2.57 -31.01 -22.50
C CYS A 177 1.82 -30.15 -21.48
N GLY A 178 0.70 -29.57 -21.91
CA GLY A 178 -0.13 -28.74 -21.02
C GLY A 178 -1.58 -29.19 -20.92
N SER A 179 -2.37 -28.40 -20.21
CA SER A 179 -3.78 -28.67 -19.92
C SER A 179 -4.71 -27.55 -20.43
N ARG A 180 -4.33 -26.90 -21.53
CA ARG A 180 -5.16 -25.84 -22.12
C ARG A 180 -6.50 -26.42 -22.59
N LYS A 181 -7.58 -25.68 -22.36
CA LYS A 181 -8.91 -26.17 -22.71
C LYS A 181 -9.05 -26.32 -24.22
N PRO A 182 -9.44 -27.52 -24.68
CA PRO A 182 -9.64 -27.75 -26.10
C PRO A 182 -11.05 -27.33 -26.57
N ASP A 183 -11.21 -27.26 -27.88
CA ASP A 183 -12.49 -26.98 -28.50
C ASP A 183 -13.18 -28.32 -28.74
N LEU A 184 -14.32 -28.55 -28.09
CA LEU A 184 -15.04 -29.82 -28.23
C LEU A 184 -15.51 -30.10 -29.65
N SER A 185 -15.95 -29.06 -30.33
CA SER A 185 -16.37 -29.20 -31.73
C SER A 185 -15.22 -29.70 -32.59
N GLU A 186 -14.01 -29.18 -32.34
N GLU A 186 -14.02 -29.17 -32.35
CA GLU A 186 -12.81 -29.61 -33.07
CA GLU A 186 -12.80 -29.59 -33.04
C GLU A 186 -12.41 -31.04 -32.72
C GLU A 186 -12.41 -31.04 -32.72
N LEU A 187 -12.43 -31.38 -31.44
CA LEU A 187 -12.13 -32.76 -30.97
C LEU A 187 -13.09 -33.77 -31.56
N SER A 188 -14.37 -33.38 -31.63
CA SER A 188 -15.41 -34.19 -32.26
C SER A 188 -15.06 -34.56 -33.70
N SER A 189 -14.57 -33.59 -34.47
CA SER A 189 -14.17 -33.86 -35.84
C SER A 189 -12.85 -34.62 -35.92
N ARG A 190 -11.91 -34.28 -35.05
CA ARG A 190 -10.62 -34.97 -34.96
C ARG A 190 -10.80 -36.47 -34.68
N TYR A 191 -11.77 -36.79 -33.83
CA TYR A 191 -11.99 -38.17 -33.38
C TYR A 191 -13.11 -38.92 -34.10
N PHE A 192 -13.67 -38.31 -35.13
CA PHE A 192 -14.70 -38.95 -35.98
C PHE A 192 -15.95 -39.39 -35.20
N THR A 193 -16.47 -38.48 -34.38
CA THR A 193 -17.73 -38.74 -33.70
C THR A 193 -18.79 -37.73 -34.20
N PRO A 194 -20.05 -38.15 -34.31
CA PRO A 194 -21.03 -37.25 -34.94
C PRO A 194 -21.69 -36.24 -33.99
N LYS A 195 -21.04 -35.90 -32.87
CA LYS A 195 -21.59 -34.96 -31.89
C LYS A 195 -21.79 -33.54 -32.44
N PHE A 196 -21.06 -33.20 -33.51
CA PHE A 196 -21.15 -31.86 -34.11
C PHE A 196 -20.80 -31.89 -35.59
N GLY A 197 -21.50 -31.08 -36.37
CA GLY A 197 -21.06 -30.76 -37.72
C GLY A 197 -21.98 -31.13 -38.85
N PHE A 198 -22.88 -32.08 -38.61
CA PHE A 198 -23.74 -32.58 -39.69
C PHE A 198 -25.11 -33.04 -39.22
N LEU A 199 -25.16 -34.16 -38.50
CA LEU A 199 -26.43 -34.68 -37.98
C LEU A 199 -26.84 -33.99 -36.69
N HIS A 200 -25.84 -33.58 -35.91
CA HIS A 200 -26.05 -33.11 -34.54
C HIS A 200 -25.21 -31.88 -34.25
N TRP A 201 -25.59 -31.15 -33.20
CA TRP A 201 -24.94 -29.88 -32.86
C TRP A 201 -24.76 -29.78 -31.35
N PHE A 202 -24.31 -30.88 -30.74
CA PHE A 202 -24.31 -31.07 -29.28
C PHE A 202 -23.17 -30.38 -28.52
N THR A 203 -22.01 -30.26 -29.16
CA THR A 203 -20.80 -29.91 -28.43
C THR A 203 -20.80 -28.54 -27.72
N PRO A 204 -21.48 -27.52 -28.30
CA PRO A 204 -21.55 -26.29 -27.51
C PRO A 204 -22.28 -26.47 -26.17
N HIS A 205 -23.27 -27.36 -26.12
CA HIS A 205 -23.99 -27.63 -24.86
C HIS A 205 -23.13 -28.45 -23.92
N TYR A 206 -22.48 -29.48 -24.46
CA TYR A 206 -21.54 -30.26 -23.67
C TYR A 206 -20.46 -29.37 -23.07
N ASP A 207 -19.93 -28.44 -23.87
CA ASP A 207 -18.90 -27.52 -23.38
C ASP A 207 -19.42 -26.66 -22.23
N ARG A 208 -20.62 -26.11 -22.38
CA ARG A 208 -21.16 -25.23 -21.35
C ARG A 208 -21.39 -25.98 -20.04
N HIS A 209 -21.87 -27.22 -20.15
CA HIS A 209 -22.19 -28.03 -18.97
C HIS A 209 -20.98 -28.73 -18.33
N PHE A 210 -19.94 -28.99 -19.11
CA PHE A 210 -18.81 -29.79 -18.63
C PHE A 210 -17.58 -28.95 -18.27
N ARG A 211 -17.45 -27.75 -18.83
CA ARG A 211 -16.17 -27.04 -18.73
C ARG A 211 -15.74 -26.75 -17.29
N ASP A 212 -16.71 -26.49 -16.41
CA ASP A 212 -16.41 -26.19 -15.00
C ASP A 212 -15.87 -27.39 -14.19
N TYR A 213 -15.93 -28.60 -14.75
CA TYR A 213 -15.44 -29.81 -14.08
C TYR A 213 -13.96 -30.14 -14.38
N ARG A 214 -13.34 -29.38 -15.28
CA ARG A 214 -12.05 -29.78 -15.85
C ARG A 214 -10.82 -29.87 -14.91
N ASN A 215 -10.86 -29.17 -13.78
N ASN A 215 -10.91 -29.15 -13.79
CA ASN A 215 -9.76 -29.31 -12.83
CA ASN A 215 -9.89 -29.19 -12.72
C ASN A 215 -10.04 -30.38 -11.77
C ASN A 215 -10.00 -30.43 -11.84
N GLN A 216 -11.12 -31.13 -11.96
CA GLN A 216 -11.47 -32.23 -11.05
C GLN A 216 -11.09 -33.59 -11.60
N GLN A 217 -10.81 -34.53 -10.68
CA GLN A 217 -10.48 -35.91 -11.04
C GLN A 217 -11.72 -36.73 -11.36
N VAL A 218 -12.41 -36.31 -12.42
CA VAL A 218 -13.73 -36.88 -12.76
C VAL A 218 -13.69 -38.38 -13.12
N ARG A 219 -14.79 -39.05 -12.80
CA ARG A 219 -15.09 -40.37 -13.34
C ARG A 219 -16.30 -40.18 -14.25
N VAL A 220 -16.09 -40.43 -15.54
CA VAL A 220 -17.13 -40.26 -16.56
C VAL A 220 -17.49 -41.63 -17.12
N LEU A 221 -18.78 -41.96 -17.10
CA LEU A 221 -19.28 -43.19 -17.71
C LEU A 221 -20.15 -42.84 -18.93
N GLU A 222 -19.74 -43.28 -20.11
CA GLU A 222 -20.59 -43.17 -21.30
C GLU A 222 -21.07 -44.54 -21.72
N ILE A 223 -22.39 -44.67 -21.84
CA ILE A 223 -23.01 -45.85 -22.40
C ILE A 223 -23.04 -45.69 -23.91
N GLY A 224 -22.38 -46.62 -24.60
CA GLY A 224 -22.31 -46.56 -26.06
C GLY A 224 -20.92 -46.10 -26.48
N VAL A 225 -20.06 -47.06 -26.78
CA VAL A 225 -18.67 -46.77 -27.18
C VAL A 225 -18.59 -46.38 -28.67
N GLY A 226 -19.49 -46.97 -29.45
CA GLY A 226 -19.54 -46.71 -30.90
C GLY A 226 -19.02 -47.87 -31.73
N GLY A 227 -19.38 -47.88 -33.02
CA GLY A 227 -18.89 -48.87 -33.96
C GLY A 227 -19.73 -50.13 -34.05
N TYR A 228 -20.63 -50.32 -33.10
CA TYR A 228 -21.55 -51.46 -33.08
C TYR A 228 -20.79 -52.79 -33.27
N LYS A 229 -21.18 -53.59 -34.26
CA LYS A 229 -20.56 -54.91 -34.47
C LYS A 229 -19.20 -54.89 -35.16
N HIS A 230 -18.81 -53.76 -35.74
CA HIS A 230 -17.54 -53.71 -36.48
C HIS A 230 -16.35 -53.90 -35.52
N PRO A 231 -15.45 -54.85 -35.84
CA PRO A 231 -14.37 -55.21 -34.89
C PRO A 231 -13.34 -54.11 -34.59
N GLU A 232 -13.27 -53.08 -35.42
CA GLU A 232 -12.24 -52.04 -35.26
C GLU A 232 -12.79 -50.66 -34.92
N TRP A 233 -14.08 -50.43 -35.19
CA TRP A 233 -14.65 -49.11 -35.04
C TRP A 233 -15.08 -48.77 -33.61
N GLY A 234 -15.04 -47.49 -33.29
CA GLY A 234 -15.60 -46.98 -32.03
C GLY A 234 -14.59 -46.26 -31.16
N GLY A 235 -15.09 -45.57 -30.14
CA GLY A 235 -14.23 -44.96 -29.13
C GLY A 235 -14.01 -43.47 -29.27
N GLY A 236 -14.51 -42.87 -30.36
CA GLY A 236 -14.26 -41.45 -30.64
C GLY A 236 -14.70 -40.50 -29.55
N SER A 237 -15.88 -40.74 -28.96
CA SER A 237 -16.36 -39.87 -27.89
C SER A 237 -15.60 -40.10 -26.59
N LEU A 238 -15.16 -41.33 -26.33
CA LEU A 238 -14.31 -41.60 -25.16
C LEU A 238 -12.99 -40.83 -25.26
N ARG A 239 -12.39 -40.83 -26.44
N ARG A 239 -12.39 -40.82 -26.44
CA ARG A 239 -11.17 -40.07 -26.70
CA ARG A 239 -11.16 -40.07 -26.67
C ARG A 239 -11.42 -38.58 -26.46
C ARG A 239 -11.38 -38.57 -26.56
N MET A 240 -12.59 -38.12 -26.90
CA MET A 240 -13.01 -36.73 -26.71
C MET A 240 -13.06 -36.35 -25.22
N TRP A 241 -13.69 -37.18 -24.40
CA TRP A 241 -13.78 -36.89 -22.96
C TRP A 241 -12.41 -36.96 -22.29
N LYS A 242 -11.57 -37.92 -22.72
CA LYS A 242 -10.20 -37.99 -22.21
C LYS A 242 -9.43 -36.69 -22.47
N SER A 243 -9.56 -36.18 -23.70
N SER A 243 -9.56 -36.18 -23.70
CA SER A 243 -8.90 -34.94 -24.09
CA SER A 243 -8.91 -34.94 -24.10
C SER A 243 -9.45 -33.75 -23.30
C SER A 243 -9.47 -33.71 -23.36
N PHE A 244 -10.78 -33.71 -23.11
CA PHE A 244 -11.45 -32.60 -22.44
C PHE A 244 -11.17 -32.53 -20.93
N PHE A 245 -11.08 -33.70 -20.29
CA PHE A 245 -10.87 -33.81 -18.85
C PHE A 245 -9.45 -34.32 -18.56
N PRO A 246 -8.49 -33.40 -18.39
CA PRO A 246 -7.08 -33.81 -18.25
C PRO A 246 -6.77 -34.66 -17.02
N ARG A 247 -7.64 -34.62 -16.01
CA ARG A 247 -7.46 -35.40 -14.76
C ARG A 247 -8.47 -36.55 -14.66
N GLY A 248 -9.25 -36.75 -15.72
CA GLY A 248 -10.36 -37.69 -15.70
C GLY A 248 -10.00 -39.15 -15.87
N GLN A 249 -10.90 -40.00 -15.39
CA GLN A 249 -10.93 -41.41 -15.80
C GLN A 249 -12.21 -41.61 -16.61
N ILE A 250 -12.07 -42.14 -17.83
CA ILE A 250 -13.23 -42.37 -18.70
C ILE A 250 -13.58 -43.85 -18.72
N TYR A 251 -14.86 -44.16 -18.51
CA TYR A 251 -15.39 -45.52 -18.67
C TYR A 251 -16.39 -45.53 -19.82
N GLY A 252 -16.29 -46.54 -20.67
CA GLY A 252 -17.24 -46.74 -21.78
C GLY A 252 -17.91 -48.11 -21.71
N LEU A 253 -19.24 -48.12 -21.73
N LEU A 253 -19.24 -48.12 -21.69
CA LEU A 253 -20.01 -49.35 -21.69
CA LEU A 253 -20.01 -49.36 -21.69
C LEU A 253 -20.57 -49.68 -23.06
C LEU A 253 -20.47 -49.66 -23.10
N ASP A 254 -20.40 -50.93 -23.49
CA ASP A 254 -20.93 -51.38 -24.79
C ASP A 254 -21.26 -52.86 -24.72
N ILE A 255 -22.36 -53.24 -25.37
CA ILE A 255 -22.77 -54.64 -25.42
C ILE A 255 -21.75 -55.49 -26.21
N MET A 256 -21.04 -54.85 -27.14
CA MET A 256 -19.98 -55.49 -27.92
C MET A 256 -18.63 -55.25 -27.24
N ASP A 257 -17.69 -56.17 -27.44
CA ASP A 257 -16.34 -55.97 -26.92
C ASP A 257 -15.71 -54.74 -27.61
N LYS A 258 -15.09 -53.89 -26.82
CA LYS A 258 -14.42 -52.68 -27.33
C LYS A 258 -13.03 -52.52 -26.74
N SER A 259 -12.42 -53.63 -26.33
CA SER A 259 -11.15 -53.58 -25.61
C SER A 259 -10.02 -52.97 -26.45
N HIS A 260 -10.19 -52.92 -27.77
CA HIS A 260 -9.21 -52.25 -28.65
C HIS A 260 -9.16 -50.73 -28.44
N VAL A 261 -10.16 -50.18 -27.76
CA VAL A 261 -10.25 -48.75 -27.47
C VAL A 261 -9.44 -48.37 -26.22
N ASP A 262 -9.32 -49.31 -25.28
CA ASP A 262 -8.66 -49.02 -24.00
C ASP A 262 -7.27 -48.41 -24.19
N GLU A 263 -7.00 -47.36 -23.43
CA GLU A 263 -5.67 -46.73 -23.40
C GLU A 263 -5.54 -46.04 -22.05
N LEU A 264 -4.48 -45.27 -21.84
CA LEU A 264 -4.30 -44.56 -20.58
C LEU A 264 -5.57 -43.74 -20.29
N ARG A 265 -6.14 -43.90 -19.10
CA ARG A 265 -7.34 -43.15 -18.67
C ARG A 265 -8.66 -43.48 -19.40
N ILE A 266 -8.65 -44.51 -20.25
CA ILE A 266 -9.89 -45.00 -20.88
C ILE A 266 -10.03 -46.53 -20.68
N ARG A 267 -11.07 -46.94 -19.98
CA ARG A 267 -11.38 -48.35 -19.79
C ARG A 267 -12.75 -48.66 -20.40
N THR A 268 -12.85 -49.71 -21.20
CA THR A 268 -14.16 -50.14 -21.69
C THR A 268 -14.65 -51.37 -20.95
N ILE A 269 -15.96 -51.53 -20.89
CA ILE A 269 -16.61 -52.60 -20.17
C ILE A 269 -17.65 -53.21 -21.08
N GLN A 270 -17.64 -54.53 -21.21
CA GLN A 270 -18.66 -55.21 -22.01
C GLN A 270 -19.88 -55.60 -21.17
N GLY A 271 -21.05 -55.18 -21.62
CA GLY A 271 -22.29 -55.54 -20.96
C GLY A 271 -23.50 -54.80 -21.53
N ASP A 272 -24.67 -55.16 -21.04
CA ASP A 272 -25.95 -54.67 -21.58
C ASP A 272 -26.47 -53.56 -20.67
N GLN A 273 -26.72 -52.37 -21.25
CA GLN A 273 -27.25 -51.23 -20.49
C GLN A 273 -28.66 -51.50 -19.93
N ASN A 274 -29.30 -52.54 -20.43
CA ASN A 274 -30.64 -52.91 -19.97
C ASN A 274 -30.62 -53.96 -18.85
N ASP A 275 -29.42 -54.26 -18.35
CA ASP A 275 -29.23 -55.28 -17.32
C ASP A 275 -28.90 -54.54 -16.03
N ALA A 276 -29.92 -54.34 -15.18
CA ALA A 276 -29.78 -53.53 -13.97
C ALA A 276 -28.79 -54.12 -12.95
N GLU A 277 -28.70 -55.45 -12.89
CA GLU A 277 -27.76 -56.15 -12.00
C GLU A 277 -26.34 -55.84 -12.40
N PHE A 278 -26.07 -55.91 -13.70
CA PHE A 278 -24.78 -55.54 -14.27
C PHE A 278 -24.47 -54.08 -13.94
N LEU A 279 -25.45 -53.20 -14.16
CA LEU A 279 -25.24 -51.76 -13.88
C LEU A 279 -24.89 -51.50 -12.40
N ASP A 280 -25.57 -52.19 -11.49
CA ASP A 280 -25.24 -52.12 -10.06
C ASP A 280 -23.78 -52.46 -9.80
N ARG A 281 -23.32 -53.58 -10.36
CA ARG A 281 -21.98 -54.07 -10.08
C ARG A 281 -20.92 -53.10 -10.60
N ILE A 282 -21.08 -52.63 -11.84
CA ILE A 282 -20.07 -51.73 -12.40
C ILE A 282 -20.09 -50.36 -11.73
N ALA A 283 -21.28 -49.89 -11.35
CA ALA A 283 -21.39 -48.61 -10.66
C ALA A 283 -20.74 -48.67 -9.27
N ARG A 284 -20.93 -49.78 -8.56
CA ARG A 284 -20.30 -49.92 -7.24
C ARG A 284 -18.80 -50.22 -7.35
N ARG A 285 -18.38 -50.88 -8.43
CA ARG A 285 -16.96 -51.15 -8.67
C ARG A 285 -16.17 -49.89 -9.07
N TYR A 286 -16.76 -49.08 -9.95
CA TYR A 286 -16.02 -47.99 -10.59
C TYR A 286 -16.46 -46.58 -10.21
N GLY A 287 -17.61 -46.47 -9.53
CA GLY A 287 -18.20 -45.17 -9.21
C GLY A 287 -17.74 -44.60 -7.87
N PRO A 288 -18.39 -43.51 -7.40
CA PRO A 288 -19.53 -42.87 -8.07
C PRO A 288 -19.06 -41.98 -9.23
N PHE A 289 -19.97 -41.66 -10.14
CA PHE A 289 -19.64 -40.95 -11.38
C PHE A 289 -20.01 -39.48 -11.32
N ASP A 290 -19.09 -38.62 -11.74
CA ASP A 290 -19.40 -37.20 -11.83
C ASP A 290 -20.35 -36.96 -12.98
N ILE A 291 -20.17 -37.76 -14.04
CA ILE A 291 -20.94 -37.63 -15.28
C ILE A 291 -21.30 -39.02 -15.80
N VAL A 292 -22.59 -39.22 -16.10
CA VAL A 292 -23.05 -40.39 -16.84
C VAL A 292 -23.72 -39.87 -18.11
N ILE A 293 -23.40 -40.50 -19.26
CA ILE A 293 -23.99 -40.13 -20.54
C ILE A 293 -24.61 -41.38 -21.18
N ASP A 294 -25.88 -41.29 -21.56
CA ASP A 294 -26.51 -42.38 -22.32
C ASP A 294 -26.50 -42.04 -23.80
N ASP A 295 -25.58 -42.70 -24.53
CA ASP A 295 -25.54 -42.63 -25.98
C ASP A 295 -25.58 -44.05 -26.56
N GLY A 296 -26.42 -44.90 -25.99
CA GLY A 296 -26.39 -46.34 -26.26
C GLY A 296 -27.30 -46.82 -27.37
N SER A 297 -28.13 -47.82 -27.06
CA SER A 297 -29.08 -48.40 -28.03
C SER A 297 -30.10 -47.38 -28.55
N HIS A 298 -30.44 -46.41 -27.70
CA HIS A 298 -31.55 -45.45 -27.94
C HIS A 298 -32.93 -46.13 -27.92
N ILE A 299 -32.99 -47.37 -27.42
CA ILE A 299 -34.29 -48.00 -27.15
C ILE A 299 -34.87 -47.34 -25.91
N ASN A 300 -36.13 -46.89 -26.01
CA ASN A 300 -36.73 -46.10 -24.94
C ASN A 300 -36.70 -46.77 -23.57
N ALA A 301 -37.06 -48.06 -23.53
CA ALA A 301 -37.03 -48.84 -22.28
C ALA A 301 -35.63 -48.90 -21.65
N HIS A 302 -34.60 -48.98 -22.49
CA HIS A 302 -33.20 -49.00 -22.04
C HIS A 302 -32.80 -47.68 -21.40
N VAL A 303 -33.16 -46.59 -22.06
CA VAL A 303 -32.88 -45.25 -21.54
C VAL A 303 -33.44 -45.12 -20.12
N ARG A 304 -34.69 -45.55 -19.95
CA ARG A 304 -35.38 -45.47 -18.68
C ARG A 304 -34.75 -46.41 -17.63
N THR A 305 -34.41 -47.63 -18.05
CA THR A 305 -33.79 -48.63 -17.16
C THR A 305 -32.43 -48.18 -16.65
N SER A 306 -31.60 -47.68 -17.56
CA SER A 306 -30.27 -47.20 -17.20
C SER A 306 -30.34 -45.99 -16.27
N PHE A 307 -31.28 -45.09 -16.53
CA PHE A 307 -31.43 -43.90 -15.70
C PHE A 307 -31.82 -44.29 -14.28
N ALA A 308 -32.83 -45.15 -14.15
CA ALA A 308 -33.29 -45.64 -12.85
C ALA A 308 -32.16 -46.31 -12.07
N ALA A 309 -31.32 -47.08 -12.77
CA ALA A 309 -30.23 -47.82 -12.13
C ALA A 309 -29.01 -46.95 -11.79
N LEU A 310 -28.70 -45.96 -12.63
CA LEU A 310 -27.45 -45.24 -12.53
C LEU A 310 -27.54 -43.84 -11.92
N PHE A 311 -28.71 -43.22 -11.97
CA PHE A 311 -28.87 -41.91 -11.34
C PHE A 311 -28.45 -41.93 -9.86
N PRO A 312 -28.76 -43.01 -9.11
CA PRO A 312 -28.30 -43.08 -7.72
C PRO A 312 -26.77 -43.06 -7.57
N HIS A 313 -26.06 -43.43 -8.64
CA HIS A 313 -24.60 -43.51 -8.62
C HIS A 313 -23.91 -42.28 -9.24
N VAL A 314 -24.70 -41.27 -9.60
CA VAL A 314 -24.15 -39.98 -9.99
C VAL A 314 -23.86 -39.21 -8.70
N ARG A 315 -22.69 -38.58 -8.62
CA ARG A 315 -22.35 -37.77 -7.44
C ARG A 315 -23.28 -36.56 -7.32
N PRO A 316 -23.59 -36.12 -6.07
CA PRO A 316 -24.26 -34.82 -5.92
C PRO A 316 -23.41 -33.75 -6.61
N GLY A 317 -24.06 -32.84 -7.35
CA GLY A 317 -23.33 -31.87 -8.16
C GLY A 317 -22.92 -32.42 -9.52
N GLY A 318 -23.22 -33.68 -9.77
CA GLY A 318 -22.91 -34.32 -11.05
C GLY A 318 -24.01 -34.20 -12.09
N LEU A 319 -23.80 -34.85 -13.24
CA LEU A 319 -24.72 -34.75 -14.37
C LEU A 319 -25.07 -36.11 -14.94
N TYR A 320 -26.35 -36.28 -15.31
CA TYR A 320 -26.80 -37.40 -16.11
C TYR A 320 -27.28 -36.84 -17.46
N VAL A 321 -26.67 -37.31 -18.55
CA VAL A 321 -26.96 -36.79 -19.89
C VAL A 321 -27.63 -37.87 -20.73
N ILE A 322 -28.68 -37.50 -21.45
CA ILE A 322 -29.31 -38.43 -22.40
C ILE A 322 -29.18 -37.83 -23.79
N GLU A 323 -28.62 -38.62 -24.71
CA GLU A 323 -28.46 -38.20 -26.10
C GLU A 323 -29.46 -38.92 -27.00
N ASP A 324 -29.85 -38.25 -28.08
CA ASP A 324 -30.69 -38.81 -29.16
C ASP A 324 -32.11 -39.16 -28.78
N MET A 325 -32.82 -38.20 -28.18
CA MET A 325 -34.21 -38.44 -27.80
C MET A 325 -35.14 -38.54 -29.01
N TRP A 326 -34.61 -38.31 -30.21
CA TRP A 326 -35.43 -38.44 -31.41
C TRP A 326 -36.14 -39.80 -31.48
N THR A 327 -35.52 -40.84 -30.92
CA THR A 327 -36.11 -42.19 -30.95
C THR A 327 -37.38 -42.34 -30.11
N ALA A 328 -37.68 -41.34 -29.29
CA ALA A 328 -38.93 -41.32 -28.53
C ALA A 328 -40.17 -41.40 -29.43
N TYR A 329 -40.03 -40.96 -30.68
CA TYR A 329 -41.16 -40.90 -31.61
C TYR A 329 -41.30 -42.09 -32.55
N TRP A 330 -40.45 -43.11 -32.37
CA TRP A 330 -40.34 -44.20 -33.35
C TRP A 330 -40.58 -45.58 -32.73
N PRO A 331 -41.63 -46.29 -33.18
CA PRO A 331 -42.02 -47.61 -32.66
C PRO A 331 -40.87 -48.63 -32.70
N GLY A 332 -40.05 -48.56 -33.74
CA GLY A 332 -38.90 -49.45 -33.88
C GLY A 332 -37.85 -49.31 -32.78
N PHE A 333 -37.94 -48.22 -32.02
CA PHE A 333 -37.09 -48.03 -30.83
C PHE A 333 -37.93 -48.08 -29.54
N GLY A 334 -39.16 -48.56 -29.67
CA GLY A 334 -40.08 -48.64 -28.54
C GLY A 334 -40.79 -47.33 -28.25
N GLY A 335 -40.71 -46.39 -29.20
CA GLY A 335 -41.34 -45.08 -29.05
C GLY A 335 -42.76 -45.04 -29.58
N GLN A 336 -43.30 -43.83 -29.70
CA GLN A 336 -44.68 -43.63 -30.19
C GLN A 336 -44.72 -42.40 -31.07
N ALA A 337 -45.40 -42.50 -32.21
CA ALA A 337 -45.53 -41.38 -33.16
C ALA A 337 -46.26 -40.17 -32.57
N ASP A 338 -47.19 -40.45 -31.67
CA ASP A 338 -47.97 -39.40 -31.00
C ASP A 338 -47.20 -38.91 -29.77
N PRO A 339 -46.76 -37.63 -29.79
CA PRO A 339 -45.96 -37.10 -28.67
C PRO A 339 -46.70 -37.12 -27.33
N GLN A 340 -48.03 -37.16 -27.36
CA GLN A 340 -48.83 -37.24 -26.13
C GLN A 340 -48.86 -38.63 -25.51
N GLU A 341 -48.55 -39.65 -26.31
N GLU A 341 -48.55 -39.65 -26.31
CA GLU A 341 -48.50 -41.03 -25.83
CA GLU A 341 -48.49 -41.03 -25.83
C GLU A 341 -47.08 -41.38 -25.40
C GLU A 341 -47.06 -41.36 -25.40
N CYS A 342 -46.61 -40.67 -24.35
CA CYS A 342 -45.20 -40.70 -23.96
C CYS A 342 -44.88 -41.40 -22.64
N SER A 343 -45.81 -42.19 -22.11
CA SER A 343 -45.61 -42.84 -20.80
C SER A 343 -44.38 -43.77 -20.77
N GLY A 344 -44.03 -44.36 -21.91
CA GLY A 344 -42.86 -45.24 -21.99
C GLY A 344 -41.67 -44.71 -22.77
N THR A 345 -41.65 -43.41 -23.06
CA THR A 345 -40.56 -42.83 -23.86
C THR A 345 -39.55 -42.03 -23.04
N SER A 346 -38.40 -41.73 -23.65
CA SER A 346 -37.40 -40.89 -23.01
C SER A 346 -37.93 -39.48 -22.77
N LEU A 347 -38.80 -38.98 -23.65
CA LEU A 347 -39.39 -37.65 -23.44
C LEU A 347 -40.43 -37.68 -22.31
N GLY A 348 -41.11 -38.80 -22.16
CA GLY A 348 -42.00 -39.01 -21.01
C GLY A 348 -41.21 -38.93 -19.71
N LEU A 349 -40.03 -39.53 -19.70
CA LEU A 349 -39.12 -39.42 -18.56
C LEU A 349 -38.74 -37.96 -18.28
N LEU A 350 -38.30 -37.23 -19.31
CA LEU A 350 -37.89 -35.83 -19.13
C LEU A 350 -39.03 -34.97 -18.59
N LYS A 351 -40.23 -35.15 -19.14
CA LYS A 351 -41.43 -34.46 -18.66
C LYS A 351 -41.70 -34.79 -17.17
N SER A 352 -41.59 -36.06 -16.80
CA SER A 352 -41.80 -36.46 -15.40
C SER A 352 -40.76 -35.83 -14.46
N LEU A 353 -39.56 -35.57 -14.98
CA LEU A 353 -38.51 -34.93 -14.17
C LEU A 353 -38.87 -33.49 -13.77
N ILE A 354 -39.74 -32.84 -14.55
CA ILE A 354 -40.27 -31.52 -14.17
C ILE A 354 -41.08 -31.62 -12.87
N ASP A 355 -41.96 -32.62 -12.81
CA ASP A 355 -42.73 -32.86 -11.58
C ASP A 355 -41.85 -33.31 -10.42
N ALA A 356 -40.81 -34.08 -10.73
CA ALA A 356 -39.85 -34.48 -9.69
C ALA A 356 -39.18 -33.27 -9.04
N ILE A 357 -38.75 -32.32 -9.88
CA ILE A 357 -38.17 -31.06 -9.40
C ILE A 357 -39.16 -30.30 -8.49
N GLN A 358 -40.42 -30.29 -8.90
CA GLN A 358 -41.49 -29.57 -8.21
C GLN A 358 -42.18 -30.35 -7.09
N HIS A 359 -41.68 -31.54 -6.75
CA HIS A 359 -42.45 -32.47 -5.89
C HIS A 359 -42.82 -31.90 -4.51
N GLN A 360 -42.00 -31.01 -3.98
CA GLN A 360 -42.24 -30.46 -2.64
C GLN A 360 -43.43 -29.49 -2.64
N GLU A 361 -43.91 -29.13 -3.82
CA GLU A 361 -45.05 -28.23 -3.96
C GLU A 361 -46.41 -28.95 -4.01
N LEU A 362 -46.37 -30.28 -4.03
CA LEU A 362 -47.60 -31.08 -4.04
C LEU A 362 -48.36 -30.93 -2.74
N PRO A 363 -49.70 -30.98 -2.79
CA PRO A 363 -50.44 -30.92 -1.53
C PRO A 363 -50.07 -32.14 -0.69
N SER A 364 -50.06 -31.97 0.64
CA SER A 364 -49.60 -33.03 1.54
C SER A 364 -50.45 -34.29 1.42
N ASP A 365 -49.79 -35.43 1.54
CA ASP A 365 -50.46 -36.73 1.52
C ASP A 365 -49.63 -37.69 2.39
N PRO A 366 -50.20 -38.15 3.52
CA PRO A 366 -49.49 -39.10 4.38
C PRO A 366 -49.30 -40.48 3.74
N ASN A 367 -50.07 -40.77 2.69
CA ASN A 367 -49.98 -42.03 1.95
C ASN A 367 -48.94 -42.01 0.81
N ARG A 368 -48.32 -40.85 0.60
CA ARG A 368 -47.37 -40.66 -0.49
C ARG A 368 -46.00 -40.24 0.03
N SER A 369 -44.97 -40.96 -0.39
CA SER A 369 -43.59 -40.61 -0.06
C SER A 369 -42.86 -40.19 -1.34
N PRO A 370 -42.09 -39.08 -1.27
CA PRO A 370 -41.26 -38.71 -2.42
C PRO A 370 -40.29 -39.85 -2.77
N GLY A 371 -40.12 -40.12 -4.06
CA GLY A 371 -39.22 -41.18 -4.50
C GLY A 371 -37.77 -40.72 -4.58
N TYR A 372 -36.88 -41.64 -4.95
CA TYR A 372 -35.46 -41.31 -5.01
C TYR A 372 -35.16 -40.15 -5.96
N VAL A 373 -35.71 -40.21 -7.18
CA VAL A 373 -35.47 -39.16 -8.17
C VAL A 373 -36.00 -37.80 -7.68
N ASP A 374 -37.24 -37.80 -7.17
CA ASP A 374 -37.83 -36.60 -6.54
C ASP A 374 -36.83 -35.88 -5.63
N ARG A 375 -36.20 -36.65 -4.75
CA ARG A 375 -35.32 -36.12 -3.70
C ARG A 375 -33.95 -35.69 -4.22
N ASN A 376 -33.64 -36.09 -5.45
CA ASN A 376 -32.27 -35.97 -5.97
C ASN A 376 -32.07 -35.27 -7.31
N ILE A 377 -33.09 -34.62 -7.82
CA ILE A 377 -32.92 -33.80 -9.03
C ILE A 377 -33.09 -32.32 -8.69
N VAL A 378 -32.16 -31.48 -9.15
CA VAL A 378 -32.21 -30.04 -8.87
C VAL A 378 -32.16 -29.18 -10.13
N GLY A 379 -32.13 -29.82 -11.29
CA GLY A 379 -32.12 -29.10 -12.55
C GLY A 379 -32.34 -30.02 -13.74
N LEU A 380 -33.00 -29.48 -14.75
CA LEU A 380 -33.18 -30.17 -16.02
C LEU A 380 -32.86 -29.19 -17.15
N HIS A 381 -32.07 -29.64 -18.11
CA HIS A 381 -31.73 -28.84 -19.28
C HIS A 381 -32.01 -29.64 -20.53
N VAL A 382 -32.88 -29.09 -21.39
CA VAL A 382 -33.28 -29.81 -22.59
C VAL A 382 -32.91 -29.00 -23.83
N TYR A 383 -32.15 -29.62 -24.74
CA TYR A 383 -31.85 -29.07 -26.06
C TYR A 383 -32.25 -30.10 -27.11
N HIS A 384 -32.14 -29.72 -28.38
CA HIS A 384 -32.48 -30.65 -29.46
C HIS A 384 -31.63 -31.93 -29.36
N ASN A 385 -32.29 -33.06 -29.12
CA ASN A 385 -31.66 -34.38 -29.04
C ASN A 385 -30.59 -34.59 -27.96
N VAL A 386 -30.54 -33.71 -26.97
CA VAL A 386 -29.65 -33.93 -25.81
C VAL A 386 -30.21 -33.23 -24.57
N ALA A 387 -30.23 -33.94 -23.44
CA ALA A 387 -30.74 -33.38 -22.18
C ALA A 387 -29.77 -33.66 -21.04
N PHE A 388 -29.67 -32.70 -20.12
CA PHE A 388 -28.76 -32.77 -18.98
C PHE A 388 -29.57 -32.70 -17.70
N VAL A 389 -29.35 -33.66 -16.81
CA VAL A 389 -30.05 -33.73 -15.53
C VAL A 389 -29.05 -33.48 -14.39
N GLU A 390 -29.35 -32.50 -13.55
CA GLU A 390 -28.45 -32.16 -12.43
C GLU A 390 -28.83 -32.91 -11.15
N LYS A 391 -27.88 -33.70 -10.65
CA LYS A 391 -28.02 -34.49 -9.42
C LYS A 391 -27.68 -33.62 -8.22
N GLY A 392 -28.54 -33.62 -7.22
CA GLY A 392 -28.29 -32.85 -6.00
C GLY A 392 -29.44 -33.01 -5.05
N ARG A 393 -29.28 -32.50 -3.83
N ARG A 393 -29.28 -32.47 -3.85
CA ARG A 393 -30.33 -32.62 -2.82
CA ARG A 393 -30.31 -32.60 -2.83
C ARG A 393 -31.46 -31.63 -3.10
C ARG A 393 -31.46 -31.62 -3.09
N ASN A 394 -32.62 -32.17 -3.46
CA ASN A 394 -33.80 -31.36 -3.73
C ASN A 394 -34.63 -31.23 -2.47
N ASP A 395 -34.21 -30.31 -1.59
CA ASP A 395 -34.83 -30.17 -0.28
C ASP A 395 -34.84 -28.71 0.15
N GLU A 396 -35.33 -27.86 -0.73
CA GLU A 396 -35.39 -26.42 -0.50
C GLU A 396 -36.56 -26.03 0.40
N GLY A 397 -37.60 -26.87 0.39
CA GLY A 397 -38.83 -26.60 1.11
C GLY A 397 -39.92 -26.14 0.15
N GLY A 398 -41.10 -26.69 0.29
CA GLY A 398 -42.25 -26.24 -0.50
C GLY A 398 -42.76 -24.92 0.07
N ILE A 399 -43.66 -24.28 -0.66
CA ILE A 399 -44.33 -23.09 -0.18
C ILE A 399 -45.07 -23.44 1.12
N PRO A 400 -44.81 -22.68 2.21
CA PRO A 400 -45.40 -23.00 3.50
C PRO A 400 -46.92 -22.85 3.52
N THR A 401 -47.57 -23.55 4.45
CA THR A 401 -49.03 -23.58 4.51
C THR A 401 -49.65 -22.20 4.75
N TRP A 402 -48.90 -21.31 5.39
CA TRP A 402 -49.41 -19.96 5.70
C TRP A 402 -49.40 -18.98 4.53
N ILE A 403 -48.86 -19.40 3.38
CA ILE A 403 -49.06 -18.65 2.13
C ILE A 403 -50.39 -19.14 1.51
N PRO A 404 -51.32 -18.20 1.25
CA PRO A 404 -52.64 -18.56 0.70
C PRO A 404 -52.61 -19.34 -0.62
N ARG A 405 -53.58 -20.24 -0.78
CA ARG A 405 -53.61 -21.12 -1.94
C ARG A 405 -54.66 -20.69 -2.98
N ASP A 406 -55.03 -19.42 -2.94
CA ASP A 406 -55.84 -18.82 -4.00
C ASP A 406 -55.38 -17.38 -4.21
N PHE A 407 -55.57 -16.87 -5.43
CA PHE A 407 -55.06 -15.54 -5.80
C PHE A 407 -55.56 -14.37 -4.94
N GLU A 408 -56.88 -14.24 -4.76
N GLU A 408 -56.87 -14.26 -4.75
CA GLU A 408 -57.44 -13.15 -3.96
CA GLU A 408 -57.42 -13.14 -3.99
C GLU A 408 -56.89 -13.13 -2.54
C GLU A 408 -56.97 -13.13 -2.52
N SER A 409 -56.83 -14.30 -1.91
CA SER A 409 -56.32 -14.44 -0.54
C SER A 409 -54.85 -14.03 -0.46
N LEU A 410 -54.08 -14.40 -1.49
CA LEU A 410 -52.68 -14.02 -1.57
C LEU A 410 -52.51 -12.51 -1.69
N VAL A 411 -53.30 -11.89 -2.57
CA VAL A 411 -53.28 -10.43 -2.73
C VAL A 411 -53.57 -9.73 -1.40
N GLN A 412 -54.64 -10.15 -0.74
CA GLN A 412 -55.04 -9.61 0.56
C GLN A 412 -53.92 -9.77 1.60
N ALA A 413 -53.37 -10.98 1.69
CA ALA A 413 -52.27 -11.27 2.62
C ALA A 413 -51.01 -10.46 2.35
N SER A 414 -50.82 -10.04 1.10
CA SER A 414 -49.57 -9.40 0.68
C SER A 414 -49.64 -7.88 0.57
N SER A 415 -50.78 -7.30 0.91
CA SER A 415 -51.03 -5.88 0.67
C SER A 415 -50.97 -4.99 1.92
N GLY A 416 -50.69 -5.59 3.07
CA GLY A 416 -50.55 -4.86 4.34
C GLY A 416 -51.76 -4.05 4.77
N GLY A 417 -52.95 -4.53 4.42
CA GLY A 417 -54.20 -3.91 4.85
C GLY A 417 -54.71 -2.75 3.99
N ALA A 418 -54.06 -2.54 2.85
CA ALA A 418 -54.41 -1.44 1.94
C ALA A 418 -55.73 -1.68 1.20
N GLU B 26 -13.56 -3.26 -53.00
CA GLU B 26 -15.00 -2.87 -52.95
C GLU B 26 -15.37 -2.19 -51.62
N PHE B 27 -14.75 -2.65 -50.53
CA PHE B 27 -15.18 -2.24 -49.20
C PHE B 27 -14.40 -1.08 -48.60
N ASP B 28 -15.07 0.08 -48.59
CA ASP B 28 -14.55 1.32 -48.06
C ASP B 28 -14.27 1.16 -46.56
N GLU B 29 -13.10 1.61 -46.12
CA GLU B 29 -12.69 1.46 -44.72
C GLU B 29 -13.65 2.11 -43.72
N ALA B 30 -14.10 3.34 -44.03
CA ALA B 30 -15.07 4.03 -43.19
C ALA B 30 -16.39 3.28 -43.11
N THR B 31 -16.78 2.63 -44.21
CA THR B 31 -17.99 1.81 -44.26
C THR B 31 -17.87 0.59 -43.36
N VAL B 32 -16.76 -0.13 -43.48
CA VAL B 32 -16.52 -1.32 -42.64
C VAL B 32 -16.59 -0.98 -41.15
N GLN B 33 -15.87 0.07 -40.75
CA GLN B 33 -15.87 0.52 -39.37
C GLN B 33 -17.26 0.93 -38.88
N ASP B 34 -18.04 1.55 -39.77
CA ASP B 34 -19.43 1.91 -39.46
C ASP B 34 -20.31 0.68 -39.29
N VAL B 35 -20.09 -0.32 -40.14
CA VAL B 35 -20.82 -1.59 -40.04
C VAL B 35 -20.53 -2.28 -38.70
N VAL B 36 -19.26 -2.32 -38.33
CA VAL B 36 -18.84 -2.92 -37.06
C VAL B 36 -19.42 -2.15 -35.86
N ARG B 37 -19.41 -0.82 -35.95
N ARG B 37 -19.41 -0.82 -35.94
CA ARG B 37 -19.94 0.05 -34.90
CA ARG B 37 -19.94 0.04 -34.88
C ARG B 37 -21.42 -0.19 -34.64
C ARG B 37 -21.42 -0.24 -34.63
N LEU B 38 -22.22 -0.21 -35.71
CA LEU B 38 -23.66 -0.47 -35.62
C LEU B 38 -23.99 -1.92 -35.26
N ALA B 39 -23.20 -2.86 -35.78
CA ALA B 39 -23.36 -4.28 -35.46
C ALA B 39 -23.21 -4.57 -33.96
N GLY B 40 -22.45 -3.71 -33.28
CA GLY B 40 -22.25 -3.83 -31.84
C GLY B 40 -23.41 -3.33 -31.01
N GLY B 41 -24.43 -2.76 -31.64
CA GLY B 41 -25.56 -2.17 -30.93
C GLY B 41 -26.71 -3.12 -30.64
N HIS B 42 -27.87 -2.55 -30.32
CA HIS B 42 -29.09 -3.31 -30.06
C HIS B 42 -29.89 -3.44 -31.37
N ASP B 43 -31.14 -3.91 -31.27
CA ASP B 43 -31.98 -4.11 -32.44
C ASP B 43 -32.14 -2.85 -33.31
N SER B 44 -32.29 -1.70 -32.67
CA SER B 44 -32.42 -0.43 -33.40
C SER B 44 -31.19 -0.11 -34.26
N GLU B 45 -30.00 -0.49 -33.80
CA GLU B 45 -28.77 -0.25 -34.56
C GLU B 45 -28.62 -1.22 -35.73
N LEU B 46 -29.02 -2.47 -35.52
CA LEU B 46 -29.01 -3.46 -36.60
C LEU B 46 -29.99 -3.10 -37.70
N ARG B 47 -31.16 -2.59 -37.33
CA ARG B 47 -32.13 -2.10 -38.29
C ARG B 47 -31.62 -0.86 -39.03
N GLU B 48 -30.98 0.05 -38.29
CA GLU B 48 -30.34 1.23 -38.88
C GLU B 48 -29.30 0.84 -39.93
N LEU B 49 -28.48 -0.15 -39.60
CA LEU B 49 -27.40 -0.61 -40.48
C LEU B 49 -27.98 -1.08 -41.82
N THR B 50 -28.96 -1.97 -41.76
CA THR B 50 -29.51 -2.60 -42.95
C THR B 50 -30.43 -1.69 -43.76
N GLN B 51 -30.76 -0.52 -43.19
CA GLN B 51 -31.51 0.51 -43.90
C GLN B 51 -30.57 1.52 -44.56
N LYS B 52 -29.43 1.74 -43.91
CA LYS B 52 -28.41 2.69 -44.34
C LYS B 52 -27.63 2.16 -45.54
N TYR B 53 -27.38 0.86 -45.55
CA TYR B 53 -26.57 0.23 -46.59
C TYR B 53 -27.36 -0.81 -47.35
N ASP B 54 -26.95 -1.04 -48.60
CA ASP B 54 -27.55 -2.08 -49.43
C ASP B 54 -27.22 -3.46 -48.85
N PRO B 55 -28.28 -4.23 -48.50
CA PRO B 55 -28.13 -5.57 -47.91
C PRO B 55 -27.24 -6.51 -48.71
N ALA B 56 -27.32 -6.43 -50.05
CA ALA B 56 -26.47 -7.24 -50.93
C ALA B 56 -24.99 -6.95 -50.71
N MET B 57 -24.65 -5.67 -50.53
CA MET B 57 -23.27 -5.28 -50.25
C MET B 57 -22.80 -5.75 -48.87
N ILE B 58 -23.67 -5.59 -47.85
CA ILE B 58 -23.36 -6.06 -46.50
C ILE B 58 -23.09 -7.57 -46.51
N SER B 59 -23.93 -8.30 -47.25
N SER B 59 -23.90 -8.32 -47.26
CA SER B 59 -23.78 -9.76 -47.42
CA SER B 59 -23.73 -9.77 -47.35
C SER B 59 -22.40 -10.13 -47.97
C SER B 59 -22.39 -10.16 -47.98
N ARG B 60 -21.98 -9.45 -49.03
CA ARG B 60 -20.67 -9.67 -49.64
C ARG B 60 -19.54 -9.35 -48.65
N LEU B 61 -19.71 -8.27 -47.92
CA LEU B 61 -18.75 -7.88 -46.88
C LEU B 61 -18.62 -8.95 -45.80
N LEU B 62 -19.75 -9.52 -45.38
CA LEU B 62 -19.75 -10.57 -44.36
C LEU B 62 -19.08 -11.85 -44.88
N VAL B 63 -19.33 -12.17 -46.16
CA VAL B 63 -18.70 -13.33 -46.77
C VAL B 63 -17.19 -13.16 -46.84
N ALA B 64 -16.74 -11.98 -47.28
CA ALA B 64 -15.31 -11.62 -47.27
C ALA B 64 -14.67 -11.85 -45.89
N GLU B 65 -15.36 -11.43 -44.84
CA GLU B 65 -14.88 -11.63 -43.47
C GLU B 65 -14.82 -13.12 -43.11
N ILE B 66 -15.89 -13.84 -43.44
CA ILE B 66 -16.01 -15.27 -43.15
C ILE B 66 -14.86 -16.05 -43.77
N LEU B 67 -14.54 -15.76 -45.02
CA LEU B 67 -13.47 -16.47 -45.75
C LEU B 67 -12.12 -16.35 -45.04
N SER B 68 -11.87 -15.20 -44.42
CA SER B 68 -10.63 -14.98 -43.68
C SER B 68 -10.67 -15.62 -42.29
N ARG B 69 -11.87 -15.78 -41.74
CA ARG B 69 -12.04 -16.37 -40.40
C ARG B 69 -11.98 -17.88 -40.37
N CYS B 70 -12.37 -18.54 -41.47
CA CYS B 70 -12.40 -19.99 -41.51
C CYS B 70 -11.04 -20.62 -41.20
N PRO B 71 -11.04 -21.68 -40.36
CA PRO B 71 -9.85 -22.50 -40.15
C PRO B 71 -9.53 -23.32 -41.41
N PRO B 72 -8.29 -23.84 -41.51
CA PRO B 72 -7.95 -24.71 -42.63
C PRO B 72 -8.88 -25.92 -42.67
N PRO B 73 -9.43 -26.24 -43.86
CA PRO B 73 -10.31 -27.40 -44.00
C PRO B 73 -9.54 -28.70 -43.83
N SER B 74 -10.22 -29.74 -43.33
CA SER B 74 -9.55 -31.03 -43.11
C SER B 74 -10.06 -32.15 -44.02
N ASN B 75 -11.03 -31.85 -44.88
CA ASN B 75 -11.63 -32.85 -45.78
C ASN B 75 -10.82 -33.10 -47.05
N ASP B 76 -10.59 -34.37 -47.34
CA ASP B 76 -9.87 -34.79 -48.55
C ASP B 76 -10.73 -34.64 -49.81
N THR B 77 -12.01 -34.98 -49.67
CA THR B 77 -12.97 -34.87 -50.76
C THR B 77 -13.58 -33.47 -50.79
N PRO B 78 -13.42 -32.75 -51.92
CA PRO B 78 -13.99 -31.40 -52.04
C PRO B 78 -15.52 -31.42 -51.94
N VAL B 79 -16.06 -30.48 -51.17
N VAL B 79 -16.07 -30.46 -51.19
CA VAL B 79 -17.50 -30.32 -51.05
CA VAL B 79 -17.51 -30.35 -51.00
C VAL B 79 -17.84 -28.85 -51.24
C VAL B 79 -17.92 -28.89 -50.95
N LEU B 80 -19.13 -28.59 -51.40
CA LEU B 80 -19.65 -27.23 -51.37
C LEU B 80 -20.49 -27.06 -50.11
N VAL B 81 -20.37 -25.90 -49.49
CA VAL B 81 -21.28 -25.48 -48.45
C VAL B 81 -21.99 -24.24 -48.97
N GLU B 82 -23.31 -24.32 -49.08
CA GLU B 82 -24.07 -23.17 -49.50
C GLU B 82 -24.35 -22.31 -48.28
N LEU B 83 -23.97 -21.04 -48.37
CA LEU B 83 -24.30 -20.06 -47.34
C LEU B 83 -25.34 -19.10 -47.92
N ALA B 84 -26.55 -19.15 -47.36
CA ALA B 84 -27.64 -18.29 -47.80
C ALA B 84 -27.91 -17.24 -46.75
N ILE B 85 -27.72 -15.98 -47.12
CA ILE B 85 -27.96 -14.86 -46.21
C ILE B 85 -29.28 -14.20 -46.59
N VAL B 86 -30.21 -14.18 -45.64
CA VAL B 86 -31.58 -13.73 -45.87
C VAL B 86 -31.84 -12.37 -45.25
N HIS B 87 -32.45 -11.48 -46.03
CA HIS B 87 -32.94 -10.21 -45.51
C HIS B 87 -34.18 -9.76 -46.27
N GLY B 88 -35.30 -9.66 -45.56
CA GLY B 88 -36.58 -9.32 -46.16
C GLY B 88 -37.00 -10.40 -47.13
N SER B 89 -37.32 -9.99 -48.36
CA SER B 89 -37.68 -10.92 -49.42
C SER B 89 -36.47 -11.33 -50.26
N GLU B 90 -35.28 -10.92 -49.83
CA GLU B 90 -34.05 -11.22 -50.56
C GLU B 90 -33.26 -12.37 -49.95
N ARG B 91 -32.60 -13.14 -50.81
CA ARG B 91 -31.84 -14.31 -50.41
C ARG B 91 -30.52 -14.34 -51.17
N PHE B 92 -29.43 -14.05 -50.47
CA PHE B 92 -28.11 -13.99 -51.11
C PHE B 92 -27.36 -15.30 -50.94
N ARG B 93 -27.20 -16.02 -52.04
CA ARG B 93 -26.65 -17.37 -52.00
C ARG B 93 -25.19 -17.39 -52.39
N HIS B 94 -24.37 -17.99 -51.53
CA HIS B 94 -22.94 -18.10 -51.77
C HIS B 94 -22.53 -19.57 -51.64
N PHE B 95 -21.94 -20.09 -52.71
CA PHE B 95 -21.51 -21.48 -52.73
C PHE B 95 -20.01 -21.54 -52.46
N LEU B 96 -19.66 -22.10 -51.30
CA LEU B 96 -18.28 -22.10 -50.84
C LEU B 96 -17.63 -23.47 -51.04
N ARG B 97 -16.52 -23.48 -51.78
CA ARG B 97 -15.74 -24.69 -52.03
C ARG B 97 -14.79 -24.94 -50.86
N VAL B 98 -14.93 -26.11 -50.25
CA VAL B 98 -14.16 -26.46 -49.06
C VAL B 98 -13.38 -27.75 -49.27
N VAL B 99 -12.05 -27.64 -49.24
CA VAL B 99 -11.16 -28.79 -49.41
C VAL B 99 -9.81 -28.50 -48.73
N ARG B 100 -9.21 -29.54 -48.15
CA ARG B 100 -7.92 -29.43 -47.47
C ARG B 100 -6.83 -28.87 -48.38
N ASP B 101 -5.98 -28.02 -47.80
CA ASP B 101 -4.81 -27.40 -48.46
C ASP B 101 -5.16 -26.30 -49.47
N SER B 102 -6.42 -25.86 -49.47
CA SER B 102 -6.87 -24.74 -50.30
C SER B 102 -7.67 -23.75 -49.46
N PRO B 103 -7.56 -22.45 -49.78
CA PRO B 103 -8.44 -21.47 -49.12
C PRO B 103 -9.90 -21.67 -49.54
N ILE B 104 -10.83 -21.43 -48.62
CA ILE B 104 -12.26 -21.53 -48.94
C ILE B 104 -12.61 -20.40 -49.92
N ARG B 105 -13.27 -20.77 -51.02
CA ARG B 105 -13.49 -19.86 -52.14
C ARG B 105 -14.92 -19.95 -52.67
N PRO B 106 -15.52 -18.80 -53.02
CA PRO B 106 -16.84 -18.81 -53.66
C PRO B 106 -16.77 -19.32 -55.10
N VAL B 107 -17.59 -20.33 -55.40
CA VAL B 107 -17.67 -20.91 -56.74
C VAL B 107 -19.12 -20.90 -57.22
N GLY B 108 -19.33 -21.28 -58.48
CA GLY B 108 -20.67 -21.42 -59.03
C GLY B 108 -21.39 -22.63 -58.43
N ALA B 109 -22.72 -22.55 -58.42
CA ALA B 109 -23.57 -23.60 -57.83
C ALA B 109 -23.31 -25.00 -58.39
N ASP B 110 -22.90 -25.07 -59.66
CA ASP B 110 -22.73 -26.34 -60.37
C ASP B 110 -21.33 -26.94 -60.27
N GLU B 111 -20.43 -26.25 -59.56
CA GLU B 111 -19.02 -26.64 -59.50
C GLU B 111 -18.68 -27.65 -58.39
N GLY B 112 -19.66 -28.43 -57.95
CA GLY B 112 -19.42 -29.48 -56.97
C GLY B 112 -20.66 -29.96 -56.25
N PHE B 113 -20.48 -30.90 -55.33
CA PHE B 113 -21.57 -31.46 -54.53
C PHE B 113 -21.85 -30.57 -53.31
N VAL B 114 -23.09 -30.14 -53.17
CA VAL B 114 -23.51 -29.32 -52.02
C VAL B 114 -23.80 -30.22 -50.82
N GLY B 115 -22.87 -30.24 -49.86
CA GLY B 115 -23.01 -31.07 -48.67
C GLY B 115 -23.96 -30.53 -47.62
N MET B 116 -24.14 -29.21 -47.60
CA MET B 116 -24.88 -28.53 -46.53
C MET B 116 -25.36 -27.16 -46.99
N LEU B 117 -26.60 -26.82 -46.61
CA LEU B 117 -27.10 -25.46 -46.72
C LEU B 117 -27.14 -24.82 -45.33
N VAL B 118 -26.41 -23.73 -45.18
CA VAL B 118 -26.40 -22.96 -43.92
C VAL B 118 -27.16 -21.67 -44.18
N GLU B 119 -28.21 -21.43 -43.39
N GLU B 119 -28.20 -21.41 -43.38
CA GLU B 119 -29.05 -20.24 -43.53
CA GLU B 119 -29.01 -20.22 -43.56
C GLU B 119 -28.88 -19.27 -42.36
C GLU B 119 -28.93 -19.25 -42.37
N TYR B 120 -28.55 -18.01 -42.67
CA TYR B 120 -28.44 -16.96 -41.67
C TYR B 120 -29.30 -15.78 -42.08
N GLU B 121 -30.04 -15.23 -41.12
N GLU B 121 -30.03 -15.24 -41.11
CA GLU B 121 -30.63 -13.91 -41.30
CA GLU B 121 -30.64 -13.92 -41.24
C GLU B 121 -29.50 -12.91 -41.23
C GLU B 121 -29.48 -12.91 -41.23
N LEU B 122 -29.55 -11.91 -42.09
CA LEU B 122 -28.48 -10.91 -42.20
C LEU B 122 -28.13 -10.25 -40.86
N THR B 123 -29.15 -9.83 -40.12
CA THR B 123 -28.89 -9.18 -38.84
C THR B 123 -28.28 -10.15 -37.82
N GLU B 124 -28.68 -11.42 -37.89
CA GLU B 124 -28.10 -12.45 -37.02
C GLU B 124 -26.63 -12.70 -37.34
N LEU B 125 -26.28 -12.74 -38.62
CA LEU B 125 -24.88 -12.94 -39.01
C LEU B 125 -24.02 -11.73 -38.63
N LEU B 126 -24.59 -10.53 -38.71
CA LEU B 126 -23.92 -9.32 -38.24
C LEU B 126 -23.58 -9.40 -36.76
N ARG B 127 -24.56 -9.80 -35.94
CA ARG B 127 -24.35 -9.98 -34.51
C ARG B 127 -23.25 -11.02 -34.23
N GLU B 128 -23.30 -12.14 -34.94
CA GLU B 128 -22.37 -13.25 -34.69
C GLU B 128 -20.91 -12.92 -35.03
N LEU B 129 -20.71 -12.15 -36.10
CA LEU B 129 -19.36 -11.77 -36.54
C LEU B 129 -18.83 -10.50 -35.86
N PHE B 130 -19.68 -9.48 -35.76
CA PHE B 130 -19.24 -8.14 -35.39
C PHE B 130 -19.98 -7.55 -34.18
N GLY B 131 -20.82 -8.36 -33.55
CA GLY B 131 -21.64 -7.86 -32.44
C GLY B 131 -20.95 -7.90 -31.09
N VAL B 132 -21.56 -7.24 -30.12
CA VAL B 132 -21.21 -7.39 -28.73
C VAL B 132 -22.26 -8.34 -28.21
N THR B 133 -21.86 -9.60 -28.04
CA THR B 133 -22.83 -10.66 -27.81
C THR B 133 -22.27 -11.72 -26.86
N HIS B 134 -23.19 -12.37 -26.15
CA HIS B 134 -22.90 -13.55 -25.36
C HIS B 134 -22.72 -14.74 -26.31
N GLU B 135 -22.10 -15.81 -25.81
CA GLU B 135 -22.00 -17.08 -26.53
C GLU B 135 -23.38 -17.72 -26.68
N ARG B 136 -23.74 -18.03 -27.91
CA ARG B 136 -25.05 -18.61 -28.20
C ARG B 136 -24.82 -20.01 -28.73
N PRO B 137 -25.06 -21.03 -27.89
CA PRO B 137 -24.76 -22.42 -28.23
C PRO B 137 -25.70 -23.05 -29.24
N ALA B 138 -26.82 -22.39 -29.52
CA ALA B 138 -27.79 -22.88 -30.50
C ALA B 138 -28.61 -21.70 -31.02
N GLY B 139 -29.45 -21.95 -32.03
CA GLY B 139 -30.44 -20.96 -32.46
C GLY B 139 -30.01 -19.75 -33.27
N VAL B 140 -28.79 -19.77 -33.81
CA VAL B 140 -28.29 -18.58 -34.54
C VAL B 140 -28.44 -18.68 -36.07
N ARG B 141 -28.88 -19.84 -36.54
N ARG B 141 -28.91 -19.83 -36.55
CA ARG B 141 -28.83 -20.22 -37.95
CA ARG B 141 -28.94 -20.13 -37.98
C ARG B 141 -29.79 -21.38 -38.19
C ARG B 141 -29.87 -21.31 -38.21
N GLY B 142 -29.94 -21.75 -39.46
CA GLY B 142 -30.65 -22.97 -39.84
C GLY B 142 -29.69 -23.81 -40.68
N THR B 143 -29.84 -25.14 -40.61
CA THR B 143 -28.96 -26.05 -41.35
C THR B 143 -29.79 -27.13 -42.02
N LYS B 144 -29.54 -27.30 -43.32
CA LYS B 144 -30.21 -28.35 -44.10
C LYS B 144 -29.15 -29.19 -44.80
N LEU B 145 -28.92 -30.40 -44.28
CA LEU B 145 -27.91 -31.31 -44.84
C LEU B 145 -28.35 -31.86 -46.21
N PHE B 146 -27.38 -32.16 -47.07
CA PHE B 146 -27.62 -32.67 -48.41
C PHE B 146 -28.85 -32.03 -49.06
N PRO B 147 -28.87 -30.68 -49.17
CA PRO B 147 -30.10 -29.95 -49.48
C PRO B 147 -30.69 -30.24 -50.86
N TYR B 148 -29.88 -30.72 -51.80
CA TYR B 148 -30.34 -30.99 -53.17
C TYR B 148 -30.21 -32.46 -53.57
N LEU B 149 -29.97 -33.32 -52.58
CA LEU B 149 -29.86 -34.74 -52.83
C LEU B 149 -31.25 -35.34 -53.01
N THR B 150 -31.52 -35.82 -54.22
CA THR B 150 -32.80 -36.47 -54.54
C THR B 150 -32.91 -37.79 -53.79
N ASP B 151 -34.06 -37.98 -53.13
CA ASP B 151 -34.33 -39.23 -52.44
C ASP B 151 -34.69 -40.32 -53.44
N ASP B 152 -33.68 -41.01 -53.96
CA ASP B 152 -33.87 -42.14 -54.87
C ASP B 152 -32.74 -43.16 -54.74
N GLU B 153 -32.67 -44.08 -55.70
CA GLU B 153 -31.70 -45.18 -55.69
C GLU B 153 -30.23 -44.74 -55.77
N GLU B 154 -29.99 -43.51 -56.25
CA GLU B 154 -28.63 -42.98 -56.37
C GLU B 154 -28.12 -42.31 -55.09
N ALA B 155 -29.01 -42.11 -54.13
CA ALA B 155 -28.67 -41.39 -52.90
C ALA B 155 -27.60 -42.09 -52.06
N VAL B 156 -27.75 -43.40 -51.86
CA VAL B 156 -26.91 -44.16 -50.93
C VAL B 156 -25.40 -44.07 -51.24
N GLU B 157 -25.05 -44.10 -52.52
CA GLU B 157 -23.65 -44.00 -52.94
C GLU B 157 -23.11 -42.59 -52.65
N GLN B 158 -23.95 -41.59 -52.92
CA GLN B 158 -23.61 -40.18 -52.70
C GLN B 158 -23.39 -39.89 -51.21
N ILE B 159 -24.26 -40.45 -50.38
CA ILE B 159 -24.13 -40.33 -48.92
C ILE B 159 -22.79 -40.91 -48.46
N GLY B 160 -22.50 -42.13 -48.92
CA GLY B 160 -21.24 -42.80 -48.59
C GLY B 160 -20.01 -42.00 -48.98
N THR B 161 -20.08 -41.34 -50.13
CA THR B 161 -18.97 -40.55 -50.67
C THR B 161 -18.76 -39.23 -49.91
N TYR B 162 -19.84 -38.57 -49.51
CA TYR B 162 -19.74 -37.19 -49.02
C TYR B 162 -20.06 -36.95 -47.54
N LEU B 163 -20.50 -37.97 -46.81
CA LEU B 163 -20.93 -37.80 -45.42
C LEU B 163 -19.88 -37.16 -44.50
N LEU B 164 -18.69 -37.74 -44.45
CA LEU B 164 -17.61 -37.21 -43.61
C LEU B 164 -17.10 -35.86 -44.12
N ALA B 165 -16.89 -35.77 -45.43
CA ALA B 165 -16.42 -34.53 -46.05
C ALA B 165 -17.38 -33.35 -45.80
N ALA B 166 -18.68 -33.62 -45.93
CA ALA B 166 -19.70 -32.58 -45.70
C ALA B 166 -19.71 -32.10 -44.24
N GLN B 167 -19.52 -33.03 -43.31
CA GLN B 167 -19.40 -32.70 -41.89
C GLN B 167 -18.19 -31.81 -41.60
N GLN B 168 -17.03 -32.23 -42.11
CA GLN B 168 -15.79 -31.48 -41.91
C GLN B 168 -15.84 -30.14 -42.63
N GLY B 169 -16.41 -30.14 -43.83
CA GLY B 169 -16.60 -28.90 -44.60
C GLY B 169 -17.49 -27.91 -43.88
N THR B 170 -18.62 -28.38 -43.35
CA THR B 170 -19.56 -27.53 -42.60
C THR B 170 -18.89 -26.92 -41.36
N GLU B 171 -18.17 -27.74 -40.60
CA GLU B 171 -17.49 -27.31 -39.38
C GLU B 171 -16.55 -26.13 -39.62
N ALA B 172 -15.78 -26.21 -40.70
CA ALA B 172 -14.83 -25.17 -41.08
C ALA B 172 -15.55 -23.86 -41.39
N VAL B 173 -16.66 -23.95 -42.15
CA VAL B 173 -17.43 -22.77 -42.50
C VAL B 173 -18.07 -22.14 -41.27
N LEU B 174 -18.73 -22.97 -40.45
CA LEU B 174 -19.41 -22.49 -39.25
C LEU B 174 -18.47 -21.82 -38.26
N ALA B 175 -17.27 -22.38 -38.12
CA ALA B 175 -16.23 -21.77 -37.30
C ALA B 175 -15.89 -20.36 -37.78
N GLY B 176 -15.98 -20.14 -39.10
CA GLY B 176 -15.75 -18.82 -39.69
C GLY B 176 -16.92 -17.86 -39.58
N CYS B 177 -18.09 -18.37 -39.18
CA CYS B 177 -19.31 -17.56 -39.05
C CYS B 177 -19.56 -17.05 -37.63
N GLY B 178 -18.59 -17.29 -36.74
CA GLY B 178 -18.72 -16.88 -35.35
C GLY B 178 -17.53 -16.08 -34.84
N SER B 179 -17.52 -15.79 -33.55
CA SER B 179 -16.49 -14.96 -32.93
C SER B 179 -15.74 -15.64 -31.77
N ARG B 180 -15.58 -16.97 -31.84
CA ARG B 180 -14.89 -17.72 -30.80
C ARG B 180 -13.41 -17.34 -30.73
N LYS B 181 -12.89 -17.21 -29.52
CA LYS B 181 -11.50 -16.81 -29.32
C LYS B 181 -10.55 -17.86 -29.88
N PRO B 182 -9.61 -17.44 -30.74
CA PRO B 182 -8.64 -18.40 -31.24
C PRO B 182 -7.46 -18.60 -30.28
N ASP B 183 -6.66 -19.61 -30.56
CA ASP B 183 -5.41 -19.87 -29.85
C ASP B 183 -4.29 -19.11 -30.56
N LEU B 184 -3.77 -18.08 -29.90
CA LEU B 184 -2.71 -17.24 -30.50
C LEU B 184 -1.48 -18.02 -30.87
N SER B 185 -1.13 -19.01 -30.05
CA SER B 185 0.04 -19.85 -30.33
C SER B 185 -0.14 -20.64 -31.63
N GLU B 186 -1.35 -21.13 -31.88
CA GLU B 186 -1.64 -21.88 -33.10
C GLU B 186 -1.62 -20.99 -34.35
N LEU B 187 -2.20 -19.79 -34.23
CA LEU B 187 -2.19 -18.81 -35.32
C LEU B 187 -0.77 -18.40 -35.73
N SER B 188 0.16 -18.46 -34.79
CA SER B 188 1.56 -18.15 -35.03
C SER B 188 2.17 -19.11 -36.04
N SER B 189 1.84 -20.40 -35.88
CA SER B 189 2.28 -21.42 -36.82
C SER B 189 1.49 -21.33 -38.13
N ARG B 190 0.20 -21.00 -38.02
CA ARG B 190 -0.67 -20.91 -39.19
C ARG B 190 -0.33 -19.74 -40.11
N TYR B 191 -0.06 -18.58 -39.52
CA TYR B 191 0.21 -17.35 -40.28
C TYR B 191 1.70 -17.08 -40.47
N PHE B 192 2.54 -18.01 -40.02
CA PHE B 192 4.00 -17.95 -40.21
C PHE B 192 4.62 -16.70 -39.61
N THR B 193 4.32 -16.44 -38.35
CA THR B 193 5.00 -15.37 -37.63
C THR B 193 5.77 -15.99 -36.46
N PRO B 194 6.96 -15.46 -36.15
CA PRO B 194 7.78 -16.12 -35.13
C PRO B 194 7.45 -15.75 -33.67
N LYS B 195 6.21 -15.36 -33.39
CA LYS B 195 5.79 -14.98 -32.03
C LYS B 195 5.83 -16.13 -31.03
N PHE B 196 5.76 -17.36 -31.51
CA PHE B 196 5.76 -18.54 -30.63
C PHE B 196 6.29 -19.76 -31.34
N GLY B 197 7.07 -20.58 -30.62
CA GLY B 197 7.39 -21.93 -31.09
C GLY B 197 8.85 -22.28 -31.29
N PHE B 198 9.71 -21.28 -31.45
CA PHE B 198 11.12 -21.54 -31.75
C PHE B 198 12.06 -20.50 -31.13
N LEU B 199 12.07 -19.30 -31.69
CA LEU B 199 12.90 -18.22 -31.17
C LEU B 199 12.27 -17.51 -29.98
N HIS B 200 10.93 -17.46 -29.97
CA HIS B 200 10.20 -16.64 -29.00
C HIS B 200 9.00 -17.38 -28.44
N TRP B 201 8.48 -16.88 -27.31
CA TRP B 201 7.43 -17.58 -26.58
C TRP B 201 6.40 -16.55 -26.06
N PHE B 202 6.07 -15.59 -26.93
CA PHE B 202 5.32 -14.37 -26.58
C PHE B 202 3.81 -14.56 -26.43
N THR B 203 3.24 -15.46 -27.23
CA THR B 203 1.78 -15.51 -27.39
C THR B 203 0.96 -15.69 -26.09
N PRO B 204 1.45 -16.50 -25.13
CA PRO B 204 0.68 -16.58 -23.86
C PRO B 204 0.57 -15.25 -23.13
N HIS B 205 1.58 -14.38 -23.26
CA HIS B 205 1.55 -13.05 -22.66
C HIS B 205 0.61 -12.12 -23.41
N TYR B 206 0.70 -12.15 -24.74
CA TYR B 206 -0.24 -11.40 -25.59
C TYR B 206 -1.67 -11.77 -25.29
N ASP B 207 -1.94 -13.07 -25.18
CA ASP B 207 -3.28 -13.54 -24.88
C ASP B 207 -3.79 -12.97 -23.55
N ARG B 208 -2.97 -13.08 -22.50
CA ARG B 208 -3.36 -12.59 -21.18
C ARG B 208 -3.62 -11.08 -21.19
N HIS B 209 -2.76 -10.32 -21.86
CA HIS B 209 -2.90 -8.85 -21.90
C HIS B 209 -3.96 -8.33 -22.89
N PHE B 210 -4.27 -9.11 -23.93
CA PHE B 210 -5.17 -8.66 -25.01
C PHE B 210 -6.59 -9.21 -24.96
N ARG B 211 -6.78 -10.38 -24.35
CA ARG B 211 -8.07 -11.08 -24.45
C ARG B 211 -9.27 -10.27 -23.94
N ASP B 212 -9.03 -9.42 -22.95
CA ASP B 212 -10.11 -8.62 -22.35
C ASP B 212 -10.61 -7.50 -23.28
N TYR B 213 -9.90 -7.24 -24.39
CA TYR B 213 -10.27 -6.20 -25.35
C TYR B 213 -11.13 -6.71 -26.51
N ARG B 214 -11.36 -8.03 -26.56
CA ARG B 214 -11.90 -8.66 -27.77
C ARG B 214 -13.32 -8.27 -28.19
N ASN B 215 -14.14 -7.78 -27.27
N ASN B 215 -14.10 -7.77 -27.22
CA ASN B 215 -15.46 -7.31 -27.68
CA ASN B 215 -15.45 -7.25 -27.47
C ASN B 215 -15.50 -5.80 -27.97
C ASN B 215 -15.47 -5.85 -28.06
N GLN B 216 -14.33 -5.17 -28.00
CA GLN B 216 -14.26 -3.73 -28.32
C GLN B 216 -13.85 -3.50 -29.76
N GLN B 217 -14.24 -2.35 -30.30
CA GLN B 217 -13.87 -1.97 -31.65
C GLN B 217 -12.49 -1.34 -31.63
N VAL B 218 -11.48 -2.18 -31.39
CA VAL B 218 -10.13 -1.70 -31.14
C VAL B 218 -9.46 -1.16 -32.42
N ARG B 219 -8.51 -0.26 -32.20
CA ARG B 219 -7.60 0.18 -33.26
C ARG B 219 -6.21 -0.24 -32.78
N VAL B 220 -5.58 -1.10 -33.58
CA VAL B 220 -4.30 -1.71 -33.24
C VAL B 220 -3.26 -1.30 -34.26
N LEU B 221 -2.14 -0.73 -33.79
CA LEU B 221 -1.03 -0.40 -34.67
C LEU B 221 0.20 -1.23 -34.32
N GLU B 222 0.66 -2.03 -35.27
CA GLU B 222 1.94 -2.71 -35.11
C GLU B 222 2.99 -2.11 -36.04
N ILE B 223 4.10 -1.68 -35.44
CA ILE B 223 5.26 -1.21 -36.18
C ILE B 223 6.07 -2.46 -36.54
N GLY B 224 6.24 -2.69 -37.84
CA GLY B 224 6.96 -3.87 -38.33
C GLY B 224 5.99 -4.88 -38.89
N VAL B 225 5.75 -4.81 -40.20
CA VAL B 225 4.82 -5.73 -40.87
C VAL B 225 5.47 -7.10 -41.12
N GLY B 226 6.78 -7.12 -41.36
CA GLY B 226 7.51 -8.36 -41.58
C GLY B 226 7.97 -8.50 -43.01
N GLY B 227 8.95 -9.38 -43.21
CA GLY B 227 9.42 -9.71 -44.56
C GLY B 227 10.53 -8.83 -45.08
N TYR B 228 10.75 -7.71 -44.40
CA TYR B 228 11.83 -6.78 -44.76
C TYR B 228 11.76 -6.39 -46.25
N LYS B 229 12.85 -6.59 -46.99
CA LYS B 229 12.89 -6.20 -48.40
C LYS B 229 12.28 -7.20 -49.40
N HIS B 230 11.89 -8.39 -48.93
CA HIS B 230 11.30 -9.38 -49.85
C HIS B 230 9.96 -8.86 -50.37
N PRO B 231 9.73 -8.94 -51.69
CA PRO B 231 8.51 -8.38 -52.31
C PRO B 231 7.20 -9.10 -51.94
N GLU B 232 7.28 -10.30 -51.39
CA GLU B 232 6.07 -11.07 -51.07
C GLU B 232 5.86 -11.33 -49.57
N TRP B 233 6.95 -11.46 -48.83
CA TRP B 233 6.88 -11.86 -47.42
C TRP B 233 6.33 -10.80 -46.47
N GLY B 234 5.69 -11.27 -45.39
CA GLY B 234 5.23 -10.39 -44.30
C GLY B 234 3.73 -10.42 -44.06
N GLY B 235 3.30 -9.84 -42.95
CA GLY B 235 1.88 -9.66 -42.66
C GLY B 235 1.30 -10.65 -41.67
N GLY B 236 2.06 -11.70 -41.34
CA GLY B 236 1.58 -12.78 -40.48
C GLY B 236 1.00 -12.31 -39.16
N SER B 237 1.70 -11.39 -38.49
CA SER B 237 1.22 -10.91 -37.19
C SER B 237 -0.01 -10.01 -37.32
N LEU B 238 -0.09 -9.24 -38.40
CA LEU B 238 -1.31 -8.47 -38.68
C LEU B 238 -2.54 -9.38 -38.85
N ARG B 239 -2.36 -10.48 -39.58
N ARG B 239 -2.37 -10.49 -39.56
CA ARG B 239 -3.43 -11.48 -39.74
CA ARG B 239 -3.47 -11.45 -39.74
C ARG B 239 -3.84 -12.04 -38.38
C ARG B 239 -3.83 -12.13 -38.42
N MET B 240 -2.84 -12.29 -37.54
CA MET B 240 -3.07 -12.82 -36.20
C MET B 240 -3.97 -11.88 -35.38
N TRP B 241 -3.67 -10.57 -35.40
CA TRP B 241 -4.48 -9.59 -34.65
C TRP B 241 -5.89 -9.43 -35.22
N LYS B 242 -6.01 -9.47 -36.54
CA LYS B 242 -7.34 -9.46 -37.20
C LYS B 242 -8.22 -10.63 -36.73
N SER B 243 -7.62 -11.81 -36.64
N SER B 243 -7.62 -11.82 -36.64
CA SER B 243 -8.31 -13.02 -36.19
CA SER B 243 -8.35 -13.01 -36.18
C SER B 243 -8.68 -12.95 -34.71
C SER B 243 -8.72 -12.91 -34.70
N PHE B 244 -7.78 -12.39 -33.90
CA PHE B 244 -7.97 -12.27 -32.46
C PHE B 244 -9.01 -11.22 -32.09
N PHE B 245 -9.06 -10.12 -32.83
CA PHE B 245 -9.95 -9.00 -32.52
C PHE B 245 -11.06 -8.89 -33.59
N PRO B 246 -12.20 -9.59 -33.37
CA PRO B 246 -13.24 -9.68 -34.41
C PRO B 246 -13.88 -8.34 -34.79
N ARG B 247 -13.80 -7.35 -33.91
CA ARG B 247 -14.38 -6.04 -34.19
C ARG B 247 -13.29 -4.99 -34.49
N GLY B 248 -12.05 -5.46 -34.62
CA GLY B 248 -10.90 -4.56 -34.70
C GLY B 248 -10.61 -4.00 -36.08
N GLN B 249 -9.86 -2.90 -36.09
CA GLN B 249 -9.16 -2.40 -37.27
C GLN B 249 -7.67 -2.51 -36.99
N ILE B 250 -6.95 -3.18 -37.88
CA ILE B 250 -5.51 -3.37 -37.71
C ILE B 250 -4.75 -2.45 -38.65
N TYR B 251 -3.71 -1.81 -38.12
CA TYR B 251 -2.77 -1.00 -38.89
C TYR B 251 -1.36 -1.57 -38.74
N GLY B 252 -0.64 -1.64 -39.84
CA GLY B 252 0.74 -2.09 -39.83
C GLY B 252 1.64 -1.05 -40.47
N LEU B 253 2.67 -0.63 -39.75
CA LEU B 253 3.67 0.31 -40.29
C LEU B 253 4.94 -0.44 -40.70
N ASP B 254 5.46 -0.13 -41.88
CA ASP B 254 6.74 -0.68 -42.32
C ASP B 254 7.43 0.33 -43.22
N ILE B 255 8.76 0.38 -43.13
CA ILE B 255 9.54 1.26 -43.99
C ILE B 255 9.46 0.82 -45.46
N MET B 256 9.18 -0.47 -45.67
CA MET B 256 8.96 -1.01 -47.01
C MET B 256 7.48 -1.06 -47.35
N ASP B 257 7.18 -1.01 -48.66
CA ASP B 257 5.82 -1.19 -49.17
C ASP B 257 5.28 -2.56 -48.80
N LYS B 258 4.10 -2.59 -48.18
CA LYS B 258 3.46 -3.86 -47.80
C LYS B 258 2.01 -3.92 -48.26
N SER B 259 1.72 -3.23 -49.36
CA SER B 259 0.34 -3.11 -49.87
C SER B 259 -0.32 -4.44 -50.23
N HIS B 260 0.49 -5.46 -50.49
CA HIS B 260 -0.02 -6.80 -50.80
C HIS B 260 -0.62 -7.52 -49.59
N VAL B 261 -0.35 -6.99 -48.39
CA VAL B 261 -0.90 -7.53 -47.15
C VAL B 261 -2.33 -7.05 -46.89
N ASP B 262 -2.65 -5.86 -47.39
CA ASP B 262 -3.96 -5.25 -47.12
C ASP B 262 -5.13 -6.17 -47.47
N GLU B 263 -6.11 -6.22 -46.56
CA GLU B 263 -7.36 -6.92 -46.77
C GLU B 263 -8.38 -6.30 -45.84
N LEU B 264 -9.61 -6.81 -45.82
CA LEU B 264 -10.63 -6.29 -44.91
C LEU B 264 -10.06 -6.19 -43.49
N ARG B 265 -10.19 -5.01 -42.89
CA ARG B 265 -9.78 -4.74 -41.49
C ARG B 265 -8.26 -4.71 -41.23
N ILE B 266 -7.46 -4.75 -42.31
CA ILE B 266 -6.01 -4.63 -42.20
C ILE B 266 -5.51 -3.59 -43.20
N ARG B 267 -4.97 -2.49 -42.70
CA ARG B 267 -4.35 -1.48 -43.55
C ARG B 267 -2.85 -1.37 -43.26
N THR B 268 -2.01 -1.40 -44.28
CA THR B 268 -0.60 -1.14 -44.08
C THR B 268 -0.25 0.29 -44.48
N ILE B 269 0.76 0.84 -43.80
CA ILE B 269 1.23 2.21 -44.01
C ILE B 269 2.74 2.16 -44.25
N GLN B 270 3.22 2.85 -45.27
CA GLN B 270 4.66 2.91 -45.53
C GLN B 270 5.26 4.16 -44.89
N GLY B 271 6.25 3.96 -44.03
CA GLY B 271 6.92 5.08 -43.37
C GLY B 271 7.96 4.64 -42.36
N ASP B 272 8.69 5.62 -41.84
CA ASP B 272 9.82 5.38 -40.94
C ASP B 272 9.40 5.59 -39.48
N GLN B 273 9.53 4.54 -38.66
CA GLN B 273 9.18 4.63 -37.24
C GLN B 273 10.07 5.62 -36.47
N ASN B 274 11.18 6.02 -37.09
CA ASN B 274 12.11 6.96 -36.46
C ASN B 274 11.80 8.42 -36.83
N ASP B 275 10.71 8.64 -37.57
CA ASP B 275 10.28 9.99 -37.93
C ASP B 275 9.12 10.41 -37.04
N ALA B 276 9.41 11.21 -36.00
CA ALA B 276 8.41 11.56 -34.99
C ALA B 276 7.24 12.37 -35.55
N GLU B 277 7.53 13.27 -36.47
CA GLU B 277 6.51 14.11 -37.08
C GLU B 277 5.55 13.30 -37.96
N PHE B 278 6.11 12.33 -38.68
CA PHE B 278 5.32 11.38 -39.47
C PHE B 278 4.42 10.52 -38.59
N LEU B 279 4.96 10.04 -37.48
CA LEU B 279 4.20 9.23 -36.53
C LEU B 279 3.01 9.99 -35.97
N ASP B 280 3.21 11.27 -35.65
CA ASP B 280 2.13 12.09 -35.13
C ASP B 280 1.02 12.29 -36.18
N ARG B 281 1.43 12.41 -37.43
CA ARG B 281 0.51 12.58 -38.56
C ARG B 281 -0.40 11.35 -38.73
N ILE B 282 0.19 10.16 -38.76
CA ILE B 282 -0.60 8.94 -38.92
C ILE B 282 -1.42 8.61 -37.68
N ALA B 283 -0.92 8.98 -36.50
CA ALA B 283 -1.67 8.76 -35.26
C ALA B 283 -2.93 9.64 -35.21
N ARG B 284 -2.80 10.88 -35.66
CA ARG B 284 -3.97 11.78 -35.78
C ARG B 284 -4.96 11.31 -36.83
N ARG B 285 -4.45 10.75 -37.93
N ARG B 285 -4.46 10.76 -37.94
CA ARG B 285 -5.26 10.26 -39.03
CA ARG B 285 -5.32 10.26 -39.01
C ARG B 285 -6.02 8.97 -38.67
C ARG B 285 -6.06 8.98 -38.63
N TYR B 286 -5.36 8.07 -37.95
CA TYR B 286 -5.90 6.73 -37.68
C TYR B 286 -6.18 6.36 -36.21
N GLY B 287 -5.72 7.19 -35.28
CA GLY B 287 -5.88 6.90 -33.85
C GLY B 287 -7.18 7.41 -33.27
N PRO B 288 -7.30 7.43 -31.92
CA PRO B 288 -6.29 6.95 -31.00
C PRO B 288 -6.25 5.41 -30.97
N PHE B 289 -5.13 4.84 -30.55
CA PHE B 289 -4.93 3.39 -30.59
C PHE B 289 -5.14 2.75 -29.23
N ASP B 290 -5.88 1.65 -29.21
CA ASP B 290 -6.01 0.90 -27.96
C ASP B 290 -4.72 0.17 -27.67
N ILE B 291 -4.02 -0.21 -28.75
CA ILE B 291 -2.79 -1.01 -28.65
C ILE B 291 -1.80 -0.53 -29.71
N VAL B 292 -0.57 -0.26 -29.28
CA VAL B 292 0.57 -0.03 -30.17
C VAL B 292 1.62 -1.10 -29.84
N ILE B 293 2.18 -1.71 -30.88
CA ILE B 293 3.24 -2.71 -30.72
C ILE B 293 4.44 -2.28 -31.54
N ASP B 294 5.59 -2.21 -30.90
CA ASP B 294 6.84 -1.95 -31.63
C ASP B 294 7.53 -3.30 -31.86
N ASP B 295 7.43 -3.79 -33.08
CA ASP B 295 8.19 -4.95 -33.51
C ASP B 295 8.95 -4.60 -34.79
N GLY B 296 9.58 -3.42 -34.79
CA GLY B 296 10.16 -2.86 -36.01
C GLY B 296 11.62 -3.15 -36.22
N SER B 297 12.41 -2.08 -36.37
CA SER B 297 13.83 -2.20 -36.66
C SER B 297 14.62 -2.82 -35.49
N HIS B 298 14.09 -2.64 -34.27
CA HIS B 298 14.79 -2.99 -33.03
C HIS B 298 16.07 -2.16 -32.79
N ILE B 299 16.23 -1.06 -33.53
CA ILE B 299 17.28 -0.10 -33.23
C ILE B 299 16.85 0.67 -31.98
N ASN B 300 17.73 0.75 -30.99
CA ASN B 300 17.39 1.32 -29.67
C ASN B 300 16.83 2.74 -29.76
N ALA B 301 17.49 3.60 -30.53
CA ALA B 301 17.02 4.98 -30.73
C ALA B 301 15.62 5.04 -31.34
N HIS B 302 15.33 4.09 -32.24
CA HIS B 302 14.02 3.98 -32.89
C HIS B 302 12.92 3.62 -31.90
N VAL B 303 13.18 2.63 -31.05
CA VAL B 303 12.23 2.21 -30.01
C VAL B 303 11.87 3.40 -29.11
N ARG B 304 12.88 4.18 -28.75
CA ARG B 304 12.69 5.32 -27.87
C ARG B 304 11.95 6.48 -28.56
N THR B 305 12.29 6.75 -29.83
CA THR B 305 11.58 7.76 -30.63
C THR B 305 10.09 7.43 -30.80
N SER B 306 9.81 6.20 -31.22
CA SER B 306 8.44 5.76 -31.46
C SER B 306 7.62 5.84 -30.18
N PHE B 307 8.22 5.44 -29.06
CA PHE B 307 7.50 5.45 -27.77
C PHE B 307 7.10 6.86 -27.37
N ALA B 308 8.06 7.79 -27.39
CA ALA B 308 7.79 9.19 -27.06
C ALA B 308 6.72 9.82 -27.96
N ALA B 309 6.77 9.48 -29.25
CA ALA B 309 5.84 10.04 -30.24
C ALA B 309 4.44 9.42 -30.16
N LEU B 310 4.38 8.12 -29.87
CA LEU B 310 3.12 7.37 -29.96
C LEU B 310 2.40 7.12 -28.64
N PHE B 311 3.13 7.11 -27.52
CA PHE B 311 2.49 6.94 -26.21
C PHE B 311 1.33 7.92 -25.95
N PRO B 312 1.47 9.20 -26.37
CA PRO B 312 0.35 10.14 -26.23
C PRO B 312 -0.90 9.79 -27.05
N HIS B 313 -0.74 8.95 -28.09
CA HIS B 313 -1.84 8.54 -28.93
C HIS B 313 -2.43 7.18 -28.55
N VAL B 314 -1.90 6.58 -27.49
CA VAL B 314 -2.53 5.39 -26.91
C VAL B 314 -3.71 5.84 -26.04
N ARG B 315 -4.87 5.18 -26.16
CA ARG B 315 -6.03 5.51 -25.33
C ARG B 315 -5.77 5.24 -23.85
N PRO B 316 -6.39 6.03 -22.95
CA PRO B 316 -6.37 5.65 -21.52
C PRO B 316 -6.99 4.27 -21.41
N GLY B 317 -6.35 3.38 -20.64
CA GLY B 317 -6.77 1.97 -20.60
C GLY B 317 -6.14 1.10 -21.66
N GLY B 318 -5.33 1.70 -22.54
CA GLY B 318 -4.68 0.98 -23.63
C GLY B 318 -3.28 0.47 -23.29
N LEU B 319 -2.60 -0.11 -24.28
CA LEU B 319 -1.29 -0.71 -24.07
C LEU B 319 -0.28 -0.25 -25.11
N TYR B 320 0.96 -0.03 -24.66
CA TYR B 320 2.09 0.11 -25.57
C TYR B 320 3.00 -1.09 -25.34
N VAL B 321 3.25 -1.84 -26.40
CA VAL B 321 4.03 -3.08 -26.31
C VAL B 321 5.36 -2.91 -27.05
N ILE B 322 6.45 -3.35 -26.42
CA ILE B 322 7.76 -3.37 -27.09
C ILE B 322 8.24 -4.80 -27.16
N GLU B 323 8.59 -5.23 -28.37
CA GLU B 323 9.07 -6.58 -28.61
C GLU B 323 10.56 -6.55 -28.90
N ASP B 324 11.26 -7.63 -28.53
CA ASP B 324 12.67 -7.84 -28.89
C ASP B 324 13.68 -6.86 -28.27
N MET B 325 13.62 -6.73 -26.94
CA MET B 325 14.56 -5.87 -26.22
C MET B 325 15.97 -6.45 -26.19
N TRP B 326 16.16 -7.65 -26.73
CA TRP B 326 17.49 -8.26 -26.77
C TRP B 326 18.55 -7.35 -27.41
N THR B 327 18.12 -6.53 -28.38
CA THR B 327 19.03 -5.63 -29.10
C THR B 327 19.61 -4.52 -28.21
N ALA B 328 19.04 -4.35 -27.01
CA ALA B 328 19.58 -3.40 -26.04
C ALA B 328 21.03 -3.68 -25.66
N TYR B 329 21.46 -4.93 -25.82
CA TYR B 329 22.83 -5.32 -25.44
C TYR B 329 23.82 -5.33 -26.60
N TRP B 330 23.39 -4.89 -27.79
CA TRP B 330 24.20 -5.05 -29.00
C TRP B 330 24.47 -3.74 -29.72
N PRO B 331 25.76 -3.31 -29.77
CA PRO B 331 26.13 -2.02 -30.37
C PRO B 331 25.70 -1.89 -31.84
N GLY B 332 25.60 -3.01 -32.54
CA GLY B 332 25.08 -3.03 -33.91
C GLY B 332 23.65 -2.54 -34.08
N PHE B 333 22.91 -2.48 -32.98
CA PHE B 333 21.58 -1.89 -32.95
C PHE B 333 21.53 -0.62 -32.08
N GLY B 334 22.70 -0.03 -31.81
CA GLY B 334 22.79 1.14 -30.93
C GLY B 334 22.69 0.82 -29.45
N GLY B 335 22.91 -0.45 -29.10
CA GLY B 335 22.88 -0.91 -27.72
C GLY B 335 24.26 -0.89 -27.07
N GLN B 336 24.34 -1.46 -25.86
CA GLN B 336 25.60 -1.52 -25.11
C GLN B 336 25.73 -2.88 -24.43
N ALA B 337 26.90 -3.51 -24.57
CA ALA B 337 27.14 -4.83 -23.98
C ALA B 337 27.00 -4.83 -22.44
N ASP B 338 27.35 -3.70 -21.82
CA ASP B 338 27.25 -3.52 -20.37
C ASP B 338 25.84 -3.10 -20.00
N PRO B 339 25.10 -3.96 -19.28
CA PRO B 339 23.70 -3.65 -18.95
C PRO B 339 23.54 -2.38 -18.08
N GLN B 340 24.60 -1.96 -17.40
CA GLN B 340 24.57 -0.72 -16.61
C GLN B 340 24.65 0.55 -17.46
N GLU B 341 25.21 0.42 -18.68
N GLU B 341 25.21 0.44 -18.67
CA GLU B 341 25.30 1.51 -19.64
CA GLU B 341 25.29 1.56 -19.58
C GLU B 341 24.04 1.58 -20.49
C GLU B 341 24.06 1.61 -20.47
N CYS B 342 22.90 1.86 -19.85
CA CYS B 342 21.61 1.72 -20.52
C CYS B 342 20.87 3.03 -20.81
N SER B 343 21.54 4.17 -20.66
CA SER B 343 20.88 5.47 -20.85
C SER B 343 20.26 5.65 -22.23
N GLY B 344 20.79 4.96 -23.24
CA GLY B 344 20.27 5.05 -24.60
C GLY B 344 19.56 3.82 -25.14
N THR B 345 19.27 2.84 -24.28
CA THR B 345 18.69 1.56 -24.73
C THR B 345 17.19 1.41 -24.39
N SER B 346 16.55 0.44 -25.02
CA SER B 346 15.17 0.10 -24.73
C SER B 346 14.99 -0.35 -23.27
N LEU B 347 15.99 -1.05 -22.72
CA LEU B 347 15.94 -1.45 -21.32
C LEU B 347 16.12 -0.26 -20.38
N GLY B 348 16.95 0.71 -20.76
CA GLY B 348 17.07 1.98 -20.02
C GLY B 348 15.73 2.69 -19.97
N LEU B 349 15.02 2.70 -21.09
CA LEU B 349 13.67 3.23 -21.14
C LEU B 349 12.74 2.51 -20.15
N LEU B 350 12.68 1.18 -20.23
CA LEU B 350 11.84 0.40 -19.30
C LEU B 350 12.17 0.65 -17.82
N LYS B 351 13.46 0.69 -17.50
CA LYS B 351 13.89 1.02 -16.13
C LYS B 351 13.37 2.39 -15.69
N SER B 352 13.45 3.36 -16.59
CA SER B 352 12.97 4.72 -16.32
C SER B 352 11.46 4.76 -16.07
N LEU B 353 10.73 3.83 -16.67
CA LEU B 353 9.28 3.77 -16.50
C LEU B 353 8.89 3.40 -15.08
N ILE B 354 9.75 2.66 -14.39
CA ILE B 354 9.57 2.39 -12.95
C ILE B 354 9.54 3.70 -12.15
N ASP B 355 10.52 4.58 -12.37
CA ASP B 355 10.51 5.90 -11.71
C ASP B 355 9.32 6.76 -12.14
N ALA B 356 8.90 6.62 -13.40
CA ALA B 356 7.73 7.36 -13.89
C ALA B 356 6.48 6.97 -13.11
N ILE B 357 6.32 5.65 -12.92
CA ILE B 357 5.19 5.13 -12.15
C ILE B 357 5.21 5.70 -10.72
N GLN B 358 6.41 5.75 -10.15
CA GLN B 358 6.64 6.21 -8.78
C GLN B 358 6.81 7.72 -8.62
N HIS B 359 6.62 8.50 -9.69
CA HIS B 359 7.02 9.92 -9.65
C HIS B 359 6.36 10.79 -8.58
N GLN B 360 5.14 10.45 -8.18
CA GLN B 360 4.44 11.24 -7.15
C GLN B 360 5.05 11.08 -5.77
N GLU B 361 5.93 10.09 -5.62
CA GLU B 361 6.65 9.85 -4.37
C GLU B 361 7.96 10.64 -4.21
N LEU B 362 8.38 11.33 -5.26
CA LEU B 362 9.60 12.15 -5.19
C LEU B 362 9.44 13.29 -4.19
N PRO B 363 10.52 13.67 -3.48
CA PRO B 363 10.44 14.82 -2.59
C PRO B 363 10.07 16.08 -3.37
N SER B 364 9.35 16.98 -2.73
CA SER B 364 8.86 18.19 -3.38
C SER B 364 9.98 19.05 -3.96
N ASP B 365 9.72 19.58 -5.15
CA ASP B 365 10.65 20.45 -5.86
C ASP B 365 9.82 21.41 -6.71
N PRO B 366 9.86 22.72 -6.40
CA PRO B 366 9.07 23.74 -7.11
C PRO B 366 9.41 23.90 -8.60
N ASN B 367 10.67 23.69 -8.98
CA ASN B 367 11.06 23.85 -10.38
C ASN B 367 11.09 22.55 -11.21
N ARG B 368 10.78 21.43 -10.56
CA ARG B 368 10.60 20.15 -11.24
C ARG B 368 9.12 19.91 -11.47
N SER B 369 8.74 19.64 -12.72
CA SER B 369 7.36 19.26 -13.02
C SER B 369 7.33 17.90 -13.71
N PRO B 370 6.40 17.03 -13.30
CA PRO B 370 6.21 15.71 -13.91
C PRO B 370 6.00 15.80 -15.42
N GLY B 371 6.66 14.92 -16.17
CA GLY B 371 6.53 14.91 -17.63
C GLY B 371 5.30 14.17 -18.08
N TYR B 372 5.08 14.12 -19.40
CA TYR B 372 3.90 13.47 -19.94
C TYR B 372 3.84 11.99 -19.55
N VAL B 373 4.95 11.27 -19.70
CA VAL B 373 4.98 9.84 -19.41
C VAL B 373 4.73 9.59 -17.92
N ASP B 374 5.39 10.36 -17.05
CA ASP B 374 5.13 10.36 -15.60
C ASP B 374 3.62 10.32 -15.31
N ARG B 375 2.88 11.24 -15.94
CA ARG B 375 1.45 11.45 -15.62
C ARG B 375 0.52 10.41 -16.27
N ASN B 376 1.08 9.57 -17.13
CA ASN B 376 0.26 8.71 -18.00
C ASN B 376 0.64 7.22 -18.03
N ILE B 377 1.52 6.80 -17.13
CA ILE B 377 1.82 5.36 -17.00
C ILE B 377 1.30 4.84 -15.66
N VAL B 378 0.55 3.73 -15.70
CA VAL B 378 -0.01 3.14 -14.47
C VAL B 378 0.36 1.67 -14.27
N GLY B 379 1.16 1.12 -15.17
CA GLY B 379 1.58 -0.27 -15.04
C GLY B 379 2.68 -0.61 -16.00
N LEU B 380 3.59 -1.49 -15.56
CA LEU B 380 4.65 -2.01 -16.42
C LEU B 380 4.77 -3.51 -16.23
N HIS B 381 4.81 -4.24 -17.35
CA HIS B 381 4.95 -5.69 -17.33
C HIS B 381 6.11 -6.09 -18.22
N VAL B 382 7.10 -6.77 -17.64
CA VAL B 382 8.27 -7.19 -18.40
C VAL B 382 8.38 -8.71 -18.41
N TYR B 383 8.52 -9.27 -19.61
CA TYR B 383 8.80 -10.67 -19.82
C TYR B 383 10.02 -10.77 -20.74
N HIS B 384 10.52 -11.98 -20.95
CA HIS B 384 11.68 -12.16 -21.83
C HIS B 384 11.35 -11.64 -23.22
N ASN B 385 12.07 -10.60 -23.64
CA ASN B 385 11.92 -10.00 -24.98
C ASN B 385 10.57 -9.41 -25.34
N VAL B 386 9.72 -9.15 -24.34
CA VAL B 386 8.47 -8.44 -24.57
C VAL B 386 8.00 -7.69 -23.32
N ALA B 387 7.63 -6.42 -23.50
CA ALA B 387 7.18 -5.59 -22.38
C ALA B 387 5.87 -4.88 -22.73
N PHE B 388 4.98 -4.76 -21.74
CA PHE B 388 3.67 -4.13 -21.91
C PHE B 388 3.56 -2.94 -20.96
N VAL B 389 3.25 -1.77 -21.53
CA VAL B 389 3.12 -0.54 -20.76
C VAL B 389 1.65 -0.13 -20.72
N GLU B 390 1.10 0.02 -19.51
CA GLU B 390 -0.29 0.42 -19.31
C GLU B 390 -0.46 1.94 -19.30
N LYS B 391 -1.25 2.45 -20.24
CA LYS B 391 -1.51 3.89 -20.36
C LYS B 391 -2.73 4.22 -19.50
N GLY B 392 -2.61 5.23 -18.65
CA GLY B 392 -3.75 5.69 -17.86
C GLY B 392 -3.33 6.88 -17.01
N ARG B 393 -4.28 7.46 -16.28
N ARG B 393 -4.27 7.44 -16.26
CA ARG B 393 -3.95 8.61 -15.43
CA ARG B 393 -3.97 8.59 -15.42
C ARG B 393 -3.24 8.18 -14.16
C ARG B 393 -3.24 8.18 -14.15
N ASN B 394 -1.97 8.56 -14.06
CA ASN B 394 -1.17 8.27 -12.87
C ASN B 394 -1.29 9.42 -11.88
N ASP B 395 -2.37 9.42 -11.11
CA ASP B 395 -2.65 10.53 -10.20
C ASP B 395 -3.33 10.03 -8.91
N GLU B 396 -2.70 9.04 -8.27
CA GLU B 396 -3.24 8.45 -7.04
C GLU B 396 -2.89 9.29 -5.81
N GLY B 397 -1.83 10.08 -5.92
CA GLY B 397 -1.32 10.85 -4.79
C GLY B 397 -0.15 10.16 -4.13
N GLY B 398 0.88 10.94 -3.84
CA GLY B 398 2.04 10.42 -3.10
C GLY B 398 1.74 10.28 -1.62
N ILE B 399 2.64 9.61 -0.90
CA ILE B 399 2.51 9.45 0.54
C ILE B 399 2.45 10.84 1.20
N PRO B 400 1.40 11.09 2.00
CA PRO B 400 1.21 12.41 2.61
C PRO B 400 2.37 12.78 3.54
N THR B 401 2.59 14.08 3.71
CA THR B 401 3.72 14.57 4.52
C THR B 401 3.64 14.16 5.99
N TRP B 402 2.44 13.85 6.46
CA TRP B 402 2.23 13.43 7.86
C TRP B 402 2.50 11.94 8.14
N ILE B 403 2.83 11.17 7.10
CA ILE B 403 3.39 9.84 7.31
C ILE B 403 4.89 10.04 7.51
N PRO B 404 5.45 9.55 8.65
CA PRO B 404 6.85 9.83 8.94
C PRO B 404 7.81 9.29 7.87
N ARG B 405 8.91 10.01 7.68
CA ARG B 405 9.87 9.70 6.62
C ARG B 405 11.10 8.94 7.11
N ASP B 406 10.96 8.30 8.26
CA ASP B 406 11.97 7.38 8.78
C ASP B 406 11.30 6.24 9.53
N PHE B 407 11.96 5.09 9.57
CA PHE B 407 11.34 3.88 10.11
C PHE B 407 10.94 4.02 11.58
N GLU B 408 11.85 4.53 12.40
CA GLU B 408 11.61 4.61 13.85
C GLU B 408 10.43 5.53 14.19
N SER B 409 10.35 6.66 13.49
CA SER B 409 9.21 7.58 13.65
C SER B 409 7.91 6.98 13.15
N LEU B 410 7.99 6.18 12.08
CA LEU B 410 6.80 5.47 11.60
C LEU B 410 6.29 4.46 12.66
N VAL B 411 7.20 3.73 13.29
CA VAL B 411 6.83 2.75 14.32
C VAL B 411 6.06 3.47 15.42
N GLN B 412 6.64 4.56 15.90
CA GLN B 412 6.06 5.35 16.98
C GLN B 412 4.68 5.90 16.63
N ALA B 413 4.53 6.45 15.43
CA ALA B 413 3.26 7.04 15.01
C ALA B 413 2.18 5.99 14.77
N SER B 414 2.59 4.75 14.55
CA SER B 414 1.67 3.67 14.23
C SER B 414 1.34 2.75 15.42
N SER B 415 1.90 3.04 16.60
CA SER B 415 1.81 2.15 17.77
C SER B 415 0.82 2.60 18.86
N GLY B 416 0.11 3.71 18.63
CA GLY B 416 -0.89 4.23 19.57
C GLY B 416 -0.44 4.44 21.01
N GLY B 417 0.80 4.89 21.19
CA GLY B 417 1.32 5.15 22.53
C GLY B 417 2.07 4.00 23.18
N ALA B 418 1.96 2.80 22.60
CA ALA B 418 2.71 1.65 23.10
C ALA B 418 4.21 1.83 22.84
N THR B 419 5.03 1.52 23.84
CA THR B 419 6.48 1.75 23.76
C THR B 419 7.31 0.47 23.74
N GLU C 26 -6.93 -23.91 19.08
CA GLU C 26 -8.19 -24.68 18.86
C GLU C 26 -7.99 -25.98 18.10
N PHE C 27 -7.40 -25.90 16.90
CA PHE C 27 -7.17 -27.09 16.05
C PHE C 27 -5.71 -27.21 15.63
N ASP C 28 -5.22 -28.44 15.59
CA ASP C 28 -3.83 -28.71 15.17
C ASP C 28 -3.64 -28.33 13.70
N GLU C 29 -2.67 -27.46 13.45
CA GLU C 29 -2.39 -26.98 12.08
C GLU C 29 -2.20 -28.10 11.05
N ALA C 30 -1.47 -29.15 11.42
CA ALA C 30 -1.25 -30.27 10.50
C ALA C 30 -2.54 -31.01 10.16
N THR C 31 -3.42 -31.15 11.15
CA THR C 31 -4.75 -31.71 10.94
C THR C 31 -5.58 -30.87 9.98
N VAL C 32 -5.62 -29.55 10.20
CA VAL C 32 -6.37 -28.64 9.32
C VAL C 32 -5.87 -28.75 7.89
N GLN C 33 -4.56 -28.74 7.70
CA GLN C 33 -3.98 -28.86 6.35
C GLN C 33 -4.33 -30.21 5.70
N ASP C 34 -4.33 -31.28 6.50
CA ASP C 34 -4.69 -32.60 6.00
C ASP C 34 -6.16 -32.65 5.60
N VAL C 35 -7.02 -32.05 6.44
CA VAL C 35 -8.44 -31.92 6.13
C VAL C 35 -8.67 -31.20 4.79
N VAL C 36 -7.98 -30.08 4.60
CA VAL C 36 -8.11 -29.30 3.35
C VAL C 36 -7.60 -30.10 2.14
N ARG C 37 -6.48 -30.80 2.33
N ARG C 37 -6.47 -30.79 2.32
CA ARG C 37 -5.87 -31.62 1.29
CA ARG C 37 -5.90 -31.61 1.24
C ARG C 37 -6.82 -32.72 0.79
C ARG C 37 -6.90 -32.68 0.78
N LEU C 38 -7.40 -33.46 1.74
CA LEU C 38 -8.37 -34.53 1.41
C LEU C 38 -9.70 -33.99 0.91
N ALA C 39 -10.14 -32.85 1.45
CA ALA C 39 -11.38 -32.22 1.00
C ALA C 39 -11.31 -31.83 -0.47
N GLY C 40 -10.11 -31.59 -0.98
CA GLY C 40 -9.91 -31.24 -2.39
C GLY C 40 -9.97 -32.42 -3.35
N GLY C 41 -10.08 -33.64 -2.81
CA GLY C 41 -10.06 -34.86 -3.62
C GLY C 41 -11.43 -35.28 -4.12
N HIS C 42 -11.53 -36.56 -4.50
CA HIS C 42 -12.78 -37.15 -5.01
C HIS C 42 -13.47 -37.88 -3.84
N ASP C 43 -14.50 -38.66 -4.16
CA ASP C 43 -15.29 -39.38 -3.14
C ASP C 43 -14.44 -40.22 -2.20
N SER C 44 -13.44 -40.92 -2.74
CA SER C 44 -12.56 -41.75 -1.92
C SER C 44 -11.75 -40.96 -0.87
N GLU C 45 -11.30 -39.75 -1.23
CA GLU C 45 -10.58 -38.90 -0.29
C GLU C 45 -11.49 -38.33 0.80
N LEU C 46 -12.71 -37.98 0.44
CA LEU C 46 -13.70 -37.51 1.41
C LEU C 46 -14.08 -38.61 2.40
N ARG C 47 -14.21 -39.84 1.90
CA ARG C 47 -14.49 -40.98 2.77
C ARG C 47 -13.29 -41.26 3.67
N GLU C 48 -12.09 -41.16 3.12
CA GLU C 48 -10.84 -41.35 3.88
C GLU C 48 -10.76 -40.36 5.04
N LEU C 49 -11.09 -39.11 4.75
CA LEU C 49 -11.07 -38.02 5.72
C LEU C 49 -11.99 -38.33 6.90
N THR C 50 -13.24 -38.70 6.60
CA THR C 50 -14.24 -38.92 7.65
C THR C 50 -14.01 -40.22 8.44
N GLN C 51 -13.21 -41.13 7.88
CA GLN C 51 -12.77 -42.34 8.59
C GLN C 51 -11.56 -42.06 9.48
N LYS C 52 -10.69 -41.16 9.03
CA LYS C 52 -9.43 -40.82 9.70
C LYS C 52 -9.63 -39.97 10.94
N TYR C 53 -10.60 -39.07 10.88
CA TYR C 53 -10.85 -38.11 11.95
C TYR C 53 -12.26 -38.26 12.52
N ASP C 54 -12.42 -37.91 13.79
CA ASP C 54 -13.72 -37.92 14.44
C ASP C 54 -14.67 -36.92 13.75
N PRO C 55 -15.80 -37.41 13.22
CA PRO C 55 -16.76 -36.52 12.54
C PRO C 55 -17.23 -35.33 13.40
N ALA C 56 -17.37 -35.54 14.71
CA ALA C 56 -17.71 -34.44 15.62
C ALA C 56 -16.65 -33.33 15.61
N MET C 57 -15.38 -33.73 15.63
CA MET C 57 -14.27 -32.79 15.58
C MET C 57 -14.25 -32.04 14.24
N ILE C 58 -14.44 -32.77 13.14
CA ILE C 58 -14.48 -32.14 11.82
C ILE C 58 -15.61 -31.10 11.74
N SER C 59 -16.76 -31.46 12.30
N SER C 59 -16.77 -31.44 12.30
CA SER C 59 -17.93 -30.57 12.37
CA SER C 59 -17.91 -30.51 12.32
C SER C 59 -17.61 -29.25 13.08
C SER C 59 -17.61 -29.22 13.08
N ARG C 60 -16.93 -29.33 14.22
CA ARG C 60 -16.49 -28.15 14.98
C ARG C 60 -15.49 -27.33 14.17
N LEU C 61 -14.60 -28.01 13.45
CA LEU C 61 -13.63 -27.35 12.59
C LEU C 61 -14.32 -26.54 11.49
N LEU C 62 -15.30 -27.15 10.84
CA LEU C 62 -16.05 -26.50 9.77
C LEU C 62 -16.86 -25.31 10.29
N VAL C 63 -17.49 -25.48 11.46
CA VAL C 63 -18.19 -24.38 12.10
C VAL C 63 -17.25 -23.19 12.40
N ALA C 64 -16.06 -23.48 12.93
CA ALA C 64 -15.05 -22.45 13.18
C ALA C 64 -14.72 -21.67 11.89
N GLU C 65 -14.56 -22.39 10.78
CA GLU C 65 -14.29 -21.78 9.47
C GLU C 65 -15.45 -20.91 9.02
N ILE C 66 -16.66 -21.48 9.08
CA ILE C 66 -17.88 -20.77 8.69
C ILE C 66 -18.02 -19.44 9.44
N LEU C 67 -17.78 -19.47 10.76
CA LEU C 67 -17.89 -18.26 11.58
C LEU C 67 -16.96 -17.14 11.11
N SER C 68 -15.78 -17.49 10.58
CA SER C 68 -14.85 -16.47 10.07
C SER C 68 -15.18 -16.06 8.65
N ARG C 69 -15.92 -16.92 7.95
CA ARG C 69 -16.21 -16.72 6.54
C ARG C 69 -17.46 -15.86 6.32
N CYS C 70 -18.39 -15.90 7.28
CA CYS C 70 -19.66 -15.16 7.18
C CYS C 70 -19.47 -13.65 7.02
N PRO C 71 -20.26 -13.01 6.14
CA PRO C 71 -20.23 -11.55 6.04
C PRO C 71 -20.92 -10.90 7.22
N PRO C 72 -20.81 -9.55 7.36
CA PRO C 72 -21.56 -8.90 8.42
C PRO C 72 -23.06 -9.00 8.19
N PRO C 73 -23.81 -9.46 9.22
CA PRO C 73 -25.27 -9.55 9.13
C PRO C 73 -25.87 -8.17 8.96
N SER C 74 -26.98 -8.09 8.24
CA SER C 74 -27.68 -6.83 8.01
C SER C 74 -29.03 -6.73 8.74
N ASN C 75 -29.44 -7.82 9.37
CA ASN C 75 -30.74 -7.88 10.06
C ASN C 75 -30.75 -7.18 11.42
N ASP C 76 -31.70 -6.26 11.61
CA ASP C 76 -31.83 -5.53 12.86
C ASP C 76 -32.40 -6.39 13.99
N THR C 77 -33.37 -7.24 13.66
CA THR C 77 -33.97 -8.16 14.61
C THR C 77 -33.12 -9.44 14.70
N PRO C 78 -32.67 -9.78 15.93
CA PRO C 78 -31.81 -10.95 16.12
C PRO C 78 -32.55 -12.27 15.87
N VAL C 79 -31.95 -13.14 15.08
N VAL C 79 -31.92 -13.17 15.12
CA VAL C 79 -32.50 -14.47 14.81
CA VAL C 79 -32.52 -14.45 14.75
C VAL C 79 -31.45 -15.53 15.05
C VAL C 79 -31.48 -15.57 14.84
N LEU C 80 -31.91 -16.77 15.21
CA LEU C 80 -31.03 -17.93 15.23
C LEU C 80 -31.16 -18.67 13.91
N VAL C 81 -30.04 -19.14 13.40
CA VAL C 81 -30.03 -20.04 12.25
C VAL C 81 -29.42 -21.34 12.77
N GLU C 82 -30.21 -22.42 12.74
CA GLU C 82 -29.67 -23.70 13.17
C GLU C 82 -28.93 -24.34 12.01
N LEU C 83 -27.68 -24.72 12.26
CA LEU C 83 -26.87 -25.46 11.30
C LEU C 83 -26.69 -26.89 11.81
N ALA C 84 -27.29 -27.84 11.11
CA ALA C 84 -27.20 -29.26 11.44
C ALA C 84 -26.28 -29.94 10.44
N ILE C 85 -25.22 -30.57 10.96
CA ILE C 85 -24.27 -31.28 10.11
C ILE C 85 -24.44 -32.77 10.37
N VAL C 86 -24.73 -33.50 9.30
CA VAL C 86 -25.11 -34.90 9.40
C VAL C 86 -24.01 -35.80 8.84
N HIS C 87 -23.69 -36.86 9.58
CA HIS C 87 -22.78 -37.89 9.09
C HIS C 87 -23.19 -39.23 9.70
N GLY C 88 -23.61 -40.15 8.84
CA GLY C 88 -24.10 -41.45 9.29
C GLY C 88 -25.31 -41.22 10.18
N SER C 89 -25.33 -41.89 11.33
CA SER C 89 -26.43 -41.77 12.28
C SER C 89 -26.32 -40.56 13.20
N GLU C 90 -25.26 -39.76 13.02
CA GLU C 90 -25.02 -38.61 13.89
C GLU C 90 -25.47 -37.28 13.29
N ARG C 91 -25.90 -36.37 14.16
CA ARG C 91 -26.38 -35.06 13.74
C ARG C 91 -25.84 -34.01 14.69
N PHE C 92 -24.93 -33.18 14.20
CA PHE C 92 -24.27 -32.16 15.01
C PHE C 92 -24.94 -30.82 14.80
N ARG C 93 -25.66 -30.37 15.82
CA ARG C 93 -26.49 -29.19 15.73
C ARG C 93 -25.81 -27.97 16.34
N HIS C 94 -25.82 -26.88 15.59
CA HIS C 94 -25.23 -25.62 16.03
C HIS C 94 -26.22 -24.49 15.82
N PHE C 95 -26.48 -23.74 16.89
CA PHE C 95 -27.39 -22.62 16.81
C PHE C 95 -26.62 -21.30 16.76
N LEU C 96 -26.73 -20.62 15.64
CA LEU C 96 -25.96 -19.40 15.40
C LEU C 96 -26.83 -18.17 15.57
N ARG C 97 -26.40 -17.28 16.46
CA ARG C 97 -27.08 -16.01 16.66
C ARG C 97 -26.61 -15.00 15.62
N VAL C 98 -27.56 -14.44 14.86
CA VAL C 98 -27.25 -13.56 13.74
C VAL C 98 -27.98 -12.23 13.90
N VAL C 99 -27.20 -11.14 14.02
CA VAL C 99 -27.75 -9.79 14.19
C VAL C 99 -26.74 -8.73 13.74
N ARG C 100 -27.25 -7.67 13.13
CA ARG C 100 -26.41 -6.57 12.62
C ARG C 100 -25.51 -5.99 13.70
N ASP C 101 -24.24 -5.78 13.34
CA ASP C 101 -23.21 -5.16 14.19
C ASP C 101 -22.65 -6.07 15.30
N SER C 102 -22.95 -7.35 15.21
CA SER C 102 -22.31 -8.37 16.05
C SER C 102 -21.78 -9.50 15.17
N PRO C 103 -20.63 -10.08 15.52
CA PRO C 103 -20.20 -11.27 14.79
C PRO C 103 -21.10 -12.46 15.07
N ILE C 104 -21.39 -13.25 14.04
CA ILE C 104 -22.15 -14.50 14.19
C ILE C 104 -21.41 -15.42 15.16
N ARG C 105 -22.13 -15.94 16.14
CA ARG C 105 -21.56 -16.79 17.18
C ARG C 105 -22.56 -17.86 17.62
N PRO C 106 -22.07 -19.02 18.10
CA PRO C 106 -22.98 -20.06 18.56
C PRO C 106 -23.58 -19.72 19.93
N VAL C 107 -24.83 -20.13 20.13
CA VAL C 107 -25.54 -19.92 21.38
C VAL C 107 -26.36 -21.16 21.71
N GLY C 108 -27.01 -21.16 22.88
CA GLY C 108 -27.95 -22.23 23.24
C GLY C 108 -29.20 -22.17 22.38
N ALA C 109 -29.83 -23.33 22.18
CA ALA C 109 -31.07 -23.45 21.37
C ALA C 109 -32.20 -22.55 21.85
N ASP C 110 -32.22 -22.26 23.15
CA ASP C 110 -33.27 -21.48 23.79
C ASP C 110 -33.01 -19.97 23.80
N GLU C 111 -31.92 -19.54 23.16
CA GLU C 111 -31.48 -18.15 23.23
C GLU C 111 -32.00 -17.24 22.11
N GLY C 112 -33.15 -17.61 21.54
CA GLY C 112 -33.76 -16.78 20.50
C GLY C 112 -34.71 -17.55 19.59
N PHE C 113 -35.25 -16.85 18.60
CA PHE C 113 -36.17 -17.44 17.64
C PHE C 113 -35.40 -18.07 16.48
N VAL C 114 -35.65 -19.34 16.22
CA VAL C 114 -34.99 -20.05 15.12
C VAL C 114 -35.73 -19.77 13.80
N GLY C 115 -35.13 -18.95 12.95
CA GLY C 115 -35.75 -18.57 11.68
C GLY C 115 -35.57 -19.59 10.57
N MET C 116 -34.49 -20.37 10.66
CA MET C 116 -34.10 -21.29 9.59
C MET C 116 -33.26 -22.45 10.11
N LEU C 117 -33.58 -23.65 9.63
CA LEU C 117 -32.75 -24.83 9.82
C LEU C 117 -32.05 -25.13 8.51
N VAL C 118 -30.72 -25.10 8.54
CA VAL C 118 -29.87 -25.42 7.39
C VAL C 118 -29.20 -26.77 7.66
N GLU C 119 -29.42 -27.72 6.74
N GLU C 119 -29.43 -27.73 6.75
CA GLU C 119 -28.90 -29.08 6.86
CA GLU C 119 -28.88 -29.07 6.91
C GLU C 119 -27.84 -29.35 5.80
C GLU C 119 -27.87 -29.43 5.82
N TYR C 120 -26.67 -29.80 6.25
CA TYR C 120 -25.60 -30.25 5.35
C TYR C 120 -25.17 -31.66 5.70
N GLU C 121 -24.85 -32.45 4.68
N GLU C 121 -24.86 -32.44 4.67
CA GLU C 121 -24.11 -33.68 4.91
CA GLU C 121 -24.09 -33.68 4.84
C GLU C 121 -22.67 -33.26 5.12
C GLU C 121 -22.67 -33.25 5.12
N LEU C 122 -21.99 -33.92 6.07
CA LEU C 122 -20.61 -33.58 6.41
C LEU C 122 -19.69 -33.49 5.18
N THR C 123 -19.72 -34.51 4.33
CA THR C 123 -18.86 -34.54 3.14
C THR C 123 -19.21 -33.43 2.14
N GLU C 124 -20.49 -33.08 2.05
CA GLU C 124 -20.92 -31.98 1.18
C GLU C 124 -20.42 -30.62 1.66
N LEU C 125 -20.46 -30.39 2.97
CA LEU C 125 -19.96 -29.13 3.52
C LEU C 125 -18.43 -29.02 3.39
N LEU C 126 -17.74 -30.16 3.54
CA LEU C 126 -16.30 -30.22 3.28
C LEU C 126 -15.96 -29.78 1.85
N ARG C 127 -16.71 -30.32 0.88
CA ARG C 127 -16.56 -29.93 -0.53
C ARG C 127 -16.81 -28.44 -0.76
N GLU C 128 -17.88 -27.93 -0.16
CA GLU C 128 -18.27 -26.54 -0.37
C GLU C 128 -17.26 -25.55 0.22
N LEU C 129 -16.69 -25.88 1.37
CA LEU C 129 -15.72 -24.97 2.02
C LEU C 129 -14.30 -25.15 1.52
N PHE C 130 -13.86 -26.42 1.39
CA PHE C 130 -12.45 -26.72 1.18
C PHE C 130 -12.18 -27.54 -0.07
N GLY C 131 -13.23 -27.77 -0.86
CA GLY C 131 -13.10 -28.64 -2.03
C GLY C 131 -12.55 -27.95 -3.25
N VAL C 132 -12.11 -28.76 -4.21
CA VAL C 132 -11.85 -28.28 -5.56
C VAL C 132 -13.14 -28.59 -6.31
N THR C 133 -13.94 -27.56 -6.53
CA THR C 133 -15.31 -27.76 -6.99
C THR C 133 -15.77 -26.70 -7.97
N HIS C 134 -16.69 -27.08 -8.85
CA HIS C 134 -17.39 -26.16 -9.72
C HIS C 134 -18.48 -25.43 -8.90
N GLU C 135 -19.00 -24.32 -9.40
CA GLU C 135 -20.09 -23.63 -8.73
C GLU C 135 -21.37 -24.46 -8.83
N ARG C 136 -22.03 -24.62 -7.70
CA ARG C 136 -23.23 -25.46 -7.60
C ARG C 136 -24.37 -24.56 -7.14
N PRO C 137 -25.24 -24.13 -8.09
CA PRO C 137 -26.32 -23.18 -7.85
C PRO C 137 -27.48 -23.72 -7.02
N ALA C 138 -27.56 -25.04 -6.88
CA ALA C 138 -28.57 -25.69 -6.05
C ALA C 138 -28.07 -27.04 -5.56
N GLY C 139 -28.85 -27.70 -4.70
CA GLY C 139 -28.60 -29.08 -4.34
C GLY C 139 -27.45 -29.40 -3.39
N VAL C 140 -26.91 -28.41 -2.70
CA VAL C 140 -25.78 -28.65 -1.77
C VAL C 140 -26.18 -28.86 -0.31
N ARG C 141 -27.46 -28.60 -0.02
N ARG C 141 -27.46 -28.62 -0.02
CA ARG C 141 -27.95 -28.52 1.35
CA ARG C 141 -27.94 -28.63 1.37
C ARG C 141 -29.46 -28.75 1.39
C ARG C 141 -29.46 -28.82 1.39
N GLY C 142 -30.02 -28.81 2.60
CA GLY C 142 -31.48 -28.78 2.78
C GLY C 142 -31.79 -27.54 3.60
N THR C 143 -32.98 -26.98 3.42
CA THR C 143 -33.41 -25.81 4.18
C THR C 143 -34.85 -25.98 4.67
N LYS C 144 -35.07 -25.72 5.96
CA LYS C 144 -36.42 -25.79 6.54
C LYS C 144 -36.70 -24.48 7.28
N LEU C 145 -37.49 -23.61 6.66
CA LEU C 145 -37.85 -22.31 7.23
C LEU C 145 -38.68 -22.46 8.50
N PHE C 146 -38.58 -21.48 9.40
CA PHE C 146 -39.32 -21.49 10.68
C PHE C 146 -39.51 -22.90 11.26
N PRO C 147 -38.40 -23.64 11.49
CA PRO C 147 -38.48 -25.09 11.72
C PRO C 147 -39.26 -25.55 12.96
N TYR C 148 -39.40 -24.69 13.96
CA TYR C 148 -40.06 -25.08 15.20
C TYR C 148 -41.36 -24.32 15.48
N LEU C 149 -41.80 -23.54 14.48
CA LEU C 149 -43.00 -22.75 14.61
C LEU C 149 -44.24 -23.63 14.40
N THR C 150 -44.86 -24.02 15.52
CA THR C 150 -46.09 -24.82 15.49
C THR C 150 -47.24 -23.95 14.99
N ASP C 151 -48.08 -24.54 14.14
CA ASP C 151 -49.13 -23.78 13.46
C ASP C 151 -50.36 -23.53 14.34
N ASP C 152 -50.19 -22.72 15.38
CA ASP C 152 -51.29 -22.29 16.24
C ASP C 152 -51.71 -20.85 15.89
N GLU C 153 -52.40 -20.19 16.82
CA GLU C 153 -52.99 -18.87 16.58
C GLU C 153 -51.98 -17.71 16.56
N GLU C 154 -50.89 -17.84 17.32
CA GLU C 154 -49.90 -16.76 17.42
C GLU C 154 -48.69 -16.90 16.49
N ALA C 155 -48.82 -17.74 15.46
CA ALA C 155 -47.78 -17.90 14.44
C ALA C 155 -47.72 -16.69 13.52
N VAL C 156 -48.89 -16.15 13.17
CA VAL C 156 -49.02 -14.94 12.35
C VAL C 156 -48.16 -13.80 12.90
N GLU C 157 -48.21 -13.61 14.23
CA GLU C 157 -47.42 -12.61 14.93
C GLU C 157 -45.91 -12.86 14.77
N GLN C 158 -45.50 -14.12 14.98
CA GLN C 158 -44.11 -14.53 14.86
C GLN C 158 -43.58 -14.37 13.43
N ILE C 159 -44.43 -14.68 12.45
CA ILE C 159 -44.07 -14.55 11.04
C ILE C 159 -43.80 -13.08 10.66
N GLY C 160 -44.69 -12.18 11.09
CA GLY C 160 -44.53 -10.75 10.81
C GLY C 160 -43.27 -10.15 11.39
N THR C 161 -42.92 -10.57 12.60
CA THR C 161 -41.74 -10.06 13.31
C THR C 161 -40.42 -10.55 12.69
N TYR C 162 -40.43 -11.79 12.22
CA TYR C 162 -39.17 -12.48 11.88
C TYR C 162 -38.91 -12.80 10.40
N LEU C 163 -39.91 -12.64 9.54
CA LEU C 163 -39.77 -13.01 8.11
C LEU C 163 -38.54 -12.38 7.42
N LEU C 164 -38.41 -11.06 7.56
CA LEU C 164 -37.31 -10.35 6.91
C LEU C 164 -35.95 -10.68 7.54
N ALA C 165 -35.89 -10.69 8.87
CA ALA C 165 -34.67 -10.98 9.60
C ALA C 165 -34.16 -12.39 9.32
N ALA C 166 -35.10 -13.34 9.22
CA ALA C 166 -34.76 -14.73 8.92
C ALA C 166 -34.17 -14.88 7.52
N GLN C 167 -34.74 -14.16 6.54
CA GLN C 167 -34.17 -14.12 5.19
C GLN C 167 -32.76 -13.53 5.19
N GLN C 168 -32.60 -12.39 5.87
CA GLN C 168 -31.30 -11.71 5.93
C GLN C 168 -30.25 -12.50 6.72
N GLY C 169 -30.66 -13.07 7.85
CA GLY C 169 -29.77 -13.90 8.66
C GLY C 169 -29.32 -15.17 7.94
N THR C 170 -30.25 -15.80 7.22
CA THR C 170 -29.95 -17.00 6.46
C THR C 170 -28.96 -16.71 5.32
N GLU C 171 -29.21 -15.61 4.61
CA GLU C 171 -28.34 -15.19 3.51
C GLU C 171 -26.89 -15.02 3.98
N ALA C 172 -26.73 -14.46 5.19
CA ALA C 172 -25.40 -14.24 5.77
C ALA C 172 -24.72 -15.56 6.12
N VAL C 173 -25.46 -16.48 6.75
CA VAL C 173 -24.90 -17.78 7.14
C VAL C 173 -24.50 -18.61 5.92
N LEU C 174 -25.37 -18.64 4.91
CA LEU C 174 -25.10 -19.43 3.71
C LEU C 174 -23.90 -18.90 2.92
N ALA C 175 -23.71 -17.59 2.94
CA ALA C 175 -22.52 -17.00 2.33
C ALA C 175 -21.25 -17.52 3.00
N GLY C 176 -21.33 -17.79 4.29
CA GLY C 176 -20.20 -18.37 5.04
C GLY C 176 -20.01 -19.87 4.84
N CYS C 177 -20.96 -20.51 4.18
CA CYS C 177 -20.93 -21.97 3.95
C CYS C 177 -20.42 -22.35 2.57
N GLY C 178 -20.05 -21.35 1.78
CA GLY C 178 -19.52 -21.59 0.43
C GLY C 178 -18.17 -20.96 0.19
N SER C 179 -17.70 -21.04 -1.05
CA SER C 179 -16.37 -20.54 -1.45
C SER C 179 -16.44 -19.47 -2.57
N ARG C 180 -17.50 -18.68 -2.59
CA ARG C 180 -17.63 -17.58 -3.56
C ARG C 180 -16.48 -16.59 -3.42
N LYS C 181 -15.99 -16.09 -4.55
CA LYS C 181 -14.88 -15.13 -4.53
C LYS C 181 -15.33 -13.81 -3.90
N PRO C 182 -14.61 -13.33 -2.88
CA PRO C 182 -14.95 -12.05 -2.27
C PRO C 182 -14.33 -10.88 -3.04
N ASP C 183 -14.74 -9.68 -2.68
CA ASP C 183 -14.19 -8.45 -3.22
C ASP C 183 -13.07 -8.03 -2.28
N LEU C 184 -11.84 -8.02 -2.79
CA LEU C 184 -10.69 -7.64 -1.98
C LEU C 184 -10.78 -6.22 -1.45
N SER C 185 -11.30 -5.31 -2.27
CA SER C 185 -11.46 -3.92 -1.86
C SER C 185 -12.41 -3.80 -0.66
N GLU C 186 -13.49 -4.58 -0.66
N GLU C 186 -13.50 -4.57 -0.69
CA GLU C 186 -14.45 -4.56 0.45
CA GLU C 186 -14.46 -4.61 0.41
C GLU C 186 -13.89 -5.23 1.71
C GLU C 186 -13.85 -5.20 1.69
N LEU C 187 -13.13 -6.32 1.53
CA LEU C 187 -12.46 -6.99 2.66
C LEU C 187 -11.45 -6.07 3.33
N SER C 188 -10.76 -5.26 2.52
CA SER C 188 -9.82 -4.27 3.01
C SER C 188 -10.44 -3.26 3.98
N SER C 189 -11.64 -2.78 3.64
CA SER C 189 -12.39 -1.91 4.56
C SER C 189 -12.92 -2.69 5.77
N ARG C 190 -13.40 -3.90 5.53
CA ARG C 190 -13.97 -4.74 6.58
C ARG C 190 -12.94 -5.11 7.65
N TYR C 191 -11.70 -5.40 7.21
CA TYR C 191 -10.63 -5.83 8.09
C TYR C 191 -9.65 -4.74 8.54
N PHE C 192 -9.94 -3.49 8.18
CA PHE C 192 -9.16 -2.33 8.60
C PHE C 192 -7.69 -2.39 8.17
N THR C 193 -7.47 -2.64 6.88
CA THR C 193 -6.11 -2.60 6.35
C THR C 193 -6.06 -1.55 5.24
N PRO C 194 -4.96 -0.80 5.14
CA PRO C 194 -4.92 0.33 4.19
C PRO C 194 -4.55 -0.03 2.74
N LYS C 195 -4.81 -1.27 2.32
CA LYS C 195 -4.50 -1.72 0.95
C LYS C 195 -5.34 -1.01 -0.12
N PHE C 196 -6.50 -0.47 0.28
CA PHE C 196 -7.38 0.23 -0.64
C PHE C 196 -8.23 1.28 0.04
N GLY C 197 -8.41 2.42 -0.63
CA GLY C 197 -9.47 3.36 -0.26
C GLY C 197 -9.03 4.77 0.08
N PHE C 198 -7.77 4.95 0.44
CA PHE C 198 -7.29 6.25 0.90
C PHE C 198 -5.83 6.54 0.53
N LEU C 199 -4.90 5.89 1.23
CA LEU C 199 -3.47 6.03 0.93
C LEU C 199 -3.04 5.23 -0.29
N HIS C 200 -3.70 4.09 -0.50
CA HIS C 200 -3.25 3.10 -1.49
C HIS C 200 -4.40 2.53 -2.28
N TRP C 201 -4.08 1.97 -3.44
CA TRP C 201 -5.09 1.47 -4.36
C TRP C 201 -4.69 0.07 -4.90
N PHE C 202 -4.21 -0.78 -4.00
CA PHE C 202 -3.53 -2.05 -4.35
C PHE C 202 -4.44 -3.20 -4.75
N THR C 203 -5.62 -3.27 -4.14
CA THR C 203 -6.43 -4.50 -4.22
C THR C 203 -6.85 -4.95 -5.62
N PRO C 204 -7.12 -4.01 -6.56
CA PRO C 204 -7.41 -4.53 -7.90
C PRO C 204 -6.22 -5.29 -8.53
N HIS C 205 -5.00 -4.88 -8.20
CA HIS C 205 -3.80 -5.57 -8.72
C HIS C 205 -3.65 -6.92 -8.03
N TYR C 206 -3.79 -6.91 -6.72
CA TYR C 206 -3.81 -8.17 -5.97
C TYR C 206 -4.85 -9.15 -6.50
N ASP C 207 -6.07 -8.67 -6.77
CA ASP C 207 -7.14 -9.52 -7.29
C ASP C 207 -6.72 -10.13 -8.63
N ARG C 208 -6.19 -9.32 -9.53
CA ARG C 208 -5.80 -9.80 -10.84
C ARG C 208 -4.70 -10.86 -10.76
N HIS C 209 -3.71 -10.63 -9.89
CA HIS C 209 -2.58 -11.54 -9.77
C HIS C 209 -2.85 -12.79 -8.92
N PHE C 210 -3.79 -12.72 -7.99
CA PHE C 210 -4.02 -13.81 -7.03
C PHE C 210 -5.24 -14.70 -7.36
N ARG C 211 -6.20 -14.16 -8.12
CA ARG C 211 -7.48 -14.84 -8.27
C ARG C 211 -7.39 -16.24 -8.88
N ASP C 212 -6.43 -16.46 -9.79
CA ASP C 212 -6.25 -17.76 -10.45
C ASP C 212 -5.71 -18.85 -9.50
N TYR C 213 -5.26 -18.46 -8.30
CA TYR C 213 -4.72 -19.43 -7.32
C TYR C 213 -5.77 -19.97 -6.35
N ARG C 214 -7.01 -19.49 -6.44
CA ARG C 214 -8.00 -19.73 -5.36
C ARG C 214 -8.48 -21.18 -5.14
N ASN C 215 -8.36 -22.05 -6.14
N ASN C 215 -8.33 -22.02 -6.17
CA ASN C 215 -8.71 -23.46 -5.90
CA ASN C 215 -8.63 -23.46 -6.09
C ASN C 215 -7.50 -24.31 -5.47
C ASN C 215 -7.54 -24.26 -5.37
N GLN C 216 -6.38 -23.64 -5.20
CA GLN C 216 -5.17 -24.33 -4.72
C GLN C 216 -4.96 -24.19 -3.22
N GLN C 217 -4.31 -25.20 -2.66
CA GLN C 217 -4.00 -25.24 -1.25
C GLN C 217 -2.73 -24.41 -0.98
N VAL C 218 -2.86 -23.10 -1.18
CA VAL C 218 -1.71 -22.20 -1.16
C VAL C 218 -1.10 -22.04 0.22
N ARG C 219 0.20 -21.82 0.24
CA ARG C 219 0.90 -21.32 1.41
C ARG C 219 1.33 -19.90 1.10
N VAL C 220 0.81 -18.95 1.88
CA VAL C 220 1.06 -17.53 1.68
C VAL C 220 1.82 -17.00 2.89
N LEU C 221 2.96 -16.35 2.64
CA LEU C 221 3.72 -15.70 3.70
C LEU C 221 3.72 -14.19 3.49
N GLU C 222 3.17 -13.44 4.44
CA GLU C 222 3.30 -11.99 4.44
C GLU C 222 4.20 -11.52 5.56
N ILE C 223 5.21 -10.74 5.18
CA ILE C 223 6.10 -10.07 6.12
C ILE C 223 5.42 -8.76 6.52
N GLY C 224 5.15 -8.60 7.81
CA GLY C 224 4.48 -7.41 8.33
C GLY C 224 3.03 -7.71 8.65
N VAL C 225 2.78 -8.04 9.92
CA VAL C 225 1.43 -8.39 10.38
C VAL C 225 0.56 -7.13 10.58
N GLY C 226 1.19 -6.04 11.04
CA GLY C 226 0.49 -4.78 11.30
C GLY C 226 0.40 -4.48 12.77
N GLY C 227 0.16 -3.20 13.10
CA GLY C 227 -0.06 -2.77 14.48
C GLY C 227 1.20 -2.38 15.24
N TYR C 228 2.35 -2.74 14.69
CA TYR C 228 3.66 -2.39 15.28
C TYR C 228 3.72 -2.76 16.77
N LYS C 229 4.05 -1.81 17.65
CA LYS C 229 4.20 -2.12 19.08
C LYS C 229 2.89 -2.24 19.85
N HIS C 230 1.77 -1.83 19.25
CA HIS C 230 0.49 -1.87 19.97
C HIS C 230 0.09 -3.32 20.31
N PRO C 231 -0.25 -3.59 21.57
CA PRO C 231 -0.48 -4.99 21.98
C PRO C 231 -1.70 -5.67 21.36
N GLU C 232 -2.62 -4.90 20.79
CA GLU C 232 -3.86 -5.47 20.25
C GLU C 232 -4.04 -5.34 18.73
N TRP C 233 -3.32 -4.41 18.11
CA TRP C 233 -3.56 -4.10 16.71
C TRP C 233 -2.85 -5.03 15.74
N GLY C 234 -3.38 -5.12 14.53
CA GLY C 234 -2.74 -5.87 13.43
C GLY C 234 -3.51 -7.09 12.98
N GLY C 235 -3.10 -7.64 11.84
CA GLY C 235 -3.65 -8.90 11.34
C GLY C 235 -4.67 -8.78 10.23
N GLY C 236 -5.06 -7.54 9.89
CA GLY C 236 -6.13 -7.30 8.89
C GLY C 236 -5.85 -7.90 7.52
N SER C 237 -4.62 -7.75 7.03
CA SER C 237 -4.29 -8.32 5.72
C SER C 237 -4.21 -9.84 5.75
N LEU C 238 -3.77 -10.41 6.87
CA LEU C 238 -3.80 -11.88 7.02
C LEU C 238 -5.24 -12.42 6.93
N ARG C 239 -6.18 -11.75 7.60
N ARG C 239 -6.18 -11.75 7.60
CA ARG C 239 -7.59 -12.13 7.53
CA ARG C 239 -7.58 -12.14 7.54
C ARG C 239 -8.09 -12.03 6.09
C ARG C 239 -8.13 -11.98 6.12
N MET C 240 -7.62 -11.00 5.40
CA MET C 240 -7.98 -10.78 4.00
C MET C 240 -7.55 -11.96 3.12
N TRP C 241 -6.29 -12.39 3.27
CA TRP C 241 -5.79 -13.53 2.49
C TRP C 241 -6.51 -14.84 2.85
N LYS C 242 -6.79 -15.03 4.14
CA LYS C 242 -7.55 -16.21 4.59
C LYS C 242 -8.93 -16.24 3.91
N SER C 243 -9.59 -15.10 3.87
N SER C 243 -9.59 -15.10 3.87
CA SER C 243 -10.89 -14.97 3.22
CA SER C 243 -10.90 -14.96 3.22
C SER C 243 -10.79 -15.21 1.72
C SER C 243 -10.82 -15.17 1.70
N PHE C 244 -9.75 -14.65 1.09
CA PHE C 244 -9.56 -14.76 -0.37
C PHE C 244 -9.19 -16.17 -0.82
N PHE C 245 -8.39 -16.87 -0.02
CA PHE C 245 -7.90 -18.22 -0.37
C PHE C 245 -8.57 -19.28 0.50
N PRO C 246 -9.71 -19.83 0.03
CA PRO C 246 -10.51 -20.74 0.86
C PRO C 246 -9.80 -22.02 1.31
N ARG C 247 -8.77 -22.44 0.57
CA ARG C 247 -8.01 -23.66 0.89
C ARG C 247 -6.60 -23.31 1.38
N GLY C 248 -6.36 -22.02 1.61
CA GLY C 248 -5.03 -21.53 1.95
C GLY C 248 -4.58 -21.71 3.39
N GLN C 249 -3.27 -21.75 3.57
CA GLN C 249 -2.67 -21.55 4.89
C GLN C 249 -1.93 -20.22 4.83
N ILE C 250 -2.24 -19.32 5.76
CA ILE C 250 -1.58 -18.01 5.82
C ILE C 250 -0.53 -17.96 6.94
N TYR C 251 0.66 -17.47 6.60
CA TYR C 251 1.71 -17.18 7.58
C TYR C 251 2.01 -15.69 7.62
N GLY C 252 2.09 -15.14 8.83
CA GLY C 252 2.46 -13.73 9.01
C GLY C 252 3.70 -13.56 9.86
N LEU C 253 4.68 -12.84 9.34
N LEU C 253 4.70 -12.87 9.32
CA LEU C 253 5.95 -12.60 10.04
CA LEU C 253 5.94 -12.57 10.03
C LEU C 253 6.00 -11.18 10.57
C LEU C 253 5.87 -11.18 10.62
N ASP C 254 6.34 -11.04 11.86
CA ASP C 254 6.48 -9.72 12.49
C ASP C 254 7.54 -9.78 13.57
N ILE C 255 8.30 -8.70 13.67
CA ILE C 255 9.33 -8.58 14.70
C ILE C 255 8.69 -8.54 16.10
N MET C 256 7.45 -8.07 16.16
CA MET C 256 6.67 -8.02 17.41
C MET C 256 5.80 -9.28 17.54
N ASP C 257 5.52 -9.71 18.77
CA ASP C 257 4.62 -10.83 18.96
C ASP C 257 3.23 -10.45 18.44
N LYS C 258 2.62 -11.35 17.65
CA LYS C 258 1.28 -11.13 17.11
C LYS C 258 0.39 -12.36 17.31
N SER C 259 0.68 -13.13 18.35
CA SER C 259 0.00 -14.40 18.61
C SER C 259 -1.51 -14.24 18.83
N HIS C 260 -1.95 -13.03 19.18
CA HIS C 260 -3.38 -12.74 19.33
C HIS C 260 -4.14 -12.78 17.99
N VAL C 261 -3.40 -12.73 16.88
CA VAL C 261 -3.97 -12.77 15.52
C VAL C 261 -4.29 -14.20 15.09
N ASP C 262 -3.53 -15.17 15.59
CA ASP C 262 -3.67 -16.57 15.16
C ASP C 262 -5.10 -17.09 15.28
N GLU C 263 -5.54 -17.81 14.25
CA GLU C 263 -6.85 -18.46 14.23
C GLU C 263 -6.75 -19.58 13.20
N LEU C 264 -7.86 -20.26 12.92
CA LEU C 264 -7.85 -21.32 11.92
C LEU C 264 -7.22 -20.80 10.62
N ARG C 265 -6.22 -21.51 10.12
CA ARG C 265 -5.57 -21.17 8.82
C ARG C 265 -4.71 -19.89 8.82
N ILE C 266 -4.49 -19.30 10.01
CA ILE C 266 -3.56 -18.18 10.15
C ILE C 266 -2.59 -18.40 11.31
N ARG C 267 -1.32 -18.49 10.98
CA ARG C 267 -0.24 -18.63 11.98
C ARG C 267 0.67 -17.41 11.90
N THR C 268 0.97 -16.79 13.05
CA THR C 268 1.99 -15.73 13.07
C THR C 268 3.30 -16.25 13.64
N ILE C 269 4.38 -15.61 13.22
CA ILE C 269 5.73 -15.99 13.60
C ILE C 269 6.49 -14.74 14.02
N GLN C 270 7.12 -14.79 15.18
CA GLN C 270 7.91 -13.65 15.62
C GLN C 270 9.37 -13.75 15.18
N GLY C 271 9.83 -12.72 14.47
CA GLY C 271 11.22 -12.65 14.03
C GLY C 271 11.49 -11.46 13.15
N ASP C 272 12.77 -11.29 12.82
CA ASP C 272 13.26 -10.14 12.08
C ASP C 272 13.43 -10.50 10.61
N GLN C 273 12.76 -9.77 9.70
CA GLN C 273 12.87 -10.03 8.27
C GLN C 273 14.27 -9.77 7.74
N ASN C 274 15.10 -9.07 8.52
CA ASN C 274 16.48 -8.81 8.13
C ASN C 274 17.45 -9.88 8.64
N ASP C 275 16.90 -10.96 9.17
CA ASP C 275 17.70 -12.05 9.73
C ASP C 275 17.60 -13.24 8.76
N ALA C 276 18.63 -13.39 7.92
CA ALA C 276 18.60 -14.38 6.85
C ALA C 276 18.57 -15.83 7.36
N GLU C 277 19.22 -16.09 8.50
CA GLU C 277 19.25 -17.43 9.13
C GLU C 277 17.83 -17.81 9.55
N PHE C 278 17.17 -16.86 10.21
CA PHE C 278 15.78 -17.02 10.62
C PHE C 278 14.91 -17.30 9.40
N LEU C 279 15.08 -16.52 8.34
CA LEU C 279 14.27 -16.72 7.13
C LEU C 279 14.48 -18.10 6.51
N ASP C 280 15.71 -18.60 6.52
CA ASP C 280 16.00 -19.97 6.06
C ASP C 280 15.18 -21.00 6.83
N ARG C 281 15.22 -20.89 8.16
CA ARG C 281 14.56 -21.87 9.03
C ARG C 281 13.05 -21.88 8.83
N ILE C 282 12.42 -20.71 8.85
CA ILE C 282 10.96 -20.67 8.69
C ILE C 282 10.51 -21.08 7.29
N ALA C 283 11.32 -20.76 6.28
CA ALA C 283 10.99 -21.15 4.90
C ALA C 283 11.08 -22.66 4.71
N ARG C 284 12.08 -23.28 5.33
CA ARG C 284 12.23 -24.72 5.20
C ARG C 284 11.25 -25.46 6.13
N ARG C 285 10.82 -24.79 7.19
CA ARG C 285 9.82 -25.36 8.10
C ARG C 285 8.41 -25.32 7.50
N TYR C 286 8.06 -24.19 6.91
CA TYR C 286 6.68 -23.93 6.48
C TYR C 286 6.45 -23.84 4.97
N GLY C 287 7.53 -23.76 4.20
CA GLY C 287 7.45 -23.60 2.75
C GLY C 287 7.32 -24.91 1.98
N PRO C 288 7.44 -24.86 0.64
CA PRO C 288 7.66 -23.65 -0.15
C PRO C 288 6.38 -22.83 -0.27
N PHE C 289 6.54 -21.53 -0.55
CA PHE C 289 5.40 -20.61 -0.57
C PHE C 289 4.93 -20.31 -1.98
N ASP C 290 3.62 -20.38 -2.20
CA ASP C 290 3.06 -19.98 -3.48
C ASP C 290 3.17 -18.48 -3.64
N ILE C 291 3.02 -17.77 -2.51
CA ILE C 291 3.04 -16.32 -2.49
C ILE C 291 3.83 -15.83 -1.27
N VAL C 292 4.75 -14.91 -1.53
CA VAL C 292 5.43 -14.16 -0.46
C VAL C 292 5.16 -12.67 -0.70
N ILE C 293 4.79 -11.95 0.36
CA ILE C 293 4.54 -10.50 0.28
C ILE C 293 5.43 -9.76 1.31
N ASP C 294 6.19 -8.78 0.85
CA ASP C 294 6.92 -7.91 1.78
C ASP C 294 6.13 -6.63 2.01
N ASP C 295 5.51 -6.56 3.19
CA ASP C 295 4.87 -5.34 3.67
C ASP C 295 5.41 -5.00 5.06
N GLY C 296 6.73 -5.15 5.23
CA GLY C 296 7.35 -5.08 6.56
C GLY C 296 7.85 -3.71 7.00
N SER C 297 9.11 -3.62 7.40
CA SER C 297 9.72 -2.35 7.85
C SER C 297 9.72 -1.28 6.75
N HIS C 298 9.82 -1.72 5.49
CA HIS C 298 10.05 -0.83 4.32
C HIS C 298 11.45 -0.19 4.34
N ILE C 299 12.33 -0.73 5.18
CA ILE C 299 13.74 -0.35 5.10
C ILE C 299 14.33 -1.02 3.85
N ASN C 300 14.99 -0.24 3.00
CA ASN C 300 15.46 -0.74 1.71
C ASN C 300 16.36 -1.96 1.81
N ALA C 301 17.35 -1.92 2.72
CA ALA C 301 18.21 -3.10 2.96
C ALA C 301 17.43 -4.36 3.33
N HIS C 302 16.35 -4.18 4.10
CA HIS C 302 15.51 -5.29 4.54
C HIS C 302 14.74 -5.90 3.37
N VAL C 303 14.15 -5.05 2.55
CA VAL C 303 13.48 -5.50 1.32
C VAL C 303 14.43 -6.39 0.49
N ARG C 304 15.65 -5.92 0.30
CA ARG C 304 16.62 -6.64 -0.54
C ARG C 304 17.10 -7.94 0.12
N THR C 305 17.33 -7.89 1.44
CA THR C 305 17.73 -9.08 2.22
C THR C 305 16.66 -10.17 2.19
N SER C 306 15.42 -9.79 2.46
CA SER C 306 14.32 -10.74 2.48
C SER C 306 14.10 -11.39 1.12
N PHE C 307 14.21 -10.58 0.06
CA PHE C 307 14.04 -11.07 -1.30
C PHE C 307 15.10 -12.12 -1.64
N ALA C 308 16.36 -11.80 -1.35
CA ALA C 308 17.47 -12.71 -1.61
C ALA C 308 17.29 -14.05 -0.87
N ALA C 309 16.82 -13.98 0.37
CA ALA C 309 16.66 -15.17 1.21
C ALA C 309 15.41 -15.99 0.87
N LEU C 310 14.34 -15.32 0.47
CA LEU C 310 13.05 -16.00 0.30
C LEU C 310 12.63 -16.32 -1.13
N PHE C 311 13.17 -15.58 -2.11
CA PHE C 311 12.85 -15.89 -3.51
C PHE C 311 13.15 -17.36 -3.86
N PRO C 312 14.24 -17.93 -3.31
CA PRO C 312 14.49 -19.36 -3.59
C PRO C 312 13.41 -20.28 -3.03
N HIS C 313 12.63 -19.78 -2.07
CA HIS C 313 11.57 -20.58 -1.43
C HIS C 313 10.17 -20.28 -1.96
N VAL C 314 10.09 -19.46 -2.99
CA VAL C 314 8.85 -19.30 -3.75
C VAL C 314 8.74 -20.46 -4.74
N ARG C 315 7.55 -21.04 -4.82
CA ARG C 315 7.33 -22.15 -5.75
C ARG C 315 7.46 -21.65 -7.19
N PRO C 316 7.94 -22.53 -8.10
CA PRO C 316 7.80 -22.21 -9.53
C PRO C 316 6.33 -21.95 -9.85
N GLY C 317 6.04 -20.87 -10.57
CA GLY C 317 4.67 -20.47 -10.84
C GLY C 317 4.07 -19.60 -9.75
N GLY C 318 4.87 -19.33 -8.71
CA GLY C 318 4.44 -18.47 -7.61
C GLY C 318 4.82 -17.00 -7.76
N LEU C 319 4.51 -16.22 -6.73
CA LEU C 319 4.71 -14.76 -6.77
C LEU C 319 5.48 -14.22 -5.57
N TYR C 320 6.38 -13.27 -5.83
CA TYR C 320 6.99 -12.47 -4.76
C TYR C 320 6.48 -11.04 -4.94
N VAL C 321 5.85 -10.51 -3.90
CA VAL C 321 5.26 -9.17 -3.97
C VAL C 321 6.01 -8.23 -3.03
N ILE C 322 6.31 -7.02 -3.52
CA ILE C 322 6.88 -5.97 -2.65
C ILE C 322 5.92 -4.80 -2.62
N GLU C 323 5.54 -4.41 -1.41
CA GLU C 323 4.64 -3.30 -1.20
C GLU C 323 5.41 -2.08 -0.68
N ASP C 324 4.94 -0.89 -1.05
CA ASP C 324 5.42 0.40 -0.49
C ASP C 324 6.84 0.79 -0.90
N MET C 325 7.12 0.76 -2.20
CA MET C 325 8.43 1.15 -2.68
C MET C 325 8.68 2.66 -2.56
N TRP C 326 7.69 3.42 -2.09
CA TRP C 326 7.87 4.86 -1.89
C TRP C 326 9.10 5.15 -1.01
N THR C 327 9.40 4.25 -0.08
CA THR C 327 10.54 4.44 0.82
C THR C 327 11.90 4.40 0.12
N ALA C 328 11.93 3.96 -1.14
CA ALA C 328 13.17 4.00 -1.94
C ALA C 328 13.77 5.39 -2.05
N TYR C 329 12.94 6.42 -1.86
CA TYR C 329 13.37 7.80 -2.07
C TYR C 329 13.75 8.55 -0.78
N TRP C 330 13.72 7.84 0.35
CA TRP C 330 13.82 8.49 1.66
C TRP C 330 14.97 7.95 2.52
N PRO C 331 15.96 8.81 2.83
CA PRO C 331 17.13 8.44 3.64
C PRO C 331 16.78 7.75 4.96
N GLY C 332 15.69 8.17 5.59
CA GLY C 332 15.25 7.59 6.86
C GLY C 332 14.85 6.12 6.78
N PHE C 333 14.65 5.63 5.55
CA PHE C 333 14.41 4.21 5.30
C PHE C 333 15.58 3.58 4.54
N GLY C 334 16.69 4.31 4.48
CA GLY C 334 17.88 3.83 3.76
C GLY C 334 17.82 4.09 2.26
N GLY C 335 16.88 4.93 1.83
CA GLY C 335 16.72 5.25 0.43
C GLY C 335 17.53 6.47 0.03
N GLN C 336 17.27 6.98 -1.17
CA GLN C 336 17.99 8.14 -1.71
C GLN C 336 17.03 9.05 -2.45
N ALA C 337 17.16 10.35 -2.22
CA ALA C 337 16.30 11.35 -2.86
C ALA C 337 16.45 11.37 -4.39
N ASP C 338 17.66 11.09 -4.86
CA ASP C 338 17.94 11.00 -6.28
C ASP C 338 17.56 9.61 -6.82
N PRO C 339 16.55 9.55 -7.71
CA PRO C 339 16.10 8.25 -8.21
C PRO C 339 17.17 7.49 -9.02
N GLN C 340 18.19 8.21 -9.49
CA GLN C 340 19.32 7.58 -10.20
C GLN C 340 20.32 6.90 -9.26
N GLU C 341 20.34 7.33 -8.00
N GLU C 341 20.34 7.33 -8.00
CA GLU C 341 21.24 6.74 -7.01
CA GLU C 341 21.22 6.74 -6.99
C GLU C 341 20.54 5.58 -6.30
C GLU C 341 20.51 5.59 -6.30
N CYS C 342 20.23 4.54 -7.06
CA CYS C 342 19.36 3.45 -6.61
C CYS C 342 20.04 2.10 -6.36
N SER C 343 21.37 2.06 -6.27
CA SER C 343 22.06 0.76 -6.10
C SER C 343 21.65 0.00 -4.84
N GLY C 344 21.18 0.72 -3.82
CA GLY C 344 20.77 0.10 -2.56
C GLY C 344 19.28 0.17 -2.23
N THR C 345 18.46 0.50 -3.22
CA THR C 345 17.02 0.70 -2.97
C THR C 345 16.16 -0.43 -3.54
N SER C 346 14.92 -0.49 -3.08
CA SER C 346 13.96 -1.47 -3.61
C SER C 346 13.68 -1.23 -5.11
N LEU C 347 13.73 0.03 -5.54
CA LEU C 347 13.57 0.32 -6.98
C LEU C 347 14.80 -0.09 -7.78
N GLY C 348 15.99 0.03 -7.19
CA GLY C 348 17.21 -0.51 -7.80
C GLY C 348 17.10 -2.02 -7.99
N LEU C 349 16.54 -2.70 -7.00
CA LEU C 349 16.27 -4.13 -7.10
C LEU C 349 15.36 -4.42 -8.29
N LEU C 350 14.24 -3.70 -8.37
CA LEU C 350 13.26 -3.93 -9.45
C LEU C 350 13.86 -3.68 -10.83
N LYS C 351 14.64 -2.61 -10.96
CA LYS C 351 15.35 -2.30 -12.21
C LYS C 351 16.29 -3.44 -12.60
N SER C 352 17.04 -3.96 -11.63
CA SER C 352 17.96 -5.08 -11.89
C SER C 352 17.22 -6.36 -12.29
N LEU C 353 15.96 -6.51 -11.87
CA LEU C 353 15.18 -7.68 -12.27
C LEU C 353 14.88 -7.70 -13.77
N ILE C 354 14.86 -6.51 -14.39
CA ILE C 354 14.69 -6.42 -15.84
C ILE C 354 15.87 -7.06 -16.56
N ASP C 355 17.09 -6.76 -16.10
CA ASP C 355 18.29 -7.42 -16.64
C ASP C 355 18.33 -8.92 -16.33
N ALA C 356 17.84 -9.32 -15.17
CA ALA C 356 17.77 -10.74 -14.81
C ALA C 356 16.89 -11.50 -15.80
N ILE C 357 15.74 -10.91 -16.12
CA ILE C 357 14.80 -11.52 -17.09
C ILE C 357 15.51 -11.69 -18.45
N GLN C 358 16.30 -10.68 -18.81
CA GLN C 358 16.97 -10.62 -20.10
C GLN C 358 18.37 -11.27 -20.14
N HIS C 359 18.77 -11.95 -19.07
CA HIS C 359 20.19 -12.34 -18.92
C HIS C 359 20.70 -13.26 -20.02
N GLN C 360 19.82 -14.08 -20.62
CA GLN C 360 20.25 -14.99 -21.68
C GLN C 360 20.64 -14.26 -22.97
N GLU C 361 20.31 -12.96 -23.04
CA GLU C 361 20.63 -12.14 -24.22
C GLU C 361 22.00 -11.44 -24.13
N LEU C 362 22.65 -11.53 -22.97
CA LEU C 362 24.00 -10.97 -22.81
C LEU C 362 24.99 -11.67 -23.73
N PRO C 363 26.02 -10.95 -24.21
CA PRO C 363 27.04 -11.62 -25.01
C PRO C 363 27.76 -12.65 -24.15
N SER C 364 28.19 -13.75 -24.76
CA SER C 364 28.76 -14.87 -24.03
C SER C 364 30.03 -14.48 -23.27
N ASP C 365 30.21 -15.09 -22.10
CA ASP C 365 31.38 -14.88 -21.26
C ASP C 365 31.57 -16.12 -20.39
N PRO C 366 32.66 -16.88 -20.64
CA PRO C 366 32.94 -18.09 -19.86
C PRO C 366 33.29 -17.80 -18.40
N ASN C 367 33.65 -16.56 -18.10
CA ASN C 367 33.96 -16.12 -16.73
C ASN C 367 32.73 -15.68 -15.93
N ARG C 368 31.58 -15.60 -16.60
CA ARG C 368 30.34 -15.12 -15.99
C ARG C 368 29.31 -16.25 -15.93
N SER C 369 28.78 -16.51 -14.73
CA SER C 369 27.70 -17.48 -14.54
C SER C 369 26.42 -16.74 -14.18
N PRO C 370 25.29 -17.13 -14.79
CA PRO C 370 24.02 -16.54 -14.35
C PRO C 370 23.74 -16.88 -12.89
N GLY C 371 23.24 -15.89 -12.14
CA GLY C 371 22.92 -16.08 -10.73
C GLY C 371 21.58 -16.75 -10.51
N TYR C 372 21.24 -17.00 -9.26
CA TYR C 372 19.98 -17.67 -8.95
C TYR C 372 18.76 -16.90 -9.47
N VAL C 373 18.71 -15.59 -9.18
CA VAL C 373 17.58 -14.77 -9.62
C VAL C 373 17.46 -14.74 -11.16
N ASP C 374 18.58 -14.53 -11.86
CA ASP C 374 18.64 -14.64 -13.33
C ASP C 374 17.87 -15.86 -13.85
N ARG C 375 18.16 -17.02 -13.27
CA ARG C 375 17.64 -18.30 -13.76
C ARG C 375 16.19 -18.57 -13.34
N ASN C 376 15.66 -17.73 -12.46
CA ASN C 376 14.38 -18.01 -11.81
C ASN C 376 13.31 -16.92 -11.82
N ILE C 377 13.51 -15.89 -12.64
CA ILE C 377 12.49 -14.86 -12.83
C ILE C 377 11.95 -14.91 -14.27
N VAL C 378 10.63 -14.95 -14.41
CA VAL C 378 10.01 -15.00 -15.74
C VAL C 378 9.02 -13.86 -16.00
N GLY C 379 8.92 -12.95 -15.04
CA GLY C 379 8.01 -11.83 -15.19
C GLY C 379 8.14 -10.81 -14.09
N LEU C 380 7.91 -9.55 -14.44
CA LEU C 380 7.93 -8.46 -13.48
C LEU C 380 6.75 -7.56 -13.78
N HIS C 381 5.98 -7.23 -12.74
CA HIS C 381 4.83 -6.33 -12.83
C HIS C 381 4.96 -5.21 -11.84
N VAL C 382 4.97 -3.97 -12.34
CA VAL C 382 5.19 -2.82 -11.45
C VAL C 382 4.00 -1.87 -11.54
N TYR C 383 3.42 -1.58 -10.37
CA TYR C 383 2.37 -0.59 -10.22
C TYR C 383 2.80 0.41 -9.15
N HIS C 384 2.05 1.50 -8.99
CA HIS C 384 2.33 2.48 -7.94
C HIS C 384 2.40 1.80 -6.57
N ASN C 385 3.58 1.86 -5.95
CA ASN C 385 3.83 1.29 -4.61
C ASN C 385 3.57 -0.21 -4.41
N VAL C 386 3.49 -0.98 -5.49
CA VAL C 386 3.41 -2.45 -5.39
C VAL C 386 3.96 -3.14 -6.64
N ALA C 387 4.80 -4.15 -6.43
CA ALA C 387 5.37 -4.90 -7.57
C ALA C 387 5.25 -6.40 -7.36
N PHE C 388 5.06 -7.13 -8.46
CA PHE C 388 4.83 -8.58 -8.44
C PHE C 388 5.90 -9.24 -9.28
N VAL C 389 6.62 -10.18 -8.68
CA VAL C 389 7.71 -10.89 -9.37
C VAL C 389 7.29 -12.34 -9.60
N GLU C 390 7.35 -12.79 -10.85
CA GLU C 390 6.95 -14.17 -11.18
C GLU C 390 8.15 -15.12 -11.14
N LYS C 391 8.05 -16.13 -10.28
CA LYS C 391 9.06 -17.19 -10.11
C LYS C 391 8.81 -18.30 -11.14
N GLY C 392 9.87 -18.69 -11.85
CA GLY C 392 9.76 -19.78 -12.80
C GLY C 392 11.09 -20.00 -13.47
N ARG C 393 11.19 -21.07 -14.27
N ARG C 393 11.17 -21.05 -14.28
CA ARG C 393 12.45 -21.36 -14.95
CA ARG C 393 12.41 -21.36 -14.96
C ARG C 393 12.65 -20.40 -16.12
C ARG C 393 12.65 -20.40 -16.13
N ASN C 394 13.67 -19.56 -16.00
CA ASN C 394 14.01 -18.60 -17.07
C ASN C 394 15.07 -19.22 -17.97
N ASP C 395 14.62 -20.10 -18.86
CA ASP C 395 15.53 -20.85 -19.74
C ASP C 395 14.91 -21.06 -21.12
N GLU C 396 14.49 -19.95 -21.73
CA GLU C 396 13.85 -20.00 -23.06
C GLU C 396 14.88 -20.08 -24.18
N GLY C 397 16.09 -19.60 -23.90
CA GLY C 397 17.15 -19.52 -24.90
C GLY C 397 17.30 -18.08 -25.36
N GLY C 398 18.55 -17.63 -25.42
CA GLY C 398 18.84 -16.32 -25.99
C GLY C 398 18.77 -16.40 -27.51
N ILE C 399 18.80 -15.24 -28.16
CA ILE C 399 18.86 -15.17 -29.61
C ILE C 399 20.10 -15.91 -30.09
N PRO C 400 19.93 -16.89 -31.00
CA PRO C 400 21.06 -17.71 -31.46
C PRO C 400 22.13 -16.91 -32.20
N THR C 401 23.35 -17.45 -32.23
CA THR C 401 24.48 -16.74 -32.84
C THR C 401 24.32 -16.48 -34.34
N TRP C 402 23.50 -17.30 -35.01
CA TRP C 402 23.28 -17.14 -36.44
C TRP C 402 22.29 -16.02 -36.81
N ILE C 403 21.68 -15.39 -35.82
CA ILE C 403 20.93 -14.15 -36.05
C ILE C 403 21.95 -12.99 -36.00
N PRO C 404 22.05 -12.20 -37.09
CA PRO C 404 23.01 -11.09 -37.15
C PRO C 404 22.87 -10.09 -36.00
N ARG C 405 24.00 -9.52 -35.59
CA ARG C 405 24.02 -8.63 -34.42
C ARG C 405 24.13 -7.15 -34.80
N ASP C 406 23.77 -6.84 -36.05
CA ASP C 406 23.65 -5.44 -36.49
C ASP C 406 22.48 -5.34 -37.45
N PHE C 407 21.87 -4.15 -37.52
CA PHE C 407 20.64 -3.96 -38.29
C PHE C 407 20.74 -4.32 -39.77
N GLU C 408 21.71 -3.73 -40.48
N GLU C 408 21.71 -3.75 -40.48
CA GLU C 408 21.86 -4.00 -41.91
CA GLU C 408 21.83 -3.99 -41.92
C GLU C 408 22.02 -5.48 -42.21
C GLU C 408 22.06 -5.47 -42.25
N SER C 409 22.86 -6.16 -41.43
CA SER C 409 23.09 -7.61 -41.61
C SER C 409 21.82 -8.43 -41.37
N LEU C 410 21.04 -8.01 -40.39
CA LEU C 410 19.75 -8.64 -40.12
C LEU C 410 18.79 -8.45 -41.29
N VAL C 411 18.72 -7.23 -41.82
CA VAL C 411 17.86 -6.93 -42.97
C VAL C 411 18.23 -7.81 -44.16
N GLN C 412 19.52 -7.89 -44.47
CA GLN C 412 19.99 -8.69 -45.59
C GLN C 412 19.73 -10.19 -45.41
N ALA C 413 19.95 -10.69 -44.20
CA ALA C 413 19.68 -12.10 -43.88
C ALA C 413 18.20 -12.45 -43.94
N SER C 414 17.33 -11.45 -43.73
CA SER C 414 15.89 -11.69 -43.61
C SER C 414 15.10 -11.38 -44.88
N SER C 415 15.78 -10.99 -45.95
CA SER C 415 15.12 -10.50 -47.17
C SER C 415 15.13 -11.47 -48.35
N GLY C 416 15.63 -12.69 -48.12
CA GLY C 416 15.62 -13.75 -49.13
C GLY C 416 16.32 -13.47 -50.45
N GLY C 417 17.28 -12.55 -50.43
CA GLY C 417 18.05 -12.22 -51.64
C GLY C 417 17.63 -10.95 -52.34
N ALA C 418 16.58 -10.30 -51.84
CA ALA C 418 16.08 -9.05 -52.42
C ALA C 418 16.87 -7.83 -51.94
N GLU D 26 -35.72 14.58 -14.49
CA GLU D 26 -35.00 15.53 -15.40
C GLU D 26 -34.57 14.85 -16.70
N PHE D 27 -34.34 13.54 -16.64
CA PHE D 27 -33.70 12.83 -17.75
C PHE D 27 -34.65 12.04 -18.63
N ASP D 28 -34.76 12.51 -19.87
CA ASP D 28 -35.56 11.91 -20.91
C ASP D 28 -35.08 10.49 -21.22
N GLU D 29 -35.99 9.53 -21.26
CA GLU D 29 -35.65 8.11 -21.47
C GLU D 29 -34.89 7.85 -22.77
N ALA D 30 -35.36 8.45 -23.87
CA ALA D 30 -34.67 8.36 -25.17
C ALA D 30 -33.25 8.88 -25.08
N THR D 31 -33.07 9.97 -24.33
CA THR D 31 -31.76 10.57 -24.11
C THR D 31 -30.84 9.63 -23.32
N VAL D 32 -31.37 9.04 -22.24
CA VAL D 32 -30.58 8.10 -21.42
C VAL D 32 -30.09 6.93 -22.26
N GLN D 33 -31.00 6.33 -23.03
CA GLN D 33 -30.66 5.20 -23.88
C GLN D 33 -29.64 5.59 -24.96
N ASP D 34 -29.74 6.81 -25.47
CA ASP D 34 -28.78 7.29 -26.48
C ASP D 34 -27.38 7.50 -25.86
N VAL D 35 -27.35 8.03 -24.65
CA VAL D 35 -26.08 8.19 -23.91
C VAL D 35 -25.41 6.82 -23.69
N VAL D 36 -26.20 5.83 -23.28
CA VAL D 36 -25.66 4.47 -23.06
C VAL D 36 -25.16 3.85 -24.36
N ARG D 37 -25.90 4.07 -25.44
N ARG D 37 -25.91 4.05 -25.45
CA ARG D 37 -25.58 3.57 -26.77
CA ARG D 37 -25.52 3.54 -26.76
C ARG D 37 -24.24 4.11 -27.29
C ARG D 37 -24.16 4.09 -27.17
N LEU D 38 -24.02 5.41 -27.13
CA LEU D 38 -22.78 6.06 -27.54
C LEU D 38 -21.62 5.78 -26.60
N ALA D 39 -21.92 5.69 -25.30
CA ALA D 39 -20.90 5.38 -24.30
C ALA D 39 -20.26 4.02 -24.53
N GLY D 40 -21.01 3.14 -25.18
CA GLY D 40 -20.52 1.81 -25.54
C GLY D 40 -19.57 1.78 -26.73
N GLY D 41 -19.41 2.91 -27.42
CA GLY D 41 -18.58 2.97 -28.62
C GLY D 41 -17.10 3.22 -28.36
N HIS D 42 -16.42 3.69 -29.41
CA HIS D 42 -14.99 4.02 -29.35
C HIS D 42 -14.85 5.52 -29.09
N ASP D 43 -13.64 6.04 -29.26
CA ASP D 43 -13.37 7.47 -28.99
C ASP D 43 -14.28 8.41 -29.79
N SER D 44 -14.51 8.08 -31.06
CA SER D 44 -15.39 8.90 -31.91
C SER D 44 -16.83 9.01 -31.37
N GLU D 45 -17.36 7.93 -30.80
CA GLU D 45 -18.72 7.94 -30.23
C GLU D 45 -18.78 8.75 -28.93
N LEU D 46 -17.74 8.64 -28.11
CA LEU D 46 -17.65 9.43 -26.87
C LEU D 46 -17.54 10.92 -27.15
N ARG D 47 -16.77 11.28 -28.17
CA ARG D 47 -16.68 12.67 -28.62
C ARG D 47 -18.03 13.16 -29.17
N GLU D 48 -18.66 12.32 -29.99
CA GLU D 48 -19.99 12.63 -30.52
C GLU D 48 -21.00 12.90 -29.39
N LEU D 49 -20.97 12.07 -28.37
CA LEU D 49 -21.88 12.16 -27.22
C LEU D 49 -21.75 13.52 -26.54
N THR D 50 -20.52 13.89 -26.19
CA THR D 50 -20.25 15.10 -25.43
C THR D 50 -20.37 16.36 -26.28
N GLN D 51 -20.52 16.19 -27.60
CA GLN D 51 -20.81 17.29 -28.52
C GLN D 51 -22.31 17.45 -28.73
N LYS D 52 -23.02 16.32 -28.69
CA LYS D 52 -24.46 16.23 -28.96
C LYS D 52 -25.29 16.76 -27.79
N TYR D 53 -24.82 16.51 -26.57
CA TYR D 53 -25.54 16.89 -25.37
C TYR D 53 -24.71 17.85 -24.51
N ASP D 54 -25.40 18.63 -23.69
CA ASP D 54 -24.75 19.55 -22.75
C ASP D 54 -23.95 18.77 -21.71
N PRO D 55 -22.62 18.99 -21.64
CA PRO D 55 -21.79 18.23 -20.70
C PRO D 55 -22.23 18.37 -19.23
N ALA D 56 -22.76 19.53 -18.85
CA ALA D 56 -23.29 19.75 -17.50
C ALA D 56 -24.45 18.79 -17.20
N MET D 57 -25.33 18.63 -18.19
CA MET D 57 -26.45 17.70 -18.09
C MET D 57 -25.97 16.25 -18.02
N ILE D 58 -24.99 15.89 -18.84
CA ILE D 58 -24.41 14.53 -18.82
C ILE D 58 -23.84 14.23 -17.44
N SER D 59 -23.15 15.20 -16.85
N SER D 59 -23.14 15.21 -16.86
CA SER D 59 -22.55 15.03 -15.53
CA SER D 59 -22.54 15.11 -15.53
C SER D 59 -23.59 14.80 -14.43
C SER D 59 -23.59 14.80 -14.46
N ARG D 60 -24.71 15.53 -14.50
CA ARG D 60 -25.82 15.31 -13.56
C ARG D 60 -26.41 13.91 -13.75
N LEU D 61 -26.56 13.49 -15.00
CA LEU D 61 -27.06 12.16 -15.33
C LEU D 61 -26.15 11.08 -14.73
N LEU D 62 -24.84 11.26 -14.85
CA LEU D 62 -23.88 10.29 -14.32
C LEU D 62 -23.90 10.25 -12.80
N VAL D 63 -24.07 11.42 -12.16
CA VAL D 63 -24.17 11.48 -10.70
C VAL D 63 -25.43 10.74 -10.22
N ALA D 64 -26.55 10.95 -10.90
CA ALA D 64 -27.79 10.23 -10.59
C ALA D 64 -27.60 8.72 -10.65
N GLU D 65 -26.86 8.25 -11.66
CA GLU D 65 -26.55 6.83 -11.80
C GLU D 65 -25.66 6.34 -10.67
N ILE D 66 -24.60 7.10 -10.39
CA ILE D 66 -23.64 6.76 -9.34
C ILE D 66 -24.34 6.58 -7.98
N LEU D 67 -25.25 7.49 -7.66
CA LEU D 67 -25.96 7.45 -6.38
C LEU D 67 -26.73 6.15 -6.17
N SER D 68 -27.29 5.60 -7.26
CA SER D 68 -28.02 4.34 -7.19
C SER D 68 -27.09 3.12 -7.13
N ARG D 69 -25.85 3.28 -7.62
CA ARG D 69 -24.87 2.19 -7.66
C ARG D 69 -24.09 2.02 -6.37
N CYS D 70 -23.93 3.10 -5.62
CA CYS D 70 -23.18 3.06 -4.38
C CYS D 70 -23.74 2.02 -3.41
N PRO D 71 -22.86 1.21 -2.80
CA PRO D 71 -23.25 0.31 -1.73
C PRO D 71 -23.56 1.10 -0.47
N PRO D 72 -24.21 0.46 0.52
CA PRO D 72 -24.42 1.13 1.81
C PRO D 72 -23.09 1.52 2.45
N PRO D 73 -22.97 2.79 2.88
CA PRO D 73 -21.75 3.28 3.53
C PRO D 73 -21.57 2.61 4.90
N SER D 74 -20.32 2.39 5.30
CA SER D 74 -20.06 1.72 6.57
C SER D 74 -19.45 2.63 7.64
N ASN D 75 -19.10 3.86 7.26
CA ASN D 75 -18.49 4.81 8.19
C ASN D 75 -19.48 5.43 9.17
N ASP D 76 -19.10 5.45 10.45
CA ASP D 76 -19.92 6.04 11.51
C ASP D 76 -19.85 7.57 11.48
N THR D 77 -18.65 8.09 11.26
CA THR D 77 -18.44 9.54 11.18
C THR D 77 -18.79 10.03 9.77
N PRO D 78 -19.72 10.99 9.67
CA PRO D 78 -20.10 11.54 8.35
C PRO D 78 -18.95 12.28 7.68
N VAL D 79 -18.76 12.01 6.38
N VAL D 79 -18.77 12.03 6.38
CA VAL D 79 -17.73 12.66 5.59
CA VAL D 79 -17.69 12.65 5.61
C VAL D 79 -18.32 13.15 4.28
C VAL D 79 -18.19 13.00 4.20
N LEU D 80 -17.59 14.02 3.60
CA LEU D 80 -17.91 14.41 2.23
C LEU D 80 -16.86 13.86 1.29
N VAL D 81 -17.31 13.31 0.17
CA VAL D 81 -16.43 12.98 -0.94
C VAL D 81 -16.80 13.94 -2.07
N GLU D 82 -15.83 14.75 -2.49
CA GLU D 82 -16.04 15.62 -3.63
C GLU D 82 -15.78 14.82 -4.89
N LEU D 83 -16.77 14.80 -5.78
CA LEU D 83 -16.61 14.20 -7.10
C LEU D 83 -16.58 15.34 -8.11
N ALA D 84 -15.45 15.48 -8.80
CA ALA D 84 -15.26 16.54 -9.77
C ALA D 84 -15.18 15.93 -11.15
N ILE D 85 -16.13 16.31 -12.00
CA ILE D 85 -16.19 15.77 -13.35
C ILE D 85 -15.74 16.86 -14.32
N VAL D 86 -14.68 16.55 -15.07
CA VAL D 86 -14.02 17.54 -15.92
C VAL D 86 -14.27 17.28 -17.41
N HIS D 87 -14.63 18.33 -18.12
CA HIS D 87 -14.72 18.28 -19.58
C HIS D 87 -14.33 19.61 -20.20
N GLY D 88 -13.26 19.60 -20.98
CA GLY D 88 -12.74 20.84 -21.58
C GLY D 88 -12.27 21.76 -20.48
N SER D 89 -12.71 23.01 -20.52
CA SER D 89 -12.34 23.98 -19.48
C SER D 89 -13.35 23.99 -18.32
N GLU D 90 -14.35 23.11 -18.39
CA GLU D 90 -15.41 23.03 -17.38
C GLU D 90 -15.12 21.99 -16.29
N ARG D 91 -15.51 22.32 -15.06
CA ARG D 91 -15.33 21.44 -13.91
C ARG D 91 -16.61 21.39 -13.07
N PHE D 92 -17.29 20.25 -13.13
CA PHE D 92 -18.56 20.09 -12.42
C PHE D 92 -18.34 19.41 -11.08
N ARG D 93 -18.56 20.17 -10.01
CA ARG D 93 -18.22 19.72 -8.67
C ARG D 93 -19.45 19.25 -7.91
N HIS D 94 -19.37 18.03 -7.38
CA HIS D 94 -20.48 17.43 -6.63
C HIS D 94 -19.97 16.96 -5.28
N PHE D 95 -20.59 17.45 -4.22
CA PHE D 95 -20.18 17.11 -2.85
C PHE D 95 -21.13 16.09 -2.25
N LEU D 96 -20.60 14.89 -2.04
CA LEU D 96 -21.42 13.76 -1.63
C LEU D 96 -21.25 13.45 -0.16
N ARG D 97 -22.37 13.44 0.56
CA ARG D 97 -22.39 13.10 1.98
C ARG D 97 -22.49 11.59 2.17
N VAL D 98 -21.50 11.03 2.86
CA VAL D 98 -21.41 9.59 3.04
C VAL D 98 -21.39 9.25 4.54
N VAL D 99 -22.41 8.51 4.98
CA VAL D 99 -22.53 8.08 6.36
C VAL D 99 -23.41 6.83 6.44
N ARG D 100 -23.09 5.93 7.37
CA ARG D 100 -23.83 4.69 7.57
C ARG D 100 -25.31 4.93 7.87
N ASP D 101 -26.17 4.10 7.28
CA ASP D 101 -27.62 4.11 7.48
C ASP D 101 -28.36 5.25 6.76
N SER D 102 -27.67 5.88 5.81
CA SER D 102 -28.26 6.93 4.97
C SER D 102 -27.82 6.72 3.52
N PRO D 103 -28.72 7.03 2.56
CA PRO D 103 -28.26 7.03 1.17
C PRO D 103 -27.27 8.17 0.92
N ILE D 104 -26.29 7.92 0.06
CA ILE D 104 -25.36 8.96 -0.34
C ILE D 104 -26.14 10.02 -1.13
N ARG D 105 -25.98 11.28 -0.75
CA ARG D 105 -26.71 12.36 -1.41
C ARG D 105 -25.86 13.61 -1.58
N PRO D 106 -26.13 14.42 -2.61
CA PRO D 106 -25.37 15.66 -2.83
C PRO D 106 -25.76 16.74 -1.83
N VAL D 107 -24.75 17.40 -1.27
CA VAL D 107 -24.94 18.50 -0.31
C VAL D 107 -24.09 19.70 -0.73
N GLY D 108 -24.23 20.81 0.01
CA GLY D 108 -23.37 21.97 -0.17
C GLY D 108 -21.94 21.70 0.27
N ALA D 109 -21.00 22.40 -0.34
CA ALA D 109 -19.57 22.26 -0.02
C ALA D 109 -19.24 22.51 1.46
N ASP D 110 -20.04 23.35 2.11
CA ASP D 110 -19.80 23.76 3.49
C ASP D 110 -20.49 22.86 4.53
N GLU D 111 -21.15 21.80 4.07
CA GLU D 111 -21.96 20.94 4.93
C GLU D 111 -21.22 19.73 5.52
N GLY D 112 -19.90 19.84 5.64
CA GLY D 112 -19.10 18.77 6.24
C GLY D 112 -17.63 18.79 5.88
N PHE D 113 -16.88 17.82 6.42
CA PHE D 113 -15.45 17.69 6.15
C PHE D 113 -15.23 16.89 4.87
N VAL D 114 -14.48 17.47 3.93
CA VAL D 114 -14.18 16.80 2.66
C VAL D 114 -12.99 15.85 2.87
N GLY D 115 -13.28 14.55 2.91
CA GLY D 115 -12.24 13.55 3.16
C GLY D 115 -11.38 13.22 1.95
N MET D 116 -11.96 13.41 0.77
CA MET D 116 -11.34 12.97 -0.49
C MET D 116 -11.91 13.75 -1.66
N LEU D 117 -11.03 14.11 -2.60
CA LEU D 117 -11.44 14.62 -3.90
C LEU D 117 -11.17 13.55 -4.96
N VAL D 118 -12.23 13.12 -5.65
CA VAL D 118 -12.13 12.17 -6.75
C VAL D 118 -12.38 12.94 -8.05
N GLU D 119 -11.43 12.85 -8.98
N GLU D 119 -11.44 12.85 -8.99
CA GLU D 119 -11.52 13.54 -10.27
CA GLU D 119 -11.55 13.56 -10.26
C GLU D 119 -11.67 12.55 -11.42
C GLU D 119 -11.62 12.61 -11.45
N TYR D 120 -12.71 12.75 -12.22
CA TYR D 120 -12.92 11.98 -13.44
C TYR D 120 -13.03 12.93 -14.61
N GLU D 121 -12.43 12.57 -15.74
N GLU D 121 -12.43 12.55 -15.73
CA GLU D 121 -12.76 13.21 -17.00
CA GLU D 121 -12.71 13.15 -17.03
C GLU D 121 -14.10 12.65 -17.40
C GLU D 121 -14.09 12.63 -17.43
N LEU D 122 -14.94 13.48 -18.00
CA LEU D 122 -16.32 13.10 -18.36
C LEU D 122 -16.40 11.85 -19.23
N THR D 123 -15.56 11.77 -20.26
CA THR D 123 -15.59 10.63 -21.17
C THR D 123 -15.10 9.35 -20.49
N GLU D 124 -14.18 9.49 -19.53
CA GLU D 124 -13.72 8.32 -18.77
C GLU D 124 -14.81 7.79 -17.85
N LEU D 125 -15.57 8.69 -17.22
CA LEU D 125 -16.65 8.25 -16.34
C LEU D 125 -17.79 7.60 -17.14
N LEU D 126 -18.02 8.11 -18.35
CA LEU D 126 -18.98 7.48 -19.26
C LEU D 126 -18.58 6.05 -19.59
N ARG D 127 -17.31 5.85 -19.95
CA ARG D 127 -16.79 4.51 -20.23
C ARG D 127 -16.95 3.59 -19.03
N GLU D 128 -16.62 4.10 -17.84
CA GLU D 128 -16.61 3.28 -16.62
C GLU D 128 -18.01 2.83 -16.18
N LEU D 129 -18.99 3.70 -16.38
CA LEU D 129 -20.37 3.40 -15.97
C LEU D 129 -21.18 2.69 -17.06
N PHE D 130 -21.06 3.18 -18.30
CA PHE D 130 -21.95 2.75 -19.39
C PHE D 130 -21.20 2.19 -20.61
N GLY D 131 -19.89 2.02 -20.50
CA GLY D 131 -19.09 1.57 -21.63
C GLY D 131 -19.05 0.07 -21.83
N VAL D 132 -18.54 -0.33 -23.00
CA VAL D 132 -18.15 -1.71 -23.26
C VAL D 132 -16.65 -1.70 -23.04
N THR D 133 -16.24 -2.14 -21.87
CA THR D 133 -14.87 -1.95 -21.44
C THR D 133 -14.31 -3.18 -20.69
N HIS D 134 -13.01 -3.38 -20.80
CA HIS D 134 -12.27 -4.31 -19.97
C HIS D 134 -12.15 -3.75 -18.56
N GLU D 135 -11.82 -4.61 -17.58
CA GLU D 135 -11.57 -4.18 -16.21
C GLU D 135 -10.25 -3.39 -16.16
N ARG D 136 -10.31 -2.20 -15.59
CA ARG D 136 -9.13 -1.34 -15.53
C ARG D 136 -8.75 -1.13 -14.07
N PRO D 137 -7.68 -1.80 -13.61
CA PRO D 137 -7.35 -1.81 -12.19
C PRO D 137 -6.70 -0.50 -11.68
N ALA D 138 -6.32 0.38 -12.60
CA ALA D 138 -5.76 1.67 -12.24
C ALA D 138 -5.96 2.66 -13.39
N GLY D 139 -5.61 3.93 -13.16
CA GLY D 139 -5.56 4.92 -14.25
C GLY D 139 -6.88 5.47 -14.78
N VAL D 140 -7.98 5.27 -14.07
CA VAL D 140 -9.29 5.75 -14.56
C VAL D 140 -9.72 7.11 -14.01
N ARG D 141 -8.98 7.60 -13.02
N ARG D 141 -8.97 7.62 -13.03
CA ARG D 141 -9.39 8.74 -12.19
CA ARG D 141 -9.36 8.82 -12.30
C ARG D 141 -8.15 9.33 -11.53
C ARG D 141 -8.13 9.37 -11.59
N GLY D 142 -8.35 10.44 -10.81
CA GLY D 142 -7.32 11.01 -9.95
C GLY D 142 -7.92 11.13 -8.56
N THR D 143 -7.08 11.01 -7.53
CA THR D 143 -7.54 11.08 -6.14
C THR D 143 -6.62 11.97 -5.31
N LYS D 144 -7.23 12.89 -4.58
CA LYS D 144 -6.50 13.83 -3.73
C LYS D 144 -7.11 13.79 -2.34
N LEU D 145 -6.43 13.11 -1.42
CA LEU D 145 -6.92 12.94 -0.05
C LEU D 145 -6.90 14.26 0.73
N PHE D 146 -7.81 14.41 1.70
CA PHE D 146 -7.92 15.62 2.52
C PHE D 146 -7.59 16.88 1.70
N PRO D 147 -8.32 17.11 0.59
CA PRO D 147 -7.91 18.10 -0.40
C PRO D 147 -7.86 19.55 0.09
N TYR D 148 -8.59 19.86 1.16
CA TYR D 148 -8.64 21.23 1.69
C TYR D 148 -8.12 21.36 3.12
N LEU D 149 -7.45 20.32 3.60
CA LEU D 149 -6.88 20.34 4.94
C LEU D 149 -5.61 21.18 4.94
N THR D 150 -5.63 22.28 5.69
CA THR D 150 -4.47 23.15 5.84
C THR D 150 -3.37 22.44 6.62
N ASP D 151 -2.16 22.48 6.08
CA ASP D 151 -0.99 21.91 6.75
C ASP D 151 -0.51 22.83 7.88
N ASP D 152 -1.12 22.69 9.05
CA ASP D 152 -0.71 23.42 10.25
C ASP D 152 -0.91 22.60 11.53
N GLU D 153 -0.84 23.27 12.68
CA GLU D 153 -0.98 22.63 13.99
C GLU D 153 -2.36 21.99 14.25
N GLU D 154 -3.34 22.39 13.44
CA GLU D 154 -4.72 21.91 13.60
C GLU D 154 -5.01 20.64 12.80
N ALA D 155 -4.08 20.26 11.93
CA ALA D 155 -4.28 19.13 11.03
C ALA D 155 -4.35 17.77 11.74
N VAL D 156 -3.44 17.54 12.69
CA VAL D 156 -3.27 16.23 13.32
C VAL D 156 -4.55 15.68 13.98
N GLU D 157 -5.34 16.56 14.60
CA GLU D 157 -6.61 16.16 15.21
C GLU D 157 -7.64 15.79 14.15
N GLN D 158 -7.71 16.59 13.09
CA GLN D 158 -8.62 16.34 11.97
C GLN D 158 -8.32 15.00 11.31
N ILE D 159 -7.04 14.71 11.11
CA ILE D 159 -6.59 13.44 10.54
C ILE D 159 -7.08 12.27 11.40
N GLY D 160 -6.85 12.37 12.70
CA GLY D 160 -7.29 11.35 13.66
C GLY D 160 -8.79 11.06 13.60
N THR D 161 -9.59 12.12 13.51
CA THR D 161 -11.05 12.01 13.46
C THR D 161 -11.56 11.41 12.14
N TYR D 162 -10.93 11.77 11.03
CA TYR D 162 -11.50 11.49 9.71
C TYR D 162 -10.77 10.46 8.83
N LEU D 163 -9.67 9.89 9.33
CA LEU D 163 -8.87 8.97 8.51
C LEU D 163 -9.62 7.71 8.08
N LEU D 164 -10.22 7.01 9.04
CA LEU D 164 -10.95 5.78 8.76
C LEU D 164 -12.24 6.06 7.99
N ALA D 165 -12.97 7.08 8.43
CA ALA D 165 -14.21 7.49 7.78
C ALA D 165 -14.02 7.90 6.32
N ALA D 166 -12.93 8.62 6.03
CA ALA D 166 -12.62 9.04 4.66
C ALA D 166 -12.32 7.84 3.75
N GLN D 167 -11.58 6.86 4.27
CA GLN D 167 -11.26 5.64 3.55
C GLN D 167 -12.53 4.85 3.19
N GLN D 168 -13.37 4.60 4.19
CA GLN D 168 -14.61 3.86 4.01
C GLN D 168 -15.58 4.65 3.14
N GLY D 169 -15.64 5.96 3.33
CA GLY D 169 -16.47 6.85 2.52
C GLY D 169 -16.09 6.85 1.05
N THR D 170 -14.80 7.00 0.78
CA THR D 170 -14.26 6.93 -0.59
C THR D 170 -14.54 5.58 -1.26
N GLU D 171 -14.35 4.49 -0.51
CA GLU D 171 -14.56 3.13 -1.02
C GLU D 171 -15.99 2.93 -1.51
N ALA D 172 -16.95 3.47 -0.77
CA ALA D 172 -18.38 3.41 -1.16
C ALA D 172 -18.63 4.17 -2.46
N VAL D 173 -18.12 5.39 -2.55
CA VAL D 173 -18.33 6.23 -3.74
C VAL D 173 -17.68 5.60 -4.98
N LEU D 174 -16.43 5.15 -4.84
CA LEU D 174 -15.71 4.56 -5.98
C LEU D 174 -16.37 3.30 -6.52
N ALA D 175 -16.91 2.48 -5.61
CA ALA D 175 -17.68 1.30 -6.01
C ALA D 175 -18.89 1.67 -6.89
N GLY D 176 -19.46 2.85 -6.65
CA GLY D 176 -20.57 3.36 -7.45
C GLY D 176 -20.16 4.00 -8.78
N CYS D 177 -18.85 4.17 -8.97
CA CYS D 177 -18.32 4.83 -10.16
C CYS D 177 -17.83 3.83 -11.22
N GLY D 178 -18.06 2.55 -10.96
CA GLY D 178 -17.66 1.48 -11.87
C GLY D 178 -18.78 0.55 -12.23
N SER D 179 -18.44 -0.56 -12.89
CA SER D 179 -19.41 -1.53 -13.39
C SER D 179 -19.12 -2.97 -12.93
N ARG D 180 -18.62 -3.12 -11.72
CA ARG D 180 -18.31 -4.43 -11.14
C ARG D 180 -19.58 -5.24 -10.94
N LYS D 181 -19.53 -6.54 -11.24
CA LYS D 181 -20.70 -7.41 -11.09
C LYS D 181 -21.09 -7.54 -9.62
N PRO D 182 -22.36 -7.25 -9.30
CA PRO D 182 -22.80 -7.45 -7.92
C PRO D 182 -23.18 -8.90 -7.64
N ASP D 183 -23.31 -9.21 -6.35
CA ASP D 183 -23.81 -10.48 -5.85
C ASP D 183 -25.33 -10.38 -5.79
N LEU D 184 -26.02 -11.15 -6.65
CA LEU D 184 -27.49 -11.08 -6.73
C LEU D 184 -28.18 -11.51 -5.44
N SER D 185 -27.59 -12.48 -4.76
CA SER D 185 -28.14 -12.97 -3.49
C SER D 185 -28.12 -11.88 -2.43
N GLU D 186 -27.01 -11.13 -2.39
CA GLU D 186 -26.87 -10.01 -1.46
C GLU D 186 -27.86 -8.89 -1.80
N LEU D 187 -28.02 -8.59 -3.10
CA LEU D 187 -28.96 -7.57 -3.55
C LEU D 187 -30.41 -7.88 -3.19
N SER D 188 -30.72 -9.17 -3.11
CA SER D 188 -32.05 -9.64 -2.75
C SER D 188 -32.39 -9.23 -1.32
N SER D 189 -31.41 -9.35 -0.44
CA SER D 189 -31.55 -8.88 0.94
C SER D 189 -31.57 -7.35 1.01
N ARG D 190 -30.74 -6.70 0.20
CA ARG D 190 -30.61 -5.24 0.23
C ARG D 190 -31.83 -4.50 -0.30
N TYR D 191 -32.41 -5.02 -1.39
CA TYR D 191 -33.56 -4.40 -2.04
C TYR D 191 -34.90 -5.00 -1.61
N PHE D 192 -34.85 -5.92 -0.65
CA PHE D 192 -36.05 -6.51 -0.03
C PHE D 192 -36.96 -7.22 -1.05
N THR D 193 -36.37 -8.14 -1.82
CA THR D 193 -37.13 -8.97 -2.72
C THR D 193 -36.90 -10.43 -2.33
N PRO D 194 -37.94 -11.28 -2.41
CA PRO D 194 -37.80 -12.65 -1.89
C PRO D 194 -37.15 -13.65 -2.87
N LYS D 195 -36.36 -13.17 -3.82
CA LYS D 195 -35.69 -14.05 -4.79
C LYS D 195 -34.70 -15.05 -4.17
N PHE D 196 -34.15 -14.70 -3.00
CA PHE D 196 -33.19 -15.57 -2.32
C PHE D 196 -33.24 -15.40 -0.81
N GLY D 197 -33.10 -16.50 -0.08
CA GLY D 197 -32.81 -16.41 1.36
C GLY D 197 -33.80 -17.04 2.33
N PHE D 198 -35.04 -17.24 1.89
CA PHE D 198 -36.07 -17.76 2.80
C PHE D 198 -37.07 -18.69 2.11
N LEU D 199 -37.93 -18.11 1.27
CA LEU D 199 -38.91 -18.88 0.53
C LEU D 199 -38.33 -19.48 -0.75
N HIS D 200 -37.37 -18.77 -1.33
CA HIS D 200 -36.85 -19.09 -2.67
C HIS D 200 -35.35 -19.01 -2.72
N TRP D 201 -34.76 -19.65 -3.73
CA TRP D 201 -33.32 -19.78 -3.84
C TRP D 201 -32.89 -19.57 -5.30
N PHE D 202 -33.48 -18.56 -5.94
CA PHE D 202 -33.41 -18.33 -7.40
C PHE D 202 -32.14 -17.68 -7.92
N THR D 203 -31.56 -16.76 -7.12
CA THR D 203 -30.50 -15.88 -7.61
C THR D 203 -29.25 -16.55 -8.21
N PRO D 204 -28.83 -17.73 -7.70
CA PRO D 204 -27.71 -18.40 -8.37
C PRO D 204 -28.02 -18.82 -9.82
N HIS D 205 -29.27 -19.21 -10.09
CA HIS D 205 -29.70 -19.52 -11.45
C HIS D 205 -29.81 -18.28 -12.32
N TYR D 206 -30.37 -17.22 -11.74
CA TYR D 206 -30.42 -15.92 -12.43
C TYR D 206 -29.04 -15.43 -12.79
N ASP D 207 -28.09 -15.55 -11.86
CA ASP D 207 -26.72 -15.14 -12.13
C ASP D 207 -26.13 -15.95 -13.29
N ARG D 208 -26.29 -17.27 -13.25
CA ARG D 208 -25.75 -18.13 -14.29
C ARG D 208 -26.31 -17.80 -15.68
N HIS D 209 -27.62 -17.58 -15.73
CA HIS D 209 -28.29 -17.33 -17.02
C HIS D 209 -28.18 -15.89 -17.53
N PHE D 210 -27.96 -14.92 -16.64
CA PHE D 210 -27.98 -13.50 -17.01
C PHE D 210 -26.59 -12.85 -17.15
N ARG D 211 -25.58 -13.41 -16.48
CA ARG D 211 -24.29 -12.69 -16.35
C ARG D 211 -23.59 -12.40 -17.68
N ASP D 212 -23.75 -13.29 -18.66
CA ASP D 212 -23.14 -13.12 -19.99
C ASP D 212 -23.76 -11.96 -20.78
N TYR D 213 -24.89 -11.41 -20.33
CA TYR D 213 -25.56 -10.30 -21.01
C TYR D 213 -25.12 -8.93 -20.51
N ARG D 214 -24.25 -8.90 -19.50
CA ARG D 214 -24.00 -7.66 -18.75
C ARG D 214 -23.33 -6.51 -19.51
N ASN D 215 -22.64 -6.86 -20.60
N ASN D 215 -22.61 -6.79 -20.60
CA ASN D 215 -21.99 -5.89 -21.49
CA ASN D 215 -22.05 -5.68 -21.36
C ASN D 215 -22.95 -5.23 -22.47
C ASN D 215 -22.95 -5.23 -22.51
N GLN D 216 -24.15 -5.79 -22.60
CA GLN D 216 -25.11 -5.40 -23.64
C GLN D 216 -26.13 -4.38 -23.15
N GLN D 217 -26.64 -3.57 -24.07
CA GLN D 217 -27.66 -2.58 -23.74
C GLN D 217 -29.03 -3.27 -23.70
N VAL D 218 -29.23 -4.13 -22.70
CA VAL D 218 -30.41 -4.99 -22.64
C VAL D 218 -31.70 -4.21 -22.38
N ARG D 219 -32.81 -4.77 -22.87
CA ARG D 219 -34.14 -4.35 -22.47
C ARG D 219 -34.75 -5.52 -21.72
N VAL D 220 -35.10 -5.27 -20.46
CA VAL D 220 -35.58 -6.31 -19.56
C VAL D 220 -36.99 -5.96 -19.12
N LEU D 221 -37.92 -6.89 -19.30
CA LEU D 221 -39.28 -6.69 -18.83
C LEU D 221 -39.62 -7.72 -17.75
N GLU D 222 -39.94 -7.25 -16.56
CA GLU D 222 -40.47 -8.14 -15.55
C GLU D 222 -41.95 -7.86 -15.27
N ILE D 223 -42.76 -8.91 -15.41
CA ILE D 223 -44.17 -8.88 -15.03
C ILE D 223 -44.27 -9.15 -13.54
N GLY D 224 -44.84 -8.19 -12.81
CA GLY D 224 -44.91 -8.27 -11.35
C GLY D 224 -43.85 -7.38 -10.71
N VAL D 225 -44.24 -6.14 -10.40
CA VAL D 225 -43.33 -5.18 -9.76
C VAL D 225 -43.20 -5.44 -8.26
N GLY D 226 -44.28 -5.94 -7.63
CA GLY D 226 -44.27 -6.24 -6.19
C GLY D 226 -45.11 -5.28 -5.38
N GLY D 227 -45.49 -5.69 -4.18
CA GLY D 227 -46.24 -4.83 -3.26
C GLY D 227 -47.75 -4.96 -3.36
N TYR D 228 -48.22 -5.54 -4.46
CA TYR D 228 -49.65 -5.71 -4.72
C TYR D 228 -50.39 -4.38 -4.53
N LYS D 229 -51.38 -4.35 -3.64
CA LYS D 229 -52.21 -3.17 -3.44
C LYS D 229 -51.61 -2.11 -2.49
N HIS D 230 -50.49 -2.42 -1.84
CA HIS D 230 -49.90 -1.46 -0.91
C HIS D 230 -49.38 -0.24 -1.67
N PRO D 231 -49.69 0.98 -1.18
CA PRO D 231 -49.33 2.21 -1.89
C PRO D 231 -47.84 2.49 -2.01
N GLU D 232 -47.02 1.89 -1.15
CA GLU D 232 -45.58 2.16 -1.15
C GLU D 232 -44.69 0.97 -1.54
N TRP D 233 -45.13 -0.24 -1.22
CA TRP D 233 -44.29 -1.43 -1.38
C TRP D 233 -44.03 -1.82 -2.83
N GLY D 234 -42.88 -2.46 -3.07
CA GLY D 234 -42.56 -3.05 -4.36
C GLY D 234 -41.35 -2.45 -5.07
N GLY D 235 -40.90 -3.11 -6.12
CA GLY D 235 -39.84 -2.58 -6.98
C GLY D 235 -38.46 -3.16 -6.73
N GLY D 236 -38.32 -3.95 -5.67
CA GLY D 236 -37.02 -4.51 -5.28
C GLY D 236 -36.31 -5.26 -6.40
N SER D 237 -37.04 -6.11 -7.11
CA SER D 237 -36.40 -6.89 -8.18
C SER D 237 -36.04 -6.05 -9.40
N LEU D 238 -36.81 -4.99 -9.66
CA LEU D 238 -36.43 -4.04 -10.72
C LEU D 238 -35.11 -3.33 -10.41
N ARG D 239 -34.93 -2.94 -9.14
N ARG D 239 -34.92 -2.95 -9.14
CA ARG D 239 -33.67 -2.35 -8.68
CA ARG D 239 -33.67 -2.33 -8.71
C ARG D 239 -32.54 -3.34 -8.86
C ARG D 239 -32.50 -3.33 -8.76
N MET D 240 -32.82 -4.61 -8.53
CA MET D 240 -31.85 -5.69 -8.68
C MET D 240 -31.32 -5.78 -10.12
N TRP D 241 -32.22 -5.78 -11.10
CA TRP D 241 -31.84 -5.86 -12.52
C TRP D 241 -31.08 -4.62 -13.01
N LYS D 242 -31.52 -3.45 -12.56
CA LYS D 242 -30.82 -2.20 -12.86
C LYS D 242 -29.35 -2.25 -12.38
N SER D 243 -29.16 -2.74 -11.15
N SER D 243 -29.15 -2.73 -11.16
CA SER D 243 -27.83 -2.90 -10.57
CA SER D 243 -27.81 -2.88 -10.59
C SER D 243 -26.99 -3.92 -11.32
C SER D 243 -26.99 -3.90 -11.37
N PHE D 244 -27.62 -5.02 -11.73
CA PHE D 244 -26.95 -6.12 -12.41
C PHE D 244 -26.57 -5.82 -13.86
N PHE D 245 -27.41 -5.06 -14.56
CA PHE D 245 -27.20 -4.72 -15.97
C PHE D 245 -26.86 -3.22 -16.12
N PRO D 246 -25.56 -2.88 -16.07
CA PRO D 246 -25.15 -1.45 -16.02
C PRO D 246 -25.54 -0.63 -17.26
N ARG D 247 -25.80 -1.30 -18.38
CA ARG D 247 -26.19 -0.63 -19.63
C ARG D 247 -27.67 -0.85 -19.96
N GLY D 248 -28.39 -1.49 -19.05
CA GLY D 248 -29.76 -1.91 -19.32
C GLY D 248 -30.84 -0.85 -19.16
N GLN D 249 -31.97 -1.10 -19.80
CA GLN D 249 -33.22 -0.42 -19.50
C GLN D 249 -34.15 -1.46 -18.90
N ILE D 250 -34.70 -1.15 -17.73
CA ILE D 250 -35.58 -2.09 -17.04
C ILE D 250 -37.03 -1.64 -17.18
N TYR D 251 -37.91 -2.59 -17.48
CA TYR D 251 -39.35 -2.34 -17.50
C TYR D 251 -40.06 -3.26 -16.52
N GLY D 252 -41.03 -2.71 -15.79
CA GLY D 252 -41.81 -3.47 -14.84
C GLY D 252 -43.29 -3.30 -15.10
N LEU D 253 -43.97 -4.41 -15.34
CA LEU D 253 -45.43 -4.40 -15.54
C LEU D 253 -46.15 -4.80 -14.26
N ASP D 254 -47.17 -4.04 -13.88
CA ASP D 254 -48.02 -4.40 -12.75
C ASP D 254 -49.45 -3.91 -12.98
N ILE D 255 -50.42 -4.70 -12.53
CA ILE D 255 -51.84 -4.32 -12.62
C ILE D 255 -52.14 -3.09 -11.76
N MET D 256 -51.34 -2.88 -10.71
CA MET D 256 -51.44 -1.69 -9.86
C MET D 256 -50.46 -0.60 -10.27
N ASP D 257 -50.80 0.64 -9.96
CA ASP D 257 -49.89 1.78 -10.19
C ASP D 257 -48.61 1.59 -9.38
N LYS D 258 -47.47 1.67 -10.05
CA LYS D 258 -46.17 1.56 -9.37
C LYS D 258 -45.24 2.72 -9.74
N SER D 259 -45.83 3.88 -10.03
CA SER D 259 -45.08 5.05 -10.50
C SER D 259 -44.01 5.56 -9.53
N HIS D 260 -44.18 5.24 -8.25
CA HIS D 260 -43.21 5.62 -7.21
C HIS D 260 -41.89 4.82 -7.28
N VAL D 261 -41.89 3.74 -8.06
CA VAL D 261 -40.69 2.91 -8.25
C VAL D 261 -39.79 3.49 -9.34
N ASP D 262 -40.37 4.21 -10.30
CA ASP D 262 -39.63 4.77 -11.43
C ASP D 262 -38.41 5.59 -11.02
N GLU D 263 -37.28 5.32 -11.67
CA GLU D 263 -36.06 6.08 -11.52
C GLU D 263 -35.26 5.92 -12.81
N LEU D 264 -34.06 6.49 -12.87
CA LEU D 264 -33.20 6.35 -14.05
C LEU D 264 -33.07 4.87 -14.42
N ARG D 265 -33.37 4.55 -15.68
CA ARG D 265 -33.25 3.19 -16.25
C ARG D 265 -34.30 2.17 -15.77
N ILE D 266 -35.29 2.62 -15.00
CA ILE D 266 -36.40 1.77 -14.57
C ILE D 266 -37.73 2.47 -14.89
N ARG D 267 -38.51 1.86 -15.80
CA ARG D 267 -39.85 2.35 -16.11
C ARG D 267 -40.92 1.33 -15.69
N THR D 268 -41.91 1.77 -14.93
CA THR D 268 -43.06 0.90 -14.65
C THR D 268 -44.21 1.18 -15.62
N ILE D 269 -44.99 0.13 -15.88
CA ILE D 269 -46.13 0.17 -16.79
C ILE D 269 -47.33 -0.42 -16.04
N GLN D 270 -48.46 0.29 -16.08
CA GLN D 270 -49.68 -0.23 -15.45
C GLN D 270 -50.54 -0.96 -16.48
N GLY D 271 -50.85 -2.22 -16.20
CA GLY D 271 -51.70 -3.01 -17.07
C GLY D 271 -51.81 -4.47 -16.68
N ASP D 272 -52.68 -5.20 -17.38
CA ASP D 272 -53.00 -6.58 -17.06
C ASP D 272 -52.21 -7.55 -17.93
N GLN D 273 -51.44 -8.45 -17.32
CA GLN D 273 -50.65 -9.44 -18.07
C GLN D 273 -51.53 -10.45 -18.82
N ASN D 274 -52.81 -10.50 -18.47
CA ASN D 274 -53.74 -11.42 -19.12
C ASN D 274 -54.45 -10.80 -20.33
N ASP D 275 -54.03 -9.59 -20.70
CA ASP D 275 -54.57 -8.91 -21.87
C ASP D 275 -53.53 -8.98 -23.00
N ALA D 276 -53.72 -9.92 -23.90
CA ALA D 276 -52.73 -10.20 -24.97
C ALA D 276 -52.53 -9.03 -25.92
N GLU D 277 -53.62 -8.33 -26.23
CA GLU D 277 -53.57 -7.17 -27.14
C GLU D 277 -52.77 -6.02 -26.52
N PHE D 278 -52.98 -5.79 -25.22
CA PHE D 278 -52.20 -4.80 -24.47
C PHE D 278 -50.73 -5.17 -24.43
N LEU D 279 -50.45 -6.46 -24.20
CA LEU D 279 -49.08 -6.94 -24.14
C LEU D 279 -48.35 -6.69 -25.46
N ASP D 280 -49.05 -6.89 -26.57
CA ASP D 280 -48.45 -6.67 -27.89
C ASP D 280 -48.14 -5.20 -28.10
N ARG D 281 -49.06 -4.34 -27.65
CA ARG D 281 -48.90 -2.89 -27.73
C ARG D 281 -47.63 -2.41 -27.02
N ILE D 282 -47.46 -2.78 -25.76
CA ILE D 282 -46.28 -2.35 -24.99
C ILE D 282 -44.98 -3.00 -25.50
N ALA D 283 -45.09 -4.22 -26.04
CA ALA D 283 -43.93 -4.92 -26.59
C ALA D 283 -43.43 -4.21 -27.85
N ARG D 284 -44.37 -3.76 -28.69
CA ARG D 284 -44.03 -2.96 -29.87
C ARG D 284 -43.43 -1.61 -29.49
N ARG D 285 -43.96 -1.01 -28.43
N ARG D 285 -43.96 -0.98 -28.43
CA ARG D 285 -43.53 0.30 -27.95
CA ARG D 285 -43.48 0.31 -27.99
C ARG D 285 -42.13 0.26 -27.30
C ARG D 285 -42.10 0.23 -27.34
N TYR D 286 -41.89 -0.78 -26.51
CA TYR D 286 -40.67 -0.87 -25.70
C TYR D 286 -39.67 -1.98 -26.04
N GLY D 287 -40.07 -2.92 -26.90
CA GLY D 287 -39.22 -4.06 -27.23
C GLY D 287 -38.27 -3.79 -28.40
N PRO D 288 -37.66 -4.86 -28.94
CA PRO D 288 -37.79 -6.23 -28.45
C PRO D 288 -36.98 -6.44 -27.16
N PHE D 289 -37.36 -7.46 -26.38
CA PHE D 289 -36.75 -7.67 -25.06
C PHE D 289 -35.71 -8.77 -25.11
N ASP D 290 -34.56 -8.51 -24.50
CA ASP D 290 -33.56 -9.56 -24.37
C ASP D 290 -34.03 -10.57 -23.34
N ILE D 291 -34.75 -10.09 -22.33
CA ILE D 291 -35.20 -10.90 -21.21
C ILE D 291 -36.62 -10.50 -20.81
N VAL D 292 -37.51 -11.49 -20.72
CA VAL D 292 -38.84 -11.32 -20.12
C VAL D 292 -38.94 -12.27 -18.93
N ILE D 293 -39.43 -11.76 -17.80
CA ILE D 293 -39.63 -12.56 -16.60
C ILE D 293 -41.09 -12.47 -16.16
N ASP D 294 -41.75 -13.62 -16.00
CA ASP D 294 -43.10 -13.65 -15.44
C ASP D 294 -43.02 -13.96 -13.95
N ASP D 295 -43.23 -12.93 -13.14
CA ASP D 295 -43.36 -13.09 -11.70
C ASP D 295 -44.61 -12.35 -11.24
N GLY D 296 -45.72 -12.56 -11.96
CA GLY D 296 -46.93 -11.77 -11.79
C GLY D 296 -47.97 -12.41 -10.90
N SER D 297 -49.19 -12.52 -11.40
CA SER D 297 -50.30 -13.09 -10.63
C SER D 297 -50.05 -14.53 -10.20
N HIS D 298 -49.29 -15.28 -11.01
CA HIS D 298 -49.12 -16.74 -10.86
C HIS D 298 -50.41 -17.56 -11.13
N ILE D 299 -51.41 -16.90 -11.72
CA ILE D 299 -52.59 -17.60 -12.24
C ILE D 299 -52.16 -18.33 -13.50
N ASN D 300 -52.48 -19.62 -13.58
CA ASN D 300 -51.98 -20.48 -14.67
C ASN D 300 -52.35 -19.98 -16.08
N ALA D 301 -53.61 -19.57 -16.25
CA ALA D 301 -54.06 -19.00 -17.53
C ALA D 301 -53.26 -17.75 -17.90
N HIS D 302 -52.92 -16.92 -16.92
CA HIS D 302 -52.15 -15.68 -17.12
C HIS D 302 -50.73 -15.99 -17.61
N VAL D 303 -50.08 -16.97 -16.98
CA VAL D 303 -48.72 -17.38 -17.36
C VAL D 303 -48.71 -17.83 -18.82
N ARG D 304 -49.73 -18.61 -19.19
CA ARG D 304 -49.84 -19.14 -20.55
C ARG D 304 -50.17 -18.06 -21.57
N THR D 305 -51.09 -17.16 -21.22
CA THR D 305 -51.41 -16.00 -22.07
C THR D 305 -50.21 -15.10 -22.31
N SER D 306 -49.50 -14.76 -21.23
CA SER D 306 -48.35 -13.86 -21.34
C SER D 306 -47.25 -14.47 -22.20
N PHE D 307 -47.02 -15.76 -22.04
CA PHE D 307 -45.98 -16.44 -22.81
C PHE D 307 -46.28 -16.40 -24.31
N ALA D 308 -47.49 -16.81 -24.69
CA ALA D 308 -47.92 -16.80 -26.09
C ALA D 308 -47.79 -15.40 -26.71
N ALA D 309 -48.17 -14.39 -25.93
CA ALA D 309 -48.16 -12.99 -26.41
C ALA D 309 -46.76 -12.38 -26.50
N LEU D 310 -45.90 -12.73 -25.55
CA LEU D 310 -44.59 -12.07 -25.42
C LEU D 310 -43.38 -12.83 -25.96
N PHE D 311 -43.48 -14.15 -26.07
CA PHE D 311 -42.38 -14.94 -26.63
C PHE D 311 -41.95 -14.45 -28.02
N PRO D 312 -42.92 -14.08 -28.90
CA PRO D 312 -42.52 -13.51 -30.20
C PRO D 312 -41.72 -12.20 -30.09
N HIS D 313 -41.82 -11.53 -28.95
CA HIS D 313 -41.15 -10.25 -28.73
C HIS D 313 -39.83 -10.37 -27.96
N VAL D 314 -39.46 -11.61 -27.62
CA VAL D 314 -38.11 -11.88 -27.08
C VAL D 314 -37.14 -11.95 -28.27
N ARG D 315 -35.97 -11.31 -28.15
CA ARG D 315 -34.95 -11.35 -29.19
C ARG D 315 -34.41 -12.78 -29.37
N PRO D 316 -33.98 -13.14 -30.60
CA PRO D 316 -33.19 -14.36 -30.77
C PRO D 316 -31.95 -14.24 -29.89
N GLY D 317 -31.62 -15.31 -29.15
CA GLY D 317 -30.56 -15.27 -28.15
C GLY D 317 -31.02 -14.76 -26.79
N GLY D 318 -32.30 -14.41 -26.68
CA GLY D 318 -32.87 -13.93 -25.42
C GLY D 318 -33.48 -15.02 -24.56
N LEU D 319 -34.09 -14.60 -23.46
CA LEU D 319 -34.65 -15.53 -22.46
C LEU D 319 -36.07 -15.15 -22.06
N TYR D 320 -36.92 -16.16 -21.92
CA TYR D 320 -38.22 -16.00 -21.26
C TYR D 320 -38.15 -16.81 -19.97
N VAL D 321 -38.39 -16.14 -18.85
CA VAL D 321 -38.29 -16.77 -17.54
C VAL D 321 -39.67 -16.81 -16.89
N ILE D 322 -40.01 -17.95 -16.29
CA ILE D 322 -41.24 -18.06 -15.50
C ILE D 322 -40.89 -18.42 -14.06
N GLU D 323 -41.40 -17.62 -13.13
CA GLU D 323 -41.20 -17.85 -11.70
C GLU D 323 -42.44 -18.44 -11.06
N ASP D 324 -42.22 -19.20 -9.98
CA ASP D 324 -43.31 -19.67 -9.10
C ASP D 324 -44.32 -20.61 -9.74
N MET D 325 -43.80 -21.66 -10.39
CA MET D 325 -44.67 -22.67 -10.99
C MET D 325 -45.38 -23.51 -9.93
N TRP D 326 -45.08 -23.28 -8.65
CA TRP D 326 -45.78 -23.99 -7.57
C TRP D 326 -47.30 -23.94 -7.72
N THR D 327 -47.81 -22.82 -8.25
CA THR D 327 -49.26 -22.61 -8.40
C THR D 327 -49.91 -23.55 -9.41
N ALA D 328 -49.10 -24.22 -10.24
CA ALA D 328 -49.62 -25.24 -11.14
C ALA D 328 -50.45 -26.32 -10.43
N TYR D 329 -50.17 -26.55 -9.15
CA TYR D 329 -50.83 -27.63 -8.41
C TYR D 329 -52.05 -27.17 -7.60
N TRP D 330 -52.43 -25.90 -7.74
CA TRP D 330 -53.45 -25.33 -6.84
C TRP D 330 -54.63 -24.73 -7.59
N PRO D 331 -55.84 -25.32 -7.40
CA PRO D 331 -57.03 -24.85 -8.11
C PRO D 331 -57.36 -23.37 -7.88
N GLY D 332 -56.95 -22.84 -6.72
CA GLY D 332 -57.11 -21.42 -6.43
C GLY D 332 -56.35 -20.48 -7.34
N PHE D 333 -55.41 -21.03 -8.11
CA PHE D 333 -54.70 -20.30 -9.14
C PHE D 333 -54.98 -20.86 -10.54
N GLY D 334 -56.06 -21.64 -10.65
CA GLY D 334 -56.42 -22.30 -11.92
C GLY D 334 -55.59 -23.54 -12.20
N GLY D 335 -54.95 -24.07 -11.16
CA GLY D 335 -54.12 -25.28 -11.30
C GLY D 335 -54.89 -26.54 -10.98
N GLN D 336 -54.17 -27.66 -10.89
CA GLN D 336 -54.75 -28.97 -10.61
C GLN D 336 -53.86 -29.75 -9.67
N ALA D 337 -54.45 -30.35 -8.63
CA ALA D 337 -53.69 -31.14 -7.64
C ALA D 337 -53.00 -32.36 -8.25
N ASP D 338 -53.60 -32.94 -9.29
CA ASP D 338 -53.04 -34.11 -9.97
C ASP D 338 -52.04 -33.61 -11.01
N PRO D 339 -50.74 -33.91 -10.84
CA PRO D 339 -49.71 -33.43 -11.78
C PRO D 339 -49.92 -33.91 -13.22
N GLN D 340 -50.64 -35.01 -13.39
CA GLN D 340 -50.95 -35.52 -14.74
C GLN D 340 -52.04 -34.70 -15.45
N GLU D 341 -52.82 -33.97 -14.68
N GLU D 341 -52.86 -34.00 -14.69
CA GLU D 341 -53.90 -33.14 -15.19
CA GLU D 341 -53.92 -33.17 -15.27
C GLU D 341 -53.38 -31.75 -15.50
C GLU D 341 -53.37 -31.77 -15.50
N CYS D 342 -52.40 -31.66 -16.40
CA CYS D 342 -51.63 -30.43 -16.60
C CYS D 342 -51.90 -29.63 -17.87
N SER D 343 -52.94 -30.00 -18.62
CA SER D 343 -53.21 -29.35 -19.91
C SER D 343 -53.37 -27.83 -19.83
N GLY D 344 -53.83 -27.31 -18.69
CA GLY D 344 -54.01 -25.88 -18.50
C GLY D 344 -53.03 -25.21 -17.54
N THR D 345 -51.98 -25.92 -17.11
CA THR D 345 -51.06 -25.36 -16.11
C THR D 345 -49.74 -24.84 -16.70
N SER D 346 -49.01 -24.08 -15.89
CA SER D 346 -47.68 -23.62 -16.27
C SER D 346 -46.73 -24.80 -16.47
N LEU D 347 -46.91 -25.86 -15.68
CA LEU D 347 -46.08 -27.07 -15.85
C LEU D 347 -46.43 -27.83 -17.14
N GLY D 348 -47.71 -27.83 -17.51
CA GLY D 348 -48.17 -28.37 -18.80
C GLY D 348 -47.51 -27.62 -19.95
N LEU D 349 -47.41 -26.30 -19.83
CA LEU D 349 -46.70 -25.49 -20.81
C LEU D 349 -45.23 -25.93 -20.92
N LEU D 350 -44.54 -26.01 -19.79
CA LEU D 350 -43.12 -26.42 -19.80
C LEU D 350 -42.89 -27.80 -20.41
N LYS D 351 -43.74 -28.76 -20.05
CA LYS D 351 -43.66 -30.10 -20.64
C LYS D 351 -43.82 -30.05 -22.16
N SER D 352 -44.76 -29.23 -22.64
CA SER D 352 -45.03 -29.10 -24.07
C SER D 352 -43.86 -28.48 -24.83
N LEU D 353 -43.04 -27.69 -24.13
CA LEU D 353 -41.87 -27.06 -24.73
C LEU D 353 -40.79 -28.08 -25.07
N ILE D 354 -40.79 -29.20 -24.36
CA ILE D 354 -39.89 -30.31 -24.69
C ILE D 354 -40.23 -30.86 -26.09
N ASP D 355 -41.51 -31.05 -26.36
CA ASP D 355 -41.95 -31.46 -27.70
C ASP D 355 -41.68 -30.39 -28.75
N ALA D 356 -41.83 -29.12 -28.38
CA ALA D 356 -41.54 -28.01 -29.30
C ALA D 356 -40.07 -28.05 -29.73
N ILE D 357 -39.18 -28.25 -28.77
CA ILE D 357 -37.75 -28.40 -29.04
C ILE D 357 -37.50 -29.54 -30.03
N GLN D 358 -38.18 -30.66 -29.79
CA GLN D 358 -38.03 -31.88 -30.59
C GLN D 358 -38.90 -31.94 -31.86
N HIS D 359 -39.61 -30.86 -32.17
CA HIS D 359 -40.66 -30.92 -33.23
C HIS D 359 -40.17 -31.41 -34.61
N GLN D 360 -38.92 -31.14 -34.96
CA GLN D 360 -38.41 -31.57 -36.27
C GLN D 360 -38.20 -33.08 -36.37
N GLU D 361 -38.32 -33.77 -35.24
CA GLU D 361 -38.20 -35.23 -35.20
C GLU D 361 -39.52 -35.98 -35.43
N LEU D 362 -40.62 -35.22 -35.48
CA LEU D 362 -41.94 -35.82 -35.70
C LEU D 362 -42.00 -36.47 -37.09
N PRO D 363 -42.69 -37.62 -37.21
CA PRO D 363 -42.87 -38.20 -38.54
C PRO D 363 -43.64 -37.24 -39.43
N SER D 364 -43.40 -37.31 -40.73
CA SER D 364 -43.98 -36.38 -41.70
C SER D 364 -45.51 -36.39 -41.73
N ASP D 365 -46.06 -35.19 -41.88
CA ASP D 365 -47.48 -34.97 -42.00
C ASP D 365 -47.70 -33.66 -42.80
N PRO D 366 -48.25 -33.77 -44.01
CA PRO D 366 -48.47 -32.62 -44.91
C PRO D 366 -49.50 -31.60 -44.42
N ASN D 367 -50.47 -32.04 -43.63
CA ASN D 367 -51.50 -31.12 -43.08
C ASN D 367 -51.11 -30.49 -41.73
N ARG D 368 -50.05 -31.01 -41.13
CA ARG D 368 -49.52 -30.49 -39.87
C ARG D 368 -48.40 -29.49 -40.14
N SER D 369 -48.46 -28.36 -39.45
CA SER D 369 -47.49 -27.30 -39.64
C SER D 369 -46.89 -26.86 -38.29
N PRO D 370 -45.56 -26.80 -38.19
CA PRO D 370 -44.90 -26.35 -36.96
C PRO D 370 -45.35 -24.94 -36.57
N GLY D 371 -45.65 -24.74 -35.30
CA GLY D 371 -46.15 -23.46 -34.80
C GLY D 371 -45.02 -22.50 -34.51
N TYR D 372 -45.36 -21.28 -34.07
CA TYR D 372 -44.35 -20.26 -33.78
C TYR D 372 -43.37 -20.72 -32.69
N VAL D 373 -43.89 -21.25 -31.59
CA VAL D 373 -43.03 -21.68 -30.48
C VAL D 373 -42.10 -22.82 -30.92
N ASP D 374 -42.64 -23.80 -31.63
CA ASP D 374 -41.85 -24.89 -32.23
C ASP D 374 -40.61 -24.34 -32.94
N ARG D 375 -40.81 -23.33 -33.77
CA ARG D 375 -39.74 -22.80 -34.63
C ARG D 375 -38.76 -21.90 -33.88
N ASN D 376 -39.10 -21.56 -32.64
CA ASN D 376 -38.36 -20.50 -31.93
C ASN D 376 -37.84 -20.81 -30.53
N ILE D 377 -37.90 -22.08 -30.12
CA ILE D 377 -37.30 -22.50 -28.85
C ILE D 377 -36.12 -23.43 -29.10
N VAL D 378 -34.99 -23.13 -28.46
CA VAL D 378 -33.75 -23.91 -28.64
C VAL D 378 -33.16 -24.41 -27.33
N GLY D 379 -33.88 -24.17 -26.23
CA GLY D 379 -33.41 -24.63 -24.92
C GLY D 379 -34.44 -24.40 -23.82
N LEU D 380 -34.44 -25.31 -22.86
CA LEU D 380 -35.32 -25.20 -21.70
C LEU D 380 -34.54 -25.59 -20.45
N HIS D 381 -34.62 -24.76 -19.42
CA HIS D 381 -33.93 -25.00 -18.16
C HIS D 381 -34.95 -24.91 -17.03
N VAL D 382 -35.08 -25.99 -16.27
CA VAL D 382 -36.08 -26.04 -15.20
C VAL D 382 -35.38 -26.27 -13.87
N TYR D 383 -35.66 -25.37 -12.93
CA TYR D 383 -35.22 -25.52 -11.55
C TYR D 383 -36.45 -25.38 -10.66
N HIS D 384 -36.28 -25.60 -9.35
CA HIS D 384 -37.38 -25.47 -8.40
C HIS D 384 -37.97 -24.06 -8.47
N ASN D 385 -39.24 -23.99 -8.87
CA ASN D 385 -40.00 -22.73 -8.97
C ASN D 385 -39.43 -21.65 -9.90
N VAL D 386 -38.55 -22.03 -10.80
CA VAL D 386 -38.08 -21.10 -11.84
C VAL D 386 -37.62 -21.82 -13.10
N ALA D 387 -38.07 -21.33 -14.26
CA ALA D 387 -37.72 -21.94 -15.55
C ALA D 387 -37.26 -20.90 -16.57
N PHE D 388 -36.25 -21.25 -17.36
CA PHE D 388 -35.67 -20.34 -18.35
C PHE D 388 -35.86 -20.95 -19.73
N VAL D 389 -36.47 -20.18 -20.64
CA VAL D 389 -36.71 -20.63 -22.01
C VAL D 389 -35.80 -19.84 -22.97
N GLU D 390 -35.02 -20.56 -23.76
CA GLU D 390 -34.10 -19.92 -24.71
C GLU D 390 -34.76 -19.72 -26.07
N LYS D 391 -34.85 -18.47 -26.49
CA LYS D 391 -35.43 -18.07 -27.78
C LYS D 391 -34.35 -18.10 -28.85
N GLY D 392 -34.63 -18.79 -29.95
CA GLY D 392 -33.69 -18.84 -31.08
C GLY D 392 -34.28 -19.63 -32.22
N ARG D 393 -33.59 -19.67 -33.35
N ARG D 393 -33.57 -19.68 -33.34
CA ARG D 393 -34.11 -20.41 -34.50
CA ARG D 393 -34.07 -20.41 -34.51
C ARG D 393 -33.88 -21.90 -34.32
C ARG D 393 -33.87 -21.91 -34.35
N ASN D 394 -34.96 -22.63 -34.15
CA ASN D 394 -34.92 -24.08 -34.00
C ASN D 394 -35.06 -24.73 -35.36
N ASP D 395 -33.95 -24.79 -36.10
CA ASP D 395 -33.96 -25.32 -37.46
C ASP D 395 -32.69 -26.09 -37.78
N GLU D 396 -32.35 -27.06 -36.92
CA GLU D 396 -31.13 -27.85 -37.08
C GLU D 396 -31.33 -28.99 -38.08
N GLY D 397 -32.59 -29.37 -38.29
CA GLY D 397 -32.92 -30.51 -39.14
C GLY D 397 -33.15 -31.76 -38.31
N GLY D 398 -34.23 -32.49 -38.61
CA GLY D 398 -34.50 -33.78 -37.98
C GLY D 398 -33.59 -34.87 -38.54
N ILE D 399 -33.59 -36.02 -37.87
CA ILE D 399 -32.81 -37.18 -38.31
C ILE D 399 -33.25 -37.53 -39.74
N PRO D 400 -32.28 -37.67 -40.67
CA PRO D 400 -32.60 -37.98 -42.08
C PRO D 400 -33.31 -39.33 -42.25
N THR D 401 -34.08 -39.45 -43.34
CA THR D 401 -34.86 -40.65 -43.62
C THR D 401 -33.98 -41.90 -43.79
N TRP D 402 -32.74 -41.69 -44.19
CA TRP D 402 -31.80 -42.79 -44.41
C TRP D 402 -31.10 -43.33 -43.15
N ILE D 403 -31.36 -42.72 -41.99
CA ILE D 403 -30.99 -43.33 -40.71
C ILE D 403 -32.14 -44.27 -40.33
N PRO D 404 -31.83 -45.56 -40.10
CA PRO D 404 -32.92 -46.52 -39.87
C PRO D 404 -33.77 -46.18 -38.66
N ARG D 405 -35.06 -46.48 -38.75
CA ARG D 405 -36.00 -46.12 -37.70
C ARG D 405 -36.34 -47.28 -36.76
N ASP D 406 -35.43 -48.25 -36.67
CA ASP D 406 -35.52 -49.31 -35.67
C ASP D 406 -34.12 -49.73 -35.25
N PHE D 407 -33.97 -50.20 -34.01
CA PHE D 407 -32.65 -50.50 -33.46
C PHE D 407 -31.86 -51.50 -34.30
N GLU D 408 -32.46 -52.64 -34.60
CA GLU D 408 -31.76 -53.71 -35.30
C GLU D 408 -31.23 -53.27 -36.67
N SER D 409 -32.05 -52.53 -37.43
CA SER D 409 -31.58 -51.97 -38.70
C SER D 409 -30.47 -50.94 -38.52
N LEU D 410 -30.55 -50.16 -37.45
CA LEU D 410 -29.47 -49.20 -37.16
C LEU D 410 -28.15 -49.91 -36.87
N VAL D 411 -28.19 -51.01 -36.11
CA VAL D 411 -26.99 -51.83 -35.82
C VAL D 411 -26.35 -52.26 -37.15
N GLN D 412 -27.18 -52.80 -38.02
CA GLN D 412 -26.73 -53.33 -39.31
C GLN D 412 -26.11 -52.26 -40.20
N ALA D 413 -26.79 -51.12 -40.31
CA ALA D 413 -26.31 -50.00 -41.14
C ALA D 413 -25.04 -49.35 -40.61
N SER D 414 -24.78 -49.52 -39.31
CA SER D 414 -23.64 -48.88 -38.67
C SER D 414 -22.45 -49.84 -38.44
N SER D 415 -22.57 -51.08 -38.90
CA SER D 415 -21.56 -52.11 -38.61
C SER D 415 -20.61 -52.45 -39.78
N GLY D 416 -20.73 -51.71 -40.88
CA GLY D 416 -19.84 -51.89 -42.04
C GLY D 416 -19.69 -53.31 -42.57
N GLY D 417 -20.76 -54.09 -42.49
CA GLY D 417 -20.74 -55.46 -43.01
C GLY D 417 -20.50 -56.56 -41.97
N ALA D 418 -20.05 -56.18 -40.78
CA ALA D 418 -19.82 -57.14 -39.71
C ALA D 418 -21.16 -57.71 -39.20
N THR D 419 -21.19 -59.02 -38.95
CA THR D 419 -22.44 -59.70 -38.57
C THR D 419 -22.41 -60.20 -37.12
N GLU E 26 38.32 37.72 62.93
CA GLU E 26 39.61 37.11 63.37
C GLU E 26 40.79 37.64 62.56
N PHE E 27 40.50 38.20 61.38
CA PHE E 27 41.55 38.55 60.43
C PHE E 27 41.77 40.04 60.24
N ASP E 28 43.02 40.45 60.42
CA ASP E 28 43.44 41.83 60.27
C ASP E 28 43.30 42.27 58.81
N GLU E 29 42.68 43.43 58.60
CA GLU E 29 42.41 43.95 57.26
C GLU E 29 43.67 44.14 56.41
N ALA E 30 44.72 44.71 57.01
CA ALA E 30 46.00 44.89 56.32
C ALA E 30 46.60 43.55 55.90
N THR E 31 46.47 42.55 56.77
CA THR E 31 46.92 41.20 56.47
C THR E 31 46.12 40.59 55.30
N VAL E 32 44.80 40.73 55.32
CA VAL E 32 43.97 40.18 54.24
C VAL E 32 44.35 40.80 52.90
N GLN E 33 44.51 42.13 52.88
CA GLN E 33 44.89 42.85 51.67
C GLN E 33 46.27 42.45 51.17
N ASP E 34 47.18 42.14 52.10
CA ASP E 34 48.54 41.71 51.74
C ASP E 34 48.53 40.28 51.15
N VAL E 35 47.67 39.42 51.71
CA VAL E 35 47.51 38.06 51.20
C VAL E 35 46.98 38.09 49.76
N VAL E 36 45.95 38.90 49.53
CA VAL E 36 45.38 39.05 48.18
C VAL E 36 46.42 39.59 47.20
N ARG E 37 47.20 40.57 47.65
N ARG E 37 47.20 40.59 47.63
CA ARG E 37 48.23 41.22 46.83
CA ARG E 37 48.23 41.18 46.77
C ARG E 37 49.33 40.23 46.37
C ARG E 37 49.25 40.14 46.33
N LEU E 38 49.81 39.42 47.31
CA LEU E 38 50.81 38.39 47.01
C LEU E 38 50.24 37.22 46.24
N ALA E 39 49.01 36.82 46.56
CA ALA E 39 48.30 35.74 45.83
C ALA E 39 48.16 36.02 44.34
N GLY E 40 48.09 37.31 43.98
CA GLY E 40 48.03 37.72 42.59
C GLY E 40 49.34 37.64 41.83
N GLY E 41 50.43 37.34 42.54
CA GLY E 41 51.76 37.29 41.93
C GLY E 41 52.11 35.97 41.26
N HIS E 42 53.42 35.74 41.08
CA HIS E 42 53.94 34.51 40.49
C HIS E 42 54.38 33.57 41.63
N ASP E 43 55.06 32.48 41.27
CA ASP E 43 55.52 31.50 42.27
C ASP E 43 56.32 32.13 43.41
N SER E 44 57.17 33.11 43.09
CA SER E 44 57.98 33.77 44.12
C SER E 44 57.14 34.50 45.18
N GLU E 45 56.03 35.10 44.76
CA GLU E 45 55.14 35.82 45.68
C GLU E 45 54.31 34.87 46.53
N LEU E 46 53.88 33.75 45.95
CA LEU E 46 53.18 32.71 46.69
C LEU E 46 54.07 32.06 47.74
N ARG E 47 55.34 31.86 47.42
CA ARG E 47 56.32 31.37 48.39
C ARG E 47 56.58 32.42 49.47
N GLU E 48 56.73 33.68 49.06
CA GLU E 48 56.90 34.78 50.01
C GLU E 48 55.73 34.82 51.00
N LEU E 49 54.51 34.67 50.49
CA LEU E 49 53.29 34.71 51.31
C LEU E 49 53.31 33.65 52.40
N THR E 50 53.60 32.42 52.01
CA THR E 50 53.53 31.27 52.91
C THR E 50 54.71 31.22 53.88
N GLN E 51 55.75 32.02 53.61
CA GLN E 51 56.88 32.19 54.52
C GLN E 51 56.65 33.35 55.50
N LYS E 52 55.88 34.32 55.07
CA LYS E 52 55.63 35.56 55.81
C LYS E 52 54.59 35.34 56.92
N TYR E 53 53.63 34.47 56.65
CA TYR E 53 52.49 34.25 57.53
C TYR E 53 52.38 32.78 57.91
N ASP E 54 51.78 32.53 59.07
CA ASP E 54 51.54 31.17 59.55
C ASP E 54 50.57 30.46 58.60
N PRO E 55 51.03 29.35 57.98
CA PRO E 55 50.18 28.62 57.03
C PRO E 55 48.82 28.20 57.61
N ALA E 56 48.79 27.86 58.90
CA ALA E 56 47.56 27.51 59.61
C ALA E 56 46.55 28.66 59.60
N MET E 57 47.03 29.88 59.83
CA MET E 57 46.20 31.08 59.77
C MET E 57 45.70 31.36 58.35
N ILE E 58 46.59 31.25 57.37
CA ILE E 58 46.20 31.42 55.96
C ILE E 58 45.08 30.44 55.59
N SER E 59 45.22 29.19 56.06
N SER E 59 45.21 29.19 56.05
CA SER E 59 44.24 28.14 55.82
CA SER E 59 44.20 28.17 55.76
C SER E 59 42.86 28.52 56.37
C SER E 59 42.84 28.52 56.36
N ARG E 60 42.83 29.01 57.60
CA ARG E 60 41.60 29.48 58.24
C ARG E 60 41.00 30.67 57.48
N LEU E 61 41.87 31.57 57.02
CA LEU E 61 41.43 32.73 56.24
C LEU E 61 40.76 32.27 54.94
N LEU E 62 41.36 31.31 54.25
CA LEU E 62 40.81 30.80 53.00
C LEU E 62 39.48 30.08 53.21
N VAL E 63 39.38 29.33 54.31
CA VAL E 63 38.12 28.66 54.66
C VAL E 63 37.02 29.70 54.91
N ALA E 64 37.35 30.75 55.67
CA ALA E 64 36.43 31.88 55.87
C ALA E 64 35.91 32.47 54.55
N GLU E 65 36.80 32.68 53.59
CA GLU E 65 36.43 33.16 52.26
C GLU E 65 35.52 32.17 51.54
N ILE E 66 35.90 30.89 51.57
CA ILE E 66 35.16 29.83 50.88
C ILE E 66 33.71 29.76 51.35
N LEU E 67 33.52 29.85 52.67
CA LEU E 67 32.19 29.77 53.27
C LEU E 67 31.26 30.87 52.77
N SER E 68 31.81 32.05 52.49
CA SER E 68 31.05 33.16 51.93
C SER E 68 30.78 33.01 50.43
N ARG E 69 31.66 32.28 49.74
CA ARG E 69 31.52 32.07 48.28
C ARG E 69 30.57 30.95 47.88
N CYS E 70 30.40 29.97 48.75
CA CYS E 70 29.56 28.82 48.43
C CYS E 70 28.13 29.23 48.09
N PRO E 71 27.56 28.63 47.02
CA PRO E 71 26.14 28.84 46.71
C PRO E 71 25.27 28.06 47.69
N PRO E 72 23.98 28.40 47.78
CA PRO E 72 23.06 27.62 48.59
C PRO E 72 23.08 26.14 48.21
N PRO E 73 23.25 25.25 49.20
CA PRO E 73 23.26 23.81 48.96
C PRO E 73 21.88 23.33 48.53
N SER E 74 21.82 22.28 47.70
CA SER E 74 20.54 21.78 47.21
C SER E 74 20.16 20.41 47.76
N ASN E 75 21.06 19.78 48.50
CA ASN E 75 20.84 18.43 49.03
C ASN E 75 19.95 18.37 50.26
N ASP E 76 18.97 17.47 50.23
CA ASP E 76 18.05 17.25 51.34
C ASP E 76 18.73 16.53 52.50
N THR E 77 19.48 15.47 52.17
CA THR E 77 20.22 14.70 53.16
C THR E 77 21.52 15.42 53.49
N PRO E 78 21.74 15.75 54.78
CA PRO E 78 22.99 16.41 55.19
C PRO E 78 24.22 15.53 54.97
N VAL E 79 25.27 16.12 54.42
N VAL E 79 25.29 16.13 54.45
CA VAL E 79 26.54 15.42 54.25
CA VAL E 79 26.54 15.40 54.18
C VAL E 79 27.67 16.29 54.78
C VAL E 79 27.73 16.31 54.48
N LEU E 80 28.85 15.69 54.90
CA LEU E 80 30.06 16.43 55.20
C LEU E 80 30.99 16.37 54.00
N VAL E 81 31.62 17.49 53.69
CA VAL E 81 32.72 17.53 52.74
C VAL E 81 33.95 17.91 53.53
N GLU E 82 34.94 17.02 53.54
CA GLU E 82 36.22 17.32 54.16
C GLU E 82 37.07 18.11 53.19
N LEU E 83 37.51 19.28 53.61
CA LEU E 83 38.47 20.08 52.86
C LEU E 83 39.82 20.00 53.59
N ALA E 84 40.78 19.37 52.95
CA ALA E 84 42.13 19.27 53.51
C ALA E 84 43.05 20.20 52.74
N ILE E 85 43.65 21.14 53.46
CA ILE E 85 44.60 22.08 52.87
C ILE E 85 46.01 21.70 53.30
N VAL E 86 46.88 21.48 52.32
CA VAL E 86 48.21 20.91 52.56
C VAL E 86 49.31 21.94 52.29
N HIS E 87 50.25 22.05 53.22
CA HIS E 87 51.46 22.84 53.01
C HIS E 87 52.62 22.22 53.76
N GLY E 88 53.65 21.83 53.02
CA GLY E 88 54.80 21.12 53.59
C GLY E 88 54.34 19.80 54.19
N SER E 89 54.75 19.55 55.43
CA SER E 89 54.33 18.33 56.13
C SER E 89 53.09 18.58 57.00
N GLU E 90 52.46 19.74 56.81
CA GLU E 90 51.24 20.08 57.53
C GLU E 90 49.99 19.81 56.68
N ARG E 91 48.91 19.42 57.35
CA ARG E 91 47.64 19.10 56.70
C ARG E 91 46.50 19.64 57.54
N PHE E 92 45.88 20.73 57.06
CA PHE E 92 44.80 21.37 57.79
C PHE E 92 43.43 20.86 57.33
N ARG E 93 42.76 20.14 58.22
CA ARG E 93 41.52 19.45 57.89
C ARG E 93 40.28 20.20 58.38
N HIS E 94 39.38 20.50 57.46
CA HIS E 94 38.13 21.17 57.79
C HIS E 94 36.95 20.36 57.33
N PHE E 95 36.02 20.08 58.24
CA PHE E 95 34.84 19.29 57.95
C PHE E 95 33.62 20.18 57.79
N LEU E 96 33.11 20.26 56.56
CA LEU E 96 32.04 21.19 56.23
C LEU E 96 30.70 20.49 56.11
N ARG E 97 29.73 20.96 56.88
CA ARG E 97 28.38 20.43 56.86
C ARG E 97 27.57 21.11 55.76
N VAL E 98 27.06 20.31 54.83
CA VAL E 98 26.36 20.82 53.66
C VAL E 98 24.94 20.25 53.61
N VAL E 99 23.97 21.14 53.74
CA VAL E 99 22.56 20.77 53.73
C VAL E 99 21.71 21.96 53.26
N ARG E 100 20.65 21.66 52.51
CA ARG E 100 19.73 22.68 52.00
C ARG E 100 19.13 23.53 53.12
N ASP E 101 19.00 24.83 52.84
CA ASP E 101 18.38 25.82 53.74
C ASP E 101 19.25 26.22 54.94
N SER E 102 20.52 25.82 54.91
CA SER E 102 21.47 26.19 55.96
C SER E 102 22.79 26.65 55.32
N PRO E 103 23.45 27.66 55.91
CA PRO E 103 24.79 28.02 55.45
C PRO E 103 25.79 26.88 55.71
N ILE E 104 26.74 26.70 54.82
CA ILE E 104 27.79 25.71 55.01
C ILE E 104 28.67 26.17 56.18
N ARG E 105 28.91 25.27 57.14
CA ARG E 105 29.69 25.61 58.33
C ARG E 105 30.61 24.47 58.77
N PRO E 106 31.75 24.81 59.42
CA PRO E 106 32.66 23.77 59.91
C PRO E 106 32.12 23.09 61.15
N VAL E 107 32.19 21.76 61.16
CA VAL E 107 31.79 20.94 62.30
C VAL E 107 32.87 19.92 62.64
N GLY E 108 32.64 19.13 63.67
CA GLY E 108 33.57 18.07 64.07
C GLY E 108 33.55 16.91 63.09
N ALA E 109 34.67 16.19 63.02
CA ALA E 109 34.84 15.05 62.09
C ALA E 109 33.77 13.96 62.26
N ASP E 110 33.19 13.87 63.45
CA ASP E 110 32.24 12.80 63.77
C ASP E 110 30.77 13.26 63.71
N GLU E 111 30.52 14.47 63.22
CA GLU E 111 29.17 15.03 63.19
C GLU E 111 28.41 14.77 61.87
N GLY E 112 28.72 13.67 61.20
CA GLY E 112 28.01 13.29 59.98
C GLY E 112 28.79 12.37 59.07
N PHE E 113 28.18 12.03 57.94
CA PHE E 113 28.80 11.16 56.93
C PHE E 113 29.65 11.99 55.97
N VAL E 114 30.91 11.61 55.83
CA VAL E 114 31.84 12.31 54.91
C VAL E 114 31.68 11.78 53.49
N GLY E 115 31.00 12.56 52.65
CA GLY E 115 30.71 12.14 51.27
C GLY E 115 31.89 12.26 50.32
N MET E 116 32.82 13.16 50.65
CA MET E 116 33.92 13.51 49.75
C MET E 116 35.06 14.15 50.51
N LEU E 117 36.29 13.82 50.11
CA LEU E 117 37.47 14.53 50.58
C LEU E 117 38.03 15.35 49.42
N VAL E 118 38.18 16.64 49.64
CA VAL E 118 38.73 17.57 48.65
C VAL E 118 40.09 18.05 49.16
N GLU E 119 41.14 17.79 48.38
N GLU E 119 41.13 17.81 48.38
CA GLU E 119 42.50 18.14 48.77
CA GLU E 119 42.49 18.16 48.80
C GLU E 119 43.06 19.28 47.92
C GLU E 119 43.11 19.25 47.93
N TYR E 120 43.49 20.35 48.58
CA TYR E 120 44.15 21.48 47.92
C TYR E 120 45.51 21.72 48.56
N GLU E 121 46.51 21.97 47.74
N GLU E 121 46.50 21.98 47.72
CA GLU E 121 47.74 22.55 48.24
CA GLU E 121 47.77 22.55 48.16
C GLU E 121 47.45 24.00 48.55
C GLU E 121 47.47 24.01 48.53
N LEU E 122 48.06 24.50 49.63
CA LEU E 122 47.80 25.87 50.10
C LEU E 122 48.01 26.93 49.02
N THR E 123 49.13 26.83 48.29
CA THR E 123 49.42 27.83 47.27
C THR E 123 48.45 27.75 46.08
N GLU E 124 47.98 26.55 45.77
CA GLU E 124 46.99 26.37 44.69
C GLU E 124 45.64 26.98 45.06
N LEU E 125 45.22 26.80 46.31
CA LEU E 125 43.97 27.39 46.76
C LEU E 125 44.06 28.92 46.80
N LEU E 126 45.24 29.44 47.16
CA LEU E 126 45.47 30.88 47.14
C LEU E 126 45.29 31.44 45.73
N ARG E 127 45.90 30.77 44.74
CA ARG E 127 45.76 31.14 43.33
C ARG E 127 44.31 31.12 42.85
N GLU E 128 43.59 30.06 43.23
CA GLU E 128 42.22 29.84 42.76
C GLU E 128 41.23 30.87 43.30
N LEU E 129 41.41 31.27 44.55
CA LEU E 129 40.52 32.24 45.20
C LEU E 129 40.93 33.69 44.96
N PHE E 130 42.24 33.95 45.09
CA PHE E 130 42.74 35.32 45.12
C PHE E 130 43.78 35.65 44.04
N GLY E 131 44.03 34.71 43.14
CA GLY E 131 45.08 34.90 42.14
C GLY E 131 44.63 35.68 40.92
N VAL E 132 45.60 36.09 40.11
CA VAL E 132 45.37 36.56 38.76
C VAL E 132 45.69 35.32 37.93
N THR E 133 44.63 34.65 37.50
CA THR E 133 44.78 33.34 36.88
C THR E 133 43.80 33.15 35.73
N HIS E 134 44.19 32.29 34.80
CA HIS E 134 43.33 31.79 33.74
C HIS E 134 42.37 30.74 34.32
N GLU E 135 41.28 30.45 33.61
CA GLU E 135 40.38 29.37 34.02
C GLU E 135 41.07 28.03 33.86
N ARG E 136 41.03 27.23 34.91
CA ARG E 136 41.70 25.92 34.89
C ARG E 136 40.65 24.83 35.05
N PRO E 137 40.31 24.16 33.93
CA PRO E 137 39.20 23.21 33.91
C PRO E 137 39.50 21.87 34.61
N ALA E 138 40.77 21.64 34.95
CA ALA E 138 41.14 20.45 35.71
C ALA E 138 42.46 20.69 36.42
N GLY E 139 42.88 19.74 37.25
CA GLY E 139 44.23 19.77 37.83
C GLY E 139 44.52 20.74 38.96
N VAL E 140 43.49 21.29 39.60
CA VAL E 140 43.71 22.27 40.66
C VAL E 140 43.65 21.67 42.08
N ARG E 141 43.24 20.42 42.15
N ARG E 141 43.26 20.41 42.17
CA ARG E 141 42.88 19.78 43.42
CA ARG E 141 42.98 19.77 43.45
C ARG E 141 42.93 18.27 43.27
C ARG E 141 42.99 18.26 43.28
N GLY E 142 42.70 17.56 44.37
CA GLY E 142 42.50 16.11 44.36
C GLY E 142 41.15 15.84 45.01
N THR E 143 40.48 14.78 44.56
CA THR E 143 39.17 14.41 45.09
C THR E 143 39.10 12.92 45.37
N LYS E 144 38.67 12.57 46.58
CA LYS E 144 38.52 11.18 46.99
C LYS E 144 37.13 10.97 47.54
N LEU E 145 36.28 10.33 46.74
CA LEU E 145 34.87 10.11 47.12
C LEU E 145 34.76 9.08 48.25
N PHE E 146 33.70 9.21 49.05
CA PHE E 146 33.43 8.31 50.18
C PHE E 146 34.74 7.89 50.88
N PRO E 147 35.55 8.86 51.34
CA PRO E 147 36.95 8.58 51.70
C PRO E 147 37.12 7.63 52.89
N TYR E 148 36.08 7.48 53.72
CA TYR E 148 36.17 6.65 54.92
C TYR E 148 35.16 5.50 54.93
N LEU E 149 34.52 5.27 53.77
CA LEU E 149 33.58 4.17 53.64
C LEU E 149 34.35 2.87 53.46
N THR E 150 34.40 2.07 54.53
CA THR E 150 35.08 0.78 54.50
C THR E 150 34.35 -0.19 53.57
N ASP E 151 35.13 -0.90 52.75
CA ASP E 151 34.58 -1.80 51.76
C ASP E 151 34.12 -3.12 52.37
N ASP E 152 32.84 -3.19 52.71
CA ASP E 152 32.23 -4.42 53.22
C ASP E 152 30.73 -4.49 52.88
N GLU E 153 30.02 -5.40 53.55
CA GLU E 153 28.59 -5.63 53.32
C GLU E 153 27.72 -4.42 53.71
N GLU E 154 28.28 -3.50 54.49
CA GLU E 154 27.54 -2.33 54.97
C GLU E 154 27.58 -1.15 53.99
N ALA E 155 28.48 -1.22 53.01
CA ALA E 155 28.72 -0.11 52.09
C ALA E 155 27.54 0.24 51.19
N VAL E 156 26.91 -0.77 50.60
CA VAL E 156 25.86 -0.58 49.58
C VAL E 156 24.68 0.29 50.05
N GLU E 157 24.25 0.09 51.29
CA GLU E 157 23.16 0.88 51.87
C GLU E 157 23.58 2.34 52.03
N GLN E 158 24.81 2.55 52.49
CA GLN E 158 25.36 3.88 52.68
C GLN E 158 25.48 4.63 51.36
N ILE E 159 25.96 3.94 50.33
CA ILE E 159 26.07 4.50 48.99
C ILE E 159 24.70 4.97 48.49
N GLY E 160 23.71 4.10 48.62
CA GLY E 160 22.33 4.41 48.23
C GLY E 160 21.78 5.67 48.87
N THR E 161 22.04 5.83 50.16
CA THR E 161 21.57 6.98 50.93
C THR E 161 22.32 8.28 50.58
N TYR E 162 23.62 8.18 50.30
CA TYR E 162 24.46 9.38 50.23
C TYR E 162 25.02 9.78 48.86
N LEU E 163 24.77 8.98 47.83
CA LEU E 163 25.35 9.22 46.50
C LEU E 163 24.97 10.58 45.89
N LEU E 164 23.67 10.87 45.88
CA LEU E 164 23.16 12.12 45.33
C LEU E 164 23.57 13.33 46.18
N ALA E 165 23.39 13.21 47.49
CA ALA E 165 23.70 14.28 48.44
C ALA E 165 25.19 14.65 48.44
N ALA E 166 26.05 13.63 48.36
CA ALA E 166 27.50 13.86 48.29
C ALA E 166 27.89 14.61 47.01
N GLN E 167 27.29 14.23 45.89
CA GLN E 167 27.52 14.91 44.61
C GLN E 167 27.09 16.39 44.66
N GLN E 168 25.89 16.64 45.18
CA GLN E 168 25.36 17.98 45.29
C GLN E 168 26.13 18.79 46.33
N GLY E 169 26.45 18.16 47.45
CA GLY E 169 27.28 18.78 48.50
C GLY E 169 28.66 19.18 48.02
N THR E 170 29.31 18.30 47.27
CA THR E 170 30.63 18.58 46.69
C THR E 170 30.56 19.74 45.68
N GLU E 171 29.52 19.75 44.86
CA GLU E 171 29.31 20.78 43.83
C GLU E 171 29.27 22.19 44.45
N ALA E 172 28.61 22.31 45.59
CA ALA E 172 28.47 23.58 46.29
C ALA E 172 29.79 24.05 46.89
N VAL E 173 30.53 23.12 47.51
CA VAL E 173 31.80 23.46 48.13
C VAL E 173 32.83 23.89 47.08
N LEU E 174 32.94 23.13 46.00
CA LEU E 174 33.90 23.43 44.93
C LEU E 174 33.60 24.75 44.23
N ALA E 175 32.32 25.08 44.05
CA ALA E 175 31.94 26.39 43.53
C ALA E 175 32.49 27.52 44.42
N GLY E 176 32.54 27.27 45.73
CA GLY E 176 33.10 28.24 46.67
C GLY E 176 34.62 28.30 46.69
N CYS E 177 35.26 27.32 46.05
CA CYS E 177 36.72 27.21 46.04
C CYS E 177 37.37 27.82 44.79
N GLY E 178 36.55 28.43 43.94
CA GLY E 178 37.04 29.08 42.73
C GLY E 178 36.64 30.54 42.63
N SER E 179 36.89 31.13 41.46
CA SER E 179 36.65 32.55 41.19
C SER E 179 35.75 32.80 39.96
N ARG E 180 34.79 31.89 39.72
CA ARG E 180 33.84 32.02 38.60
C ARG E 180 32.94 33.25 38.77
N LYS E 181 32.73 34.00 37.68
CA LYS E 181 31.89 35.20 37.73
C LYS E 181 30.45 34.83 38.07
N PRO E 182 29.89 35.48 39.12
CA PRO E 182 28.50 35.21 39.45
C PRO E 182 27.55 36.02 38.56
N ASP E 183 26.27 35.67 38.64
CA ASP E 183 25.20 36.40 37.97
C ASP E 183 24.65 37.43 38.95
N LEU E 184 24.91 38.71 38.67
CA LEU E 184 24.53 39.80 39.58
C LEU E 184 23.03 39.85 39.85
N SER E 185 22.24 39.55 38.84
CA SER E 185 20.79 39.57 38.97
C SER E 185 20.32 38.50 39.97
N GLU E 186 21.00 37.35 39.96
CA GLU E 186 20.68 36.25 40.87
C GLU E 186 21.08 36.62 42.30
N LEU E 187 22.25 37.22 42.46
CA LEU E 187 22.74 37.68 43.77
C LEU E 187 21.81 38.70 44.41
N SER E 188 21.18 39.52 43.57
CA SER E 188 20.20 40.50 44.01
C SER E 188 19.03 39.85 44.77
N SER E 189 18.54 38.73 44.23
CA SER E 189 17.49 37.96 44.88
C SER E 189 18.03 37.23 46.11
N ARG E 190 19.26 36.73 46.01
CA ARG E 190 19.88 35.92 47.06
C ARG E 190 20.27 36.75 48.30
N TYR E 191 20.78 37.96 48.05
CA TYR E 191 21.26 38.83 49.13
C TYR E 191 20.24 39.89 49.54
N PHE E 192 19.05 39.82 48.95
CA PHE E 192 17.92 40.72 49.29
C PHE E 192 18.26 42.19 49.11
N THR E 193 18.78 42.54 47.94
CA THR E 193 18.96 43.93 47.59
C THR E 193 18.09 44.24 46.36
N PRO E 194 17.51 45.45 46.29
CA PRO E 194 16.54 45.71 45.24
C PRO E 194 17.15 46.22 43.92
N LYS E 195 18.39 45.82 43.64
CA LYS E 195 19.08 46.24 42.41
C LYS E 195 18.44 45.68 41.15
N PHE E 196 17.74 44.56 41.26
CA PHE E 196 17.09 43.93 40.11
C PHE E 196 15.86 43.13 40.49
N GLY E 197 14.82 43.18 39.65
CA GLY E 197 13.72 42.24 39.74
C GLY E 197 12.34 42.79 40.01
N PHE E 198 12.24 44.04 40.48
CA PHE E 198 10.92 44.59 40.82
C PHE E 198 10.85 46.10 40.61
N LEU E 199 11.51 46.86 41.48
CA LEU E 199 11.54 48.31 41.38
C LEU E 199 12.59 48.79 40.37
N HIS E 200 13.67 48.03 40.26
CA HIS E 200 14.85 48.44 39.49
C HIS E 200 15.40 47.30 38.65
N TRP E 201 16.21 47.67 37.66
CA TRP E 201 16.72 46.72 36.67
C TRP E 201 18.20 47.04 36.35
N PHE E 202 18.97 47.32 37.40
CA PHE E 202 20.32 47.88 37.32
C PHE E 202 21.43 46.87 36.97
N THR E 203 21.28 45.64 37.45
CA THR E 203 22.40 44.69 37.45
C THR E 203 23.03 44.38 36.07
N PRO E 204 22.24 44.35 34.97
CA PRO E 204 22.91 44.17 33.68
C PRO E 204 23.88 45.29 33.31
N HIS E 205 23.60 46.52 33.75
CA HIS E 205 24.49 47.67 33.53
C HIS E 205 25.72 47.58 34.43
N TYR E 206 25.49 47.24 35.69
CA TYR E 206 26.59 47.03 36.64
C TYR E 206 27.54 45.96 36.15
N ASP E 207 26.98 44.85 35.64
CA ASP E 207 27.80 43.77 35.10
C ASP E 207 28.66 44.24 33.92
N ARG E 208 28.04 44.94 32.98
CA ARG E 208 28.75 45.44 31.81
C ARG E 208 29.89 46.40 32.19
N HIS E 209 29.61 47.31 33.12
CA HIS E 209 30.62 48.30 33.54
C HIS E 209 31.67 47.80 34.54
N PHE E 210 31.35 46.74 35.29
CA PHE E 210 32.23 46.27 36.36
C PHE E 210 33.03 45.00 36.03
N ARG E 211 32.55 44.20 35.08
CA ARG E 211 33.16 42.86 34.89
C ARG E 211 34.64 42.87 34.51
N ASP E 212 35.05 43.91 33.78
CA ASP E 212 36.44 44.04 33.34
C ASP E 212 37.41 44.32 34.51
N TYR E 213 36.88 44.64 35.68
CA TYR E 213 37.70 44.94 36.87
C TYR E 213 37.96 43.73 37.76
N ARG E 214 37.36 42.59 37.42
CA ARG E 214 37.31 41.44 38.34
C ARG E 214 38.65 40.78 38.73
N ASN E 215 39.68 40.93 37.90
N ASN E 215 39.66 40.97 37.87
CA ASN E 215 40.98 40.37 38.32
CA ASN E 215 41.02 40.49 38.11
C ASN E 215 41.89 41.38 39.03
C ASN E 215 41.84 41.37 39.06
N GLN E 216 41.34 42.58 39.31
CA GLN E 216 42.08 43.60 40.05
C GLN E 216 41.74 43.63 41.53
N GLN E 217 42.70 44.11 42.33
CA GLN E 217 42.51 44.24 43.77
C GLN E 217 41.80 45.56 44.05
N VAL E 218 40.54 45.63 43.65
CA VAL E 218 39.78 46.87 43.69
C VAL E 218 39.45 47.31 45.11
N ARG E 219 39.27 48.61 45.26
CA ARG E 219 38.68 49.19 46.46
C ARG E 219 37.37 49.83 46.00
N VAL E 220 36.27 49.36 46.58
CA VAL E 220 34.93 49.78 46.20
C VAL E 220 34.25 50.43 47.40
N LEU E 221 33.79 51.66 47.21
CA LEU E 221 33.00 52.35 48.22
C LEU E 221 31.56 52.53 47.76
N GLU E 222 30.61 51.96 48.50
CA GLU E 222 29.20 52.27 48.28
C GLU E 222 28.65 53.10 49.43
N ILE E 223 28.07 54.25 49.07
CA ILE E 223 27.35 55.09 50.02
C ILE E 223 25.92 54.57 50.10
N GLY E 224 25.52 54.14 51.29
CA GLY E 224 24.20 53.54 51.49
C GLY E 224 24.33 52.03 51.67
N VAL E 225 24.44 51.60 52.92
CA VAL E 225 24.56 50.17 53.23
C VAL E 225 23.20 49.48 53.16
N GLY E 226 22.14 50.19 53.55
CA GLY E 226 20.79 49.65 53.50
C GLY E 226 20.22 49.41 54.89
N GLY E 227 18.90 49.25 54.95
CA GLY E 227 18.23 48.94 56.20
C GLY E 227 17.81 50.15 57.01
N TYR E 228 18.36 51.31 56.66
CA TYR E 228 18.06 52.57 57.35
C TYR E 228 18.19 52.42 58.87
N LYS E 229 17.12 52.71 59.61
CA LYS E 229 17.18 52.69 61.07
C LYS E 229 16.94 51.32 61.71
N HIS E 230 16.56 50.32 60.91
CA HIS E 230 16.36 48.97 61.45
C HIS E 230 17.69 48.41 61.98
N PRO E 231 17.68 47.81 63.19
CA PRO E 231 18.94 47.37 63.81
C PRO E 231 19.63 46.17 63.14
N GLU E 232 18.90 45.43 62.30
CA GLU E 232 19.46 44.23 61.67
C GLU E 232 19.55 44.28 60.14
N TRP E 233 18.68 45.06 59.51
CA TRP E 233 18.57 45.08 58.05
C TRP E 233 19.73 45.79 57.35
N GLY E 234 20.04 45.33 56.13
CA GLY E 234 21.02 45.99 55.27
C GLY E 234 22.26 45.17 54.93
N GLY E 235 23.03 45.65 53.96
CA GLY E 235 24.31 45.03 53.60
C GLY E 235 24.29 44.13 52.36
N GLY E 236 23.12 43.91 51.80
CA GLY E 236 22.97 43.01 50.65
C GLY E 236 23.84 43.38 49.45
N SER E 237 23.89 44.66 49.11
CA SER E 237 24.69 45.08 47.96
C SER E 237 26.20 45.00 48.23
N LEU E 238 26.61 45.24 49.48
CA LEU E 238 28.02 45.01 49.85
C LEU E 238 28.43 43.55 49.65
N ARG E 239 27.57 42.62 50.07
N ARG E 239 27.57 42.62 50.06
CA ARG E 239 27.79 41.19 49.83
CA ARG E 239 27.82 41.19 49.85
C ARG E 239 27.90 40.93 48.34
C ARG E 239 27.81 40.84 48.36
N MET E 240 27.01 41.57 47.58
CA MET E 240 26.99 41.44 46.12
C MET E 240 28.37 41.79 45.53
N TRP E 241 28.92 42.93 45.93
CA TRP E 241 30.23 43.37 45.40
C TRP E 241 31.38 42.46 45.83
N LYS E 242 31.34 41.99 47.07
CA LYS E 242 32.35 41.04 47.58
C LYS E 242 32.35 39.75 46.73
N SER E 243 31.16 39.25 46.41
N SER E 243 31.17 39.24 46.41
CA SER E 243 31.01 38.07 45.57
CA SER E 243 31.04 38.06 45.56
C SER E 243 31.50 38.31 44.14
C SER E 243 31.52 38.32 44.13
N PHE E 244 31.20 39.50 43.59
CA PHE E 244 31.56 39.85 42.22
C PHE E 244 33.06 40.12 42.05
N PHE E 245 33.68 40.74 43.05
CA PHE E 245 35.10 41.10 43.01
C PHE E 245 35.93 40.22 43.96
N PRO E 246 36.44 39.08 43.45
CA PRO E 246 37.09 38.09 44.33
C PRO E 246 38.37 38.59 45.01
N ARG E 247 39.02 39.60 44.42
CA ARG E 247 40.23 40.17 45.03
C ARG E 247 39.97 41.53 45.69
N GLY E 248 38.69 41.91 45.76
CA GLY E 248 38.33 43.25 46.21
C GLY E 248 38.27 43.47 47.71
N GLN E 249 38.37 44.74 48.08
CA GLN E 249 38.02 45.23 49.40
C GLN E 249 36.78 46.09 49.24
N ILE E 250 35.74 45.79 50.00
CA ILE E 250 34.49 46.54 49.92
C ILE E 250 34.36 47.44 51.14
N TYR E 251 33.95 48.69 50.90
CA TYR E 251 33.64 49.65 51.96
C TYR E 251 32.20 50.14 51.79
N GLY E 252 31.49 50.27 52.90
CA GLY E 252 30.12 50.76 52.87
C GLY E 252 29.96 51.88 53.87
N LEU E 253 29.49 53.04 53.38
CA LEU E 253 29.21 54.17 54.26
C LEU E 253 27.71 54.28 54.54
N ASP E 254 27.35 54.46 55.80
CA ASP E 254 25.97 54.72 56.19
C ASP E 254 25.95 55.64 57.38
N ILE E 255 24.94 56.51 57.42
CA ILE E 255 24.74 57.41 58.58
C ILE E 255 24.39 56.64 59.86
N MET E 256 23.79 55.46 59.69
CA MET E 256 23.50 54.56 60.80
C MET E 256 24.62 53.51 61.01
N ASP E 257 24.72 53.00 62.23
CA ASP E 257 25.67 51.91 62.55
C ASP E 257 25.31 50.65 61.77
N LYS E 258 26.27 50.12 61.01
CA LYS E 258 26.07 48.88 60.27
C LYS E 258 27.15 47.85 60.57
N SER E 259 27.72 47.92 61.79
CA SER E 259 28.82 47.04 62.22
C SER E 259 28.51 45.55 62.12
N HIS E 260 27.23 45.21 62.18
CA HIS E 260 26.79 43.81 62.07
C HIS E 260 26.96 43.24 60.65
N VAL E 261 27.16 44.13 59.67
CA VAL E 261 27.37 43.71 58.27
C VAL E 261 28.83 43.30 58.00
N ASP E 262 29.77 43.85 58.75
CA ASP E 262 31.20 43.59 58.52
C ASP E 262 31.54 42.10 58.50
N GLU E 263 32.33 41.72 57.51
CA GLU E 263 32.90 40.38 57.41
C GLU E 263 34.22 40.48 56.63
N LEU E 264 34.85 39.34 56.36
CA LEU E 264 36.07 39.34 55.55
C LEU E 264 35.84 40.12 54.25
N ARG E 265 36.73 41.10 53.99
CA ARG E 265 36.69 41.93 52.77
C ARG E 265 35.54 42.94 52.69
N ILE E 266 34.75 43.08 53.77
CA ILE E 266 33.70 44.11 53.83
C ILE E 266 33.83 44.91 55.13
N ARG E 267 34.08 46.21 54.99
CA ARG E 267 34.10 47.12 56.14
C ARG E 267 33.00 48.17 56.04
N THR E 268 32.21 48.35 57.08
CA THR E 268 31.27 49.46 57.12
C THR E 268 31.86 50.66 57.86
N ILE E 269 31.42 51.85 57.48
CA ILE E 269 31.87 53.11 58.06
C ILE E 269 30.62 53.91 58.43
N GLN E 270 30.60 54.47 59.63
CA GLN E 270 29.48 55.30 60.06
C GLN E 270 29.80 56.78 59.85
N GLY E 271 28.96 57.44 59.07
CA GLY E 271 29.13 58.88 58.82
C GLY E 271 28.15 59.43 57.80
N ASP E 272 28.20 60.73 57.61
CA ASP E 272 27.26 61.46 56.79
C ASP E 272 27.87 61.77 55.43
N GLN E 273 27.21 61.34 54.36
CA GLN E 273 27.70 61.58 53.00
C GLN E 273 27.66 63.06 52.62
N ASN E 274 26.99 63.87 53.44
CA ASN E 274 26.87 65.30 53.18
C ASN E 274 27.93 66.12 53.91
N ASP E 275 28.90 65.43 54.50
CA ASP E 275 30.01 66.08 55.20
C ASP E 275 31.27 65.89 54.38
N ALA E 276 31.61 66.89 53.56
CA ALA E 276 32.73 66.83 52.63
C ALA E 276 34.09 66.63 53.30
N GLU E 277 34.26 67.24 54.47
CA GLU E 277 35.51 67.10 55.22
C GLU E 277 35.69 65.66 55.72
N PHE E 278 34.61 65.08 56.24
CA PHE E 278 34.61 63.68 56.64
C PHE E 278 34.88 62.75 55.46
N LEU E 279 34.24 63.03 54.33
CA LEU E 279 34.42 62.22 53.13
C LEU E 279 35.88 62.21 52.68
N ASP E 280 36.52 63.38 52.75
CA ASP E 280 37.92 63.49 52.37
C ASP E 280 38.82 62.67 53.31
N ARG E 281 38.52 62.69 54.61
CA ARG E 281 39.27 61.92 55.60
C ARG E 281 39.21 60.42 55.35
N ILE E 282 38.01 59.89 55.12
CA ILE E 282 37.86 58.45 54.88
C ILE E 282 38.46 58.02 53.52
N ALA E 283 38.38 58.91 52.53
CA ALA E 283 38.99 58.65 51.22
C ALA E 283 40.51 58.57 51.31
N ARG E 284 41.12 59.44 52.11
CA ARG E 284 42.57 59.40 52.33
C ARG E 284 43.00 58.15 53.10
N ARG E 285 42.16 57.75 54.05
N ARG E 285 42.18 57.74 54.06
CA ARG E 285 42.41 56.60 54.91
CA ARG E 285 42.47 56.57 54.88
C ARG E 285 42.27 55.26 54.16
C ARG E 285 42.32 55.27 54.10
N TYR E 286 41.26 55.18 53.29
CA TYR E 286 40.90 53.92 52.62
C TYR E 286 41.05 53.88 51.10
N GLY E 287 41.27 55.02 50.46
CA GLY E 287 41.34 55.09 49.00
C GLY E 287 42.74 54.88 48.45
N PRO E 288 42.96 55.19 47.15
CA PRO E 288 41.94 55.69 46.23
C PRO E 288 40.99 54.57 45.79
N PHE E 289 39.80 54.94 45.31
CA PHE E 289 38.77 53.95 44.97
C PHE E 289 38.69 53.70 43.48
N ASP E 290 38.65 52.44 43.09
CA ASP E 290 38.40 52.10 41.69
C ASP E 290 36.96 52.44 41.32
N ILE E 291 36.07 52.28 42.29
CA ILE E 291 34.63 52.45 42.11
C ILE E 291 34.02 53.10 43.34
N VAL E 292 33.23 54.15 43.11
CA VAL E 292 32.40 54.76 44.14
C VAL E 292 30.96 54.70 43.65
N ILE E 293 30.05 54.29 44.53
CA ILE E 293 28.63 54.22 44.21
C ILE E 293 27.83 55.02 45.22
N ASP E 294 27.01 55.95 44.73
CA ASP E 294 26.10 56.69 45.60
C ASP E 294 24.71 56.07 45.53
N ASP E 295 24.37 55.33 46.58
CA ASP E 295 23.02 54.82 46.76
C ASP E 295 22.55 55.19 48.18
N GLY E 296 22.75 56.44 48.55
CA GLY E 296 22.55 56.87 49.93
C GLY E 296 21.19 57.49 50.18
N SER E 297 21.20 58.72 50.70
CA SER E 297 19.99 59.44 51.06
C SER E 297 19.10 59.72 49.84
N HIS E 298 19.73 59.87 48.67
CA HIS E 298 19.07 60.37 47.45
C HIS E 298 18.59 61.83 47.55
N ILE E 299 19.07 62.55 48.57
CA ILE E 299 18.83 63.99 48.65
C ILE E 299 19.74 64.65 47.63
N ASN E 300 19.18 65.49 46.76
CA ASN E 300 19.93 66.07 45.63
C ASN E 300 21.23 66.78 46.05
N ALA E 301 21.14 67.62 47.08
CA ALA E 301 22.32 68.32 47.60
C ALA E 301 23.40 67.34 48.06
N HIS E 302 22.98 66.22 48.65
CA HIS E 302 23.89 65.16 49.13
C HIS E 302 24.63 64.50 47.98
N VAL E 303 23.91 64.15 46.92
CA VAL E 303 24.49 63.52 45.73
C VAL E 303 25.59 64.44 45.15
N ARG E 304 25.26 65.72 45.04
CA ARG E 304 26.19 66.71 44.51
C ARG E 304 27.39 66.96 45.44
N THR E 305 27.15 67.03 46.75
CA THR E 305 28.24 67.18 47.72
C THR E 305 29.21 65.99 47.68
N SER E 306 28.66 64.78 47.67
CA SER E 306 29.47 63.56 47.67
C SER E 306 30.30 63.44 46.40
N PHE E 307 29.72 63.80 45.26
CA PHE E 307 30.45 63.72 43.98
C PHE E 307 31.66 64.66 43.97
N ALA E 308 31.45 65.92 44.36
CA ALA E 308 32.52 66.91 44.40
C ALA E 308 33.66 66.48 45.34
N ALA E 309 33.30 65.90 46.48
CA ALA E 309 34.26 65.47 47.49
C ALA E 309 35.01 64.19 47.12
N LEU E 310 34.33 63.28 46.44
CA LEU E 310 34.86 61.92 46.21
C LEU E 310 35.39 61.65 44.81
N PHE E 311 34.92 62.41 43.82
CA PHE E 311 35.43 62.25 42.46
C PHE E 311 36.96 62.39 42.37
N PRO E 312 37.55 63.36 43.11
CA PRO E 312 39.02 63.43 43.11
C PRO E 312 39.72 62.18 43.67
N HIS E 313 38.99 61.37 44.44
CA HIS E 313 39.53 60.15 45.05
C HIS E 313 39.21 58.87 44.28
N VAL E 314 38.56 59.01 43.13
CA VAL E 314 38.42 57.89 42.20
C VAL E 314 39.71 57.78 41.40
N ARG E 315 40.20 56.56 41.22
CA ARG E 315 41.40 56.32 40.42
C ARG E 315 41.16 56.68 38.94
N PRO E 316 42.22 57.14 38.25
CA PRO E 316 42.13 57.23 36.79
C PRO E 316 41.79 55.84 36.25
N GLY E 317 40.82 55.78 35.33
CA GLY E 317 40.30 54.50 34.85
C GLY E 317 39.18 53.91 35.70
N GLY E 318 38.83 54.60 36.78
CA GLY E 318 37.77 54.18 37.69
C GLY E 318 36.39 54.73 37.35
N LEU E 319 35.41 54.43 38.21
CA LEU E 319 34.02 54.77 37.97
C LEU E 319 33.38 55.45 39.17
N TYR E 320 32.54 56.46 38.91
CA TYR E 320 31.67 57.03 39.93
C TYR E 320 30.24 56.78 39.47
N VAL E 321 29.48 56.07 40.30
CA VAL E 321 28.13 55.65 39.95
C VAL E 321 27.12 56.37 40.84
N ILE E 322 26.06 56.89 40.23
CA ILE E 322 24.95 57.48 40.99
C ILE E 322 23.69 56.68 40.70
N GLU E 323 23.05 56.23 41.77
CA GLU E 323 21.83 55.43 41.68
C GLU E 323 20.65 56.27 42.13
N ASP E 324 19.49 56.03 41.53
CA ASP E 324 18.21 56.60 41.96
C ASP E 324 18.04 58.11 41.72
N MET E 325 18.32 58.53 40.48
CA MET E 325 18.13 59.94 40.10
C MET E 325 16.65 60.35 40.05
N TRP E 326 15.74 59.41 40.25
CA TRP E 326 14.31 59.73 40.26
C TRP E 326 13.98 60.90 41.21
N THR E 327 14.71 61.01 42.31
CA THR E 327 14.46 62.05 43.32
C THR E 327 14.77 63.46 42.83
N ALA E 328 15.45 63.56 41.68
CA ALA E 328 15.68 64.87 41.05
C ALA E 328 14.38 65.65 40.78
N TYR E 329 13.28 64.93 40.62
CA TYR E 329 12.00 65.55 40.28
C TYR E 329 11.09 65.83 41.47
N TRP E 330 11.58 65.59 42.69
CA TRP E 330 10.73 65.63 43.87
C TRP E 330 11.23 66.59 44.95
N PRO E 331 10.44 67.66 45.24
CA PRO E 331 10.87 68.66 46.23
C PRO E 331 11.20 68.09 47.60
N GLY E 332 10.55 66.98 47.97
CA GLY E 332 10.84 66.28 49.23
C GLY E 332 12.25 65.74 49.38
N PHE E 333 12.99 65.68 48.27
CA PHE E 333 14.41 65.32 48.28
C PHE E 333 15.28 66.48 47.79
N GLY E 334 14.73 67.69 47.82
CA GLY E 334 15.42 68.89 47.31
C GLY E 334 15.41 68.99 45.79
N GLY E 335 14.49 68.27 45.15
CA GLY E 335 14.38 68.27 43.69
C GLY E 335 13.34 69.26 43.18
N GLN E 336 13.07 69.22 41.89
CA GLN E 336 12.12 70.14 41.25
C GLN E 336 11.27 69.38 40.24
N ALA E 337 9.95 69.60 40.30
CA ALA E 337 9.02 68.92 39.38
C ALA E 337 9.25 69.26 37.92
N ASP E 338 9.70 70.48 37.65
CA ASP E 338 10.03 70.94 36.30
C ASP E 338 11.44 70.50 35.95
N PRO E 339 11.57 69.58 34.96
CA PRO E 339 12.89 69.06 34.59
C PRO E 339 13.87 70.13 34.07
N GLN E 340 13.35 71.28 33.66
CA GLN E 340 14.20 72.41 33.23
C GLN E 340 14.82 73.18 34.42
N GLU E 341 14.20 73.08 35.59
N GLU E 341 14.20 73.08 35.59
CA GLU E 341 14.72 73.72 36.79
CA GLU E 341 14.72 73.73 36.78
C GLU E 341 15.66 72.78 37.52
C GLU E 341 15.66 72.79 37.52
N CYS E 342 16.77 72.43 36.87
CA CYS E 342 17.66 71.38 37.36
C CYS E 342 19.00 71.86 37.94
N SER E 343 19.16 73.17 38.15
CA SER E 343 20.44 73.70 38.63
C SER E 343 20.93 73.09 39.95
N GLY E 344 20.00 72.62 40.78
CA GLY E 344 20.35 71.98 42.04
C GLY E 344 20.12 70.48 42.15
N THR E 345 19.81 69.82 41.03
CA THR E 345 19.47 68.39 41.06
C THR E 345 20.60 67.48 40.56
N SER E 346 20.45 66.19 40.83
CA SER E 346 21.39 65.18 40.33
C SER E 346 21.40 65.13 38.80
N LEU E 347 20.24 65.36 38.19
CA LEU E 347 20.15 65.42 36.73
C LEU E 347 20.82 66.65 36.15
N GLY E 348 20.69 67.78 36.85
CA GLY E 348 21.46 68.99 36.53
C GLY E 348 22.95 68.71 36.52
N LEU E 349 23.41 67.98 37.53
CA LEU E 349 24.81 67.55 37.60
C LEU E 349 25.20 66.71 36.38
N LEU E 350 24.40 65.70 36.05
CA LEU E 350 24.70 64.85 34.87
C LEU E 350 24.73 65.64 33.57
N LYS E 351 23.75 66.52 33.38
CA LYS E 351 23.73 67.41 32.22
C LYS E 351 25.02 68.24 32.12
N SER E 352 25.47 68.77 33.26
CA SER E 352 26.68 69.59 33.31
C SER E 352 27.94 68.81 32.96
N LEU E 353 27.94 67.51 33.23
CA LEU E 353 29.05 66.62 32.91
C LEU E 353 29.27 66.49 31.41
N ILE E 354 28.20 66.65 30.62
CA ILE E 354 28.32 66.69 29.17
C ILE E 354 29.20 67.88 28.73
N ASP E 355 28.94 69.05 29.29
CA ASP E 355 29.78 70.23 29.02
C ASP E 355 31.21 70.05 29.55
N ALA E 356 31.34 69.34 30.67
CA ALA E 356 32.66 69.07 31.24
C ALA E 356 33.50 68.23 30.29
N ILE E 357 32.88 67.17 29.75
CA ILE E 357 33.52 66.31 28.74
C ILE E 357 33.98 67.16 27.54
N GLN E 358 33.11 68.07 27.11
CA GLN E 358 33.33 68.93 25.94
C GLN E 358 34.13 70.21 26.20
N HIS E 359 34.65 70.41 27.42
CA HIS E 359 35.15 71.72 27.82
C HIS E 359 36.32 72.28 26.98
N GLN E 360 37.12 71.40 26.38
CA GLN E 360 38.25 71.86 25.55
C GLN E 360 37.79 72.45 24.21
N GLU E 361 36.51 72.27 23.90
CA GLU E 361 35.91 72.87 22.69
C GLU E 361 35.40 74.30 22.88
N LEU E 362 35.41 74.77 24.13
CA LEU E 362 34.93 76.13 24.43
C LEU E 362 35.83 77.16 23.76
N PRO E 363 35.25 78.28 23.29
CA PRO E 363 36.05 79.38 22.75
C PRO E 363 37.02 79.91 23.80
N SER E 364 38.19 80.34 23.35
CA SER E 364 39.24 80.81 24.26
C SER E 364 38.78 81.93 25.18
N ASP E 365 39.27 81.86 26.42
CA ASP E 365 38.99 82.87 27.44
C ASP E 365 40.10 82.78 28.50
N PRO E 366 40.98 83.81 28.56
CA PRO E 366 42.02 83.88 29.58
C PRO E 366 41.46 84.05 31.01
N ASN E 367 40.22 84.54 31.11
CA ASN E 367 39.54 84.70 32.39
C ASN E 367 39.01 83.37 32.93
N ARG E 368 38.80 82.42 32.03
CA ARG E 368 38.23 81.11 32.36
C ARG E 368 39.33 80.04 32.42
N SER E 369 39.32 79.25 33.48
CA SER E 369 40.20 78.09 33.56
C SER E 369 39.43 76.83 33.96
N PRO E 370 39.64 75.72 33.22
CA PRO E 370 38.92 74.47 33.44
C PRO E 370 39.02 73.98 34.88
N GLY E 371 37.92 73.49 35.43
CA GLY E 371 37.87 73.01 36.80
C GLY E 371 38.34 71.58 36.92
N TYR E 372 38.32 71.03 38.13
CA TYR E 372 38.81 69.68 38.34
C TYR E 372 38.01 68.64 37.55
N VAL E 373 36.69 68.74 37.62
CA VAL E 373 35.83 67.77 36.94
C VAL E 373 36.03 67.83 35.43
N ASP E 374 36.08 69.04 34.88
CA ASP E 374 36.40 69.29 33.47
C ASP E 374 37.59 68.44 33.03
N ARG E 375 38.66 68.48 33.81
CA ARG E 375 39.94 67.87 33.45
C ARG E 375 40.00 66.37 33.71
N ASN E 376 38.97 65.83 34.36
CA ASN E 376 39.01 64.46 34.87
C ASN E 376 37.83 63.56 34.52
N ILE E 377 36.96 64.01 33.62
CA ILE E 377 35.87 63.15 33.14
C ILE E 377 36.08 62.82 31.67
N VAL E 378 36.03 61.52 31.35
CA VAL E 378 36.23 61.08 29.97
C VAL E 378 35.06 60.26 29.40
N GLY E 379 34.01 60.10 30.19
CA GLY E 379 32.84 59.33 29.74
C GLY E 379 31.68 59.49 30.69
N LEU E 380 30.48 59.48 30.13
CA LEU E 380 29.24 59.51 30.90
C LEU E 380 28.27 58.50 30.31
N HIS E 381 27.70 57.65 31.16
CA HIS E 381 26.73 56.64 30.74
C HIS E 381 25.46 56.79 31.58
N VAL E 382 24.33 57.02 30.93
CA VAL E 382 23.07 57.24 31.66
C VAL E 382 22.04 56.18 31.26
N TYR E 383 21.51 55.50 32.27
CA TYR E 383 20.40 54.56 32.11
C TYR E 383 19.29 54.97 33.09
N HIS E 384 18.15 54.29 33.02
CA HIS E 384 17.04 54.61 33.92
C HIS E 384 17.49 54.43 35.37
N ASN E 385 17.47 55.54 36.12
CA ASN E 385 17.84 55.56 37.54
C ASN E 385 19.24 55.10 37.93
N VAL E 386 20.17 55.06 36.96
CA VAL E 386 21.57 54.79 37.27
C VAL E 386 22.53 55.37 36.22
N ALA E 387 23.56 56.06 36.70
CA ALA E 387 24.54 56.70 35.81
C ALA E 387 25.97 56.39 36.20
N PHE E 388 26.83 56.18 35.21
CA PHE E 388 28.23 55.81 35.42
C PHE E 388 29.12 56.91 34.84
N VAL E 389 29.99 57.46 35.67
CA VAL E 389 30.92 58.51 35.26
C VAL E 389 32.34 57.94 35.19
N GLU E 390 32.96 58.05 34.02
CA GLU E 390 34.34 57.57 33.82
C GLU E 390 35.38 58.62 34.19
N LYS E 391 36.21 58.29 35.17
CA LYS E 391 37.29 59.15 35.65
C LYS E 391 38.54 58.91 34.79
N GLY E 392 39.13 59.97 34.25
CA GLY E 392 40.36 59.85 33.45
C GLY E 392 40.85 61.22 33.03
N ARG E 393 42.03 61.28 32.42
N ARG E 393 42.01 61.28 32.41
CA ARG E 393 42.56 62.56 31.97
CA ARG E 393 42.58 62.54 31.95
C ARG E 393 41.86 63.00 30.68
C ARG E 393 41.88 63.01 30.68
N ASN E 394 41.11 64.08 30.79
CA ASN E 394 40.39 64.64 29.65
C ASN E 394 41.26 65.71 29.01
N ASP E 395 42.20 65.28 28.18
CA ASP E 395 43.16 66.20 27.58
C ASP E 395 43.51 65.77 26.15
N GLU E 396 42.48 65.57 25.33
CA GLU E 396 42.65 65.13 23.94
C GLU E 396 42.99 66.30 23.03
N GLY E 397 42.60 67.50 23.45
CA GLY E 397 42.80 68.71 22.65
C GLY E 397 41.50 69.08 21.95
N GLY E 398 41.17 70.36 21.97
CA GLY E 398 40.01 70.87 21.24
C GLY E 398 40.30 70.98 19.75
N ILE E 399 39.27 71.28 18.97
CA ILE E 399 39.42 71.43 17.53
C ILE E 399 40.38 72.60 17.27
N PRO E 400 41.42 72.38 16.44
CA PRO E 400 42.42 73.42 16.20
C PRO E 400 41.82 74.65 15.52
N THR E 401 42.48 75.79 15.70
CA THR E 401 41.99 77.08 15.19
C THR E 401 41.91 77.12 13.66
N TRP E 402 42.68 76.25 13.00
CA TRP E 402 42.74 76.21 11.54
C TRP E 402 41.65 75.34 10.90
N ILE E 403 40.84 74.68 11.72
CA ILE E 403 39.60 74.09 11.23
C ILE E 403 38.54 75.21 11.23
N PRO E 404 37.94 75.49 10.06
CA PRO E 404 37.01 76.62 9.97
C PRO E 404 35.83 76.50 10.94
N ARG E 405 35.38 77.64 11.45
CA ARG E 405 34.33 77.68 12.47
C ARG E 405 32.94 77.98 11.89
N ASP E 406 32.77 77.71 10.60
CA ASP E 406 31.45 77.78 9.95
C ASP E 406 31.39 76.73 8.85
N PHE E 407 30.18 76.26 8.56
CA PHE E 407 29.99 75.11 7.66
C PHE E 407 30.55 75.40 6.26
N GLU E 408 30.20 76.56 5.70
CA GLU E 408 30.57 76.87 4.33
C GLU E 408 32.09 76.95 4.13
N SER E 409 32.80 77.54 5.08
CA SER E 409 34.27 77.57 5.04
C SER E 409 34.87 76.19 5.25
N LEU E 410 34.24 75.38 6.09
CA LEU E 410 34.69 73.99 6.24
C LEU E 410 34.56 73.22 4.92
N VAL E 411 33.44 73.42 4.20
CA VAL E 411 33.23 72.76 2.91
C VAL E 411 34.38 73.12 1.95
N GLN E 412 34.62 74.43 1.83
CA GLN E 412 35.66 74.95 0.98
C GLN E 412 37.06 74.43 1.35
N ALA E 413 37.38 74.44 2.64
CA ALA E 413 38.70 74.00 3.11
C ALA E 413 38.92 72.50 2.92
N SER E 414 37.84 71.74 2.83
CA SER E 414 37.92 70.28 2.75
C SER E 414 37.71 69.72 1.34
N SER E 415 37.55 70.60 0.35
CA SER E 415 37.18 70.19 -1.01
C SER E 415 38.35 70.24 -2.02
N GLY E 416 39.56 70.54 -1.55
CA GLY E 416 40.76 70.55 -2.39
C GLY E 416 40.68 71.35 -3.68
N GLY E 417 39.97 72.47 -3.65
CA GLY E 417 39.88 73.34 -4.80
C GLY E 417 38.65 73.16 -5.66
N ALA E 418 37.93 72.05 -5.46
CA ALA E 418 36.68 71.80 -6.20
C ALA E 418 35.59 72.78 -5.74
N THR E 419 34.81 73.28 -6.69
CA THR E 419 33.82 74.33 -6.43
C THR E 419 32.38 73.87 -6.67
N GLU F 26 3.11 18.10 20.96
CA GLU F 26 2.91 19.56 21.17
C GLU F 26 3.14 20.39 19.90
N PHE F 27 4.39 20.42 19.40
CA PHE F 27 4.75 21.20 18.22
C PHE F 27 5.54 20.39 17.21
N ASP F 28 5.22 20.57 15.93
CA ASP F 28 5.91 19.88 14.84
C ASP F 28 7.37 20.30 14.79
N GLU F 29 8.27 19.32 14.82
CA GLU F 29 9.72 19.57 14.88
C GLU F 29 10.23 20.42 13.70
N ALA F 30 9.70 20.19 12.50
CA ALA F 30 10.08 20.97 11.33
C ALA F 30 9.68 22.44 11.47
N THR F 31 8.50 22.68 12.04
CA THR F 31 8.04 24.04 12.33
C THR F 31 8.93 24.73 13.36
N VAL F 32 9.25 24.02 14.44
CA VAL F 32 10.11 24.59 15.50
C VAL F 32 11.47 25.00 14.93
N GLN F 33 12.05 24.13 14.11
CA GLN F 33 13.33 24.42 13.47
C GLN F 33 13.25 25.60 12.51
N ASP F 34 12.14 25.73 11.81
CA ASP F 34 11.94 26.85 10.90
C ASP F 34 11.81 28.16 11.68
N VAL F 35 11.09 28.11 12.79
CA VAL F 35 10.94 29.27 13.69
C VAL F 35 12.31 29.73 14.21
N VAL F 36 13.13 28.79 14.65
CA VAL F 36 14.47 29.11 15.14
C VAL F 36 15.36 29.68 14.01
N ARG F 37 15.28 29.09 12.83
N ARG F 37 15.28 29.09 12.82
CA ARG F 37 16.03 29.55 11.66
CA ARG F 37 16.05 29.57 11.67
C ARG F 37 15.72 31.01 11.31
C ARG F 37 15.71 31.04 11.36
N LEU F 38 14.42 31.34 11.23
CA LEU F 38 13.98 32.70 10.90
C LEU F 38 14.23 33.69 12.04
N ALA F 39 14.05 33.24 13.28
CA ALA F 39 14.31 34.07 14.46
C ALA F 39 15.75 34.55 14.52
N GLY F 40 16.66 33.79 13.90
CA GLY F 40 18.07 34.15 13.86
C GLY F 40 18.42 35.19 12.82
N GLY F 41 17.45 35.57 12.00
CA GLY F 41 17.66 36.52 10.90
C GLY F 41 17.50 37.97 11.32
N HIS F 42 17.25 38.83 10.33
CA HIS F 42 17.09 40.28 10.54
C HIS F 42 15.59 40.59 10.55
N ASP F 43 15.23 41.88 10.51
CA ASP F 43 13.82 42.30 10.57
C ASP F 43 12.95 41.59 9.52
N SER F 44 13.46 41.45 8.30
CA SER F 44 12.68 40.83 7.22
C SER F 44 12.33 39.38 7.53
N GLU F 45 13.25 38.64 8.14
CA GLU F 45 13.01 37.25 8.54
C GLU F 45 12.01 37.13 9.69
N LEU F 46 12.10 38.04 10.66
CA LEU F 46 11.14 38.05 11.77
C LEU F 46 9.73 38.34 11.26
N ARG F 47 9.61 39.31 10.35
CA ARG F 47 8.33 39.61 9.72
C ARG F 47 7.81 38.41 8.92
N GLU F 48 8.71 37.73 8.20
CA GLU F 48 8.36 36.56 7.42
C GLU F 48 7.78 35.47 8.31
N LEU F 49 8.44 35.25 9.45
CA LEU F 49 8.03 34.25 10.44
C LEU F 49 6.60 34.49 10.93
N THR F 50 6.31 35.73 11.34
CA THR F 50 5.01 36.06 11.90
C THR F 50 3.89 36.16 10.85
N GLN F 51 4.26 36.25 9.57
CA GLN F 51 3.30 36.17 8.46
C GLN F 51 2.99 34.71 8.10
N LYS F 52 4.01 33.85 8.22
CA LYS F 52 3.96 32.45 7.84
C LYS F 52 3.17 31.59 8.81
N TYR F 53 3.29 31.93 10.10
CA TYR F 53 2.67 31.14 11.15
C TYR F 53 1.71 31.98 11.97
N ASP F 54 0.67 31.32 12.50
CA ASP F 54 -0.30 31.96 13.38
C ASP F 54 0.42 32.49 14.62
N PRO F 55 0.33 33.81 14.88
CA PRO F 55 1.00 34.39 16.05
C PRO F 55 0.58 33.75 17.38
N ALA F 56 -0.67 33.31 17.48
CA ALA F 56 -1.15 32.62 18.68
C ALA F 56 -0.37 31.32 18.94
N MET F 57 -0.13 30.56 17.87
CA MET F 57 0.65 29.33 17.96
C MET F 57 2.11 29.63 18.31
N ILE F 58 2.70 30.60 17.63
CA ILE F 58 4.10 31.01 17.96
C ILE F 58 4.22 31.39 19.44
N SER F 59 3.24 32.15 19.93
N SER F 59 3.25 32.13 19.95
CA SER F 59 3.20 32.56 21.33
CA SER F 59 3.26 32.55 21.35
C SER F 59 3.22 31.36 22.29
C SER F 59 3.21 31.37 22.31
N ARG F 60 2.41 30.35 21.98
CA ARG F 60 2.34 29.13 22.78
C ARG F 60 3.67 28.36 22.70
N LEU F 61 4.30 28.38 21.52
CA LEU F 61 5.62 27.76 21.35
C LEU F 61 6.66 28.45 22.24
N LEU F 62 6.65 29.78 22.25
CA LEU F 62 7.62 30.53 23.06
C LEU F 62 7.38 30.30 24.55
N VAL F 63 6.12 30.27 24.98
CA VAL F 63 5.83 29.97 26.39
C VAL F 63 6.34 28.57 26.79
N ALA F 64 6.12 27.58 25.91
CA ALA F 64 6.65 26.24 26.13
C ALA F 64 8.17 26.23 26.34
N GLU F 65 8.88 27.01 25.52
CA GLU F 65 10.34 27.15 25.64
C GLU F 65 10.73 27.83 26.95
N ILE F 66 10.08 28.96 27.24
CA ILE F 66 10.28 29.70 28.50
C ILE F 66 10.13 28.81 29.75
N LEU F 67 9.07 28.01 29.78
CA LEU F 67 8.82 27.12 30.92
C LEU F 67 9.98 26.16 31.18
N SER F 68 10.64 25.69 30.13
CA SER F 68 11.78 24.78 30.27
C SER F 68 13.07 25.53 30.60
N ARG F 69 13.11 26.81 30.25
CA ARG F 69 14.31 27.63 30.38
C ARG F 69 14.43 28.27 31.76
N CYS F 70 13.30 28.50 32.43
CA CYS F 70 13.30 29.12 33.76
C CYS F 70 14.10 28.34 34.79
N PRO F 71 14.89 29.05 35.62
CA PRO F 71 15.62 28.42 36.73
C PRO F 71 14.65 28.04 37.84
N PRO F 72 15.10 27.25 38.84
CA PRO F 72 14.21 26.96 39.97
C PRO F 72 13.90 28.21 40.77
N PRO F 73 12.60 28.47 41.04
CA PRO F 73 12.18 29.61 41.87
C PRO F 73 12.71 29.51 43.30
N SER F 74 12.97 30.66 43.91
CA SER F 74 13.45 30.71 45.30
C SER F 74 12.43 31.32 46.28
N ASN F 75 11.32 31.82 45.75
CA ASN F 75 10.29 32.46 46.58
C ASN F 75 9.42 31.46 47.35
N ASP F 76 9.30 31.67 48.65
CA ASP F 76 8.49 30.81 49.52
C ASP F 76 6.99 31.07 49.35
N THR F 77 6.63 32.34 49.22
CA THR F 77 5.25 32.74 48.98
C THR F 77 4.96 32.68 47.48
N PRO F 78 3.93 31.91 47.08
CA PRO F 78 3.57 31.78 45.66
C PRO F 78 3.01 33.07 45.07
N VAL F 79 3.51 33.43 43.89
N VAL F 79 3.48 33.40 43.86
CA VAL F 79 3.02 34.57 43.16
CA VAL F 79 3.06 34.61 43.16
C VAL F 79 2.73 34.19 41.72
C VAL F 79 2.86 34.30 41.68
N LEU F 80 1.93 35.02 41.05
CA LEU F 80 1.73 34.89 39.62
C LEU F 80 2.54 35.97 38.91
N VAL F 81 3.11 35.60 37.77
CA VAL F 81 3.74 36.57 36.89
C VAL F 81 2.94 36.50 35.59
N GLU F 82 2.30 37.59 35.20
CA GLU F 82 1.58 37.63 33.95
C GLU F 82 2.56 37.93 32.83
N LEU F 83 2.61 37.05 31.85
CA LEU F 83 3.40 37.26 30.65
C LEU F 83 2.45 37.57 29.48
N ALA F 84 2.49 38.80 29.00
CA ALA F 84 1.65 39.22 27.89
C ALA F 84 2.50 39.36 26.65
N ILE F 85 2.13 38.62 25.60
CA ILE F 85 2.85 38.68 24.32
C ILE F 85 1.98 39.36 23.28
N VAL F 86 2.52 40.42 22.69
CA VAL F 86 1.75 41.31 21.84
C VAL F 86 2.22 41.21 20.39
N HIS F 87 1.28 41.11 19.46
CA HIS F 87 1.57 41.17 18.03
C HIS F 87 0.41 41.80 17.32
N GLY F 88 0.66 42.93 16.67
CA GLY F 88 -0.40 43.71 16.04
C GLY F 88 -1.45 44.06 17.08
N SER F 89 -2.72 43.85 16.75
CA SER F 89 -3.82 44.15 17.64
C SER F 89 -4.17 43.01 18.61
N GLU F 90 -3.34 41.96 18.62
CA GLU F 90 -3.57 40.83 19.51
C GLU F 90 -2.65 40.84 20.74
N ARG F 91 -3.15 40.31 21.84
CA ARG F 91 -2.41 40.26 23.10
C ARG F 91 -2.64 38.90 23.74
N PHE F 92 -1.60 38.09 23.79
CA PHE F 92 -1.70 36.73 24.32
C PHE F 92 -1.20 36.68 25.76
N ARG F 93 -2.13 36.48 26.69
CA ARG F 93 -1.84 36.58 28.11
C ARG F 93 -1.66 35.20 28.75
N HIS F 94 -0.57 35.04 29.48
CA HIS F 94 -0.28 33.78 30.18
C HIS F 94 0.05 34.07 31.62
N PHE F 95 -0.66 33.42 32.54
CA PHE F 95 -0.43 33.63 33.96
C PHE F 95 0.40 32.49 34.53
N LEU F 96 1.61 32.82 34.96
CA LEU F 96 2.58 31.82 35.41
C LEU F 96 2.68 31.77 36.91
N ARG F 97 2.38 30.61 37.49
CA ARG F 97 2.51 30.40 38.92
C ARG F 97 3.95 30.09 39.28
N VAL F 98 4.52 30.90 40.18
CA VAL F 98 5.93 30.78 40.54
C VAL F 98 6.10 30.59 42.05
N VAL F 99 6.68 29.45 42.44
CA VAL F 99 6.93 29.14 43.84
C VAL F 99 8.07 28.13 44.00
N ARG F 100 8.87 28.29 45.05
CA ARG F 100 9.99 27.39 45.36
C ARG F 100 9.53 25.93 45.43
N ASP F 101 10.32 25.05 44.82
CA ASP F 101 10.11 23.59 44.83
C ASP F 101 9.02 23.08 43.88
N SER F 102 8.49 23.99 43.06
CA SER F 102 7.58 23.61 41.98
C SER F 102 8.08 24.17 40.65
N PRO F 103 7.92 23.41 39.55
CA PRO F 103 8.20 23.98 38.25
C PRO F 103 7.18 25.07 37.91
N ILE F 104 7.65 26.14 37.26
CA ILE F 104 6.78 27.21 36.81
C ILE F 104 5.80 26.65 35.78
N ARG F 105 4.51 26.93 35.98
CA ARG F 105 3.46 26.43 35.09
C ARG F 105 2.33 27.45 34.93
N PRO F 106 1.61 27.42 33.79
CA PRO F 106 0.50 28.35 33.59
C PRO F 106 -0.71 27.98 34.42
N VAL F 107 -1.43 28.98 34.91
CA VAL F 107 -2.65 28.79 35.67
C VAL F 107 -3.70 29.83 35.23
N GLY F 108 -4.88 29.79 35.85
CA GLY F 108 -5.91 30.80 35.61
C GLY F 108 -5.56 32.12 36.27
N ALA F 109 -6.08 33.22 35.71
CA ALA F 109 -5.83 34.58 36.21
C ALA F 109 -6.26 34.80 37.66
N ASP F 110 -7.23 33.99 38.10
CA ASP F 110 -7.79 34.09 39.45
C ASP F 110 -7.10 33.19 40.47
N GLU F 111 -6.05 32.48 40.03
CA GLU F 111 -5.41 31.46 40.87
C GLU F 111 -4.24 31.97 41.74
N GLY F 112 -4.22 33.27 42.02
CA GLY F 112 -3.19 33.85 42.88
C GLY F 112 -3.01 35.35 42.71
N PHE F 113 -2.08 35.91 43.48
CA PHE F 113 -1.76 37.33 43.41
C PHE F 113 -0.76 37.59 42.27
N VAL F 114 -1.10 38.53 41.40
CA VAL F 114 -0.22 38.89 40.29
C VAL F 114 0.78 39.94 40.77
N GLY F 115 2.02 39.52 40.97
CA GLY F 115 3.07 40.42 41.44
C GLY F 115 3.64 41.30 40.34
N MET F 116 3.55 40.85 39.09
CA MET F 116 4.22 41.51 37.97
C MET F 116 3.58 41.18 36.63
N LEU F 117 3.46 42.21 35.80
CA LEU F 117 3.08 42.04 34.40
C LEU F 117 4.33 42.28 33.55
N VAL F 118 4.72 41.26 32.80
CA VAL F 118 5.82 41.35 31.85
C VAL F 118 5.24 41.37 30.44
N GLU F 119 5.57 42.41 29.67
N GLU F 119 5.57 42.41 29.67
CA GLU F 119 5.07 42.59 28.32
CA GLU F 119 5.02 42.55 28.32
C GLU F 119 6.20 42.46 27.31
C GLU F 119 6.12 42.54 27.25
N TYR F 120 6.01 41.58 26.33
CA TYR F 120 6.94 41.44 25.20
C TYR F 120 6.21 41.61 23.88
N GLU F 121 6.85 42.27 22.93
N GLU F 121 6.87 42.26 22.93
CA GLU F 121 6.39 42.20 21.55
CA GLU F 121 6.49 42.23 21.54
C GLU F 121 6.85 40.85 21.03
C GLU F 121 6.86 40.83 21.04
N LEU F 122 5.99 40.20 20.24
CA LEU F 122 6.27 38.84 19.74
C LEU F 122 7.64 38.71 19.05
N THR F 123 7.93 39.63 18.14
CA THR F 123 9.22 39.58 17.42
C THR F 123 10.41 39.81 18.35
N GLU F 124 10.23 40.61 19.40
CA GLU F 124 11.29 40.85 20.37
C GLU F 124 11.57 39.63 21.22
N LEU F 125 10.53 38.90 21.62
CA LEU F 125 10.71 37.68 22.39
C LEU F 125 11.36 36.58 21.55
N LEU F 126 10.98 36.51 20.27
CA LEU F 126 11.66 35.62 19.32
C LEU F 126 13.17 35.90 19.26
N ARG F 127 13.54 37.17 19.14
CA ARG F 127 14.96 37.55 19.13
C ARG F 127 15.67 37.12 20.41
N GLU F 128 15.04 37.40 21.55
CA GLU F 128 15.66 37.13 22.84
C GLU F 128 15.84 35.63 23.10
N LEU F 129 14.90 34.81 22.66
CA LEU F 129 14.99 33.38 22.90
C LEU F 129 15.81 32.62 21.86
N PHE F 130 15.59 32.97 20.59
CA PHE F 130 16.06 32.17 19.47
C PHE F 130 16.88 32.97 18.46
N GLY F 131 17.13 34.24 18.78
CA GLY F 131 17.84 35.12 17.86
C GLY F 131 19.35 34.96 17.86
N VAL F 132 19.98 35.49 16.82
CA VAL F 132 21.42 35.73 16.83
C VAL F 132 21.55 37.19 17.24
N THR F 133 21.85 37.42 18.52
CA THR F 133 21.77 38.75 19.10
C THR F 133 22.91 39.04 20.07
N HIS F 134 23.25 40.32 20.18
CA HIS F 134 24.13 40.83 21.23
C HIS F 134 23.36 40.85 22.55
N GLU F 135 24.08 40.99 23.67
CA GLU F 135 23.45 41.13 24.98
C GLU F 135 22.82 42.53 25.09
N ARG F 136 21.53 42.56 25.46
CA ARG F 136 20.77 43.79 25.55
C ARG F 136 20.38 44.00 27.01
N PRO F 137 21.09 44.91 27.71
CA PRO F 137 20.91 45.13 29.16
C PRO F 137 19.61 45.83 29.55
N ALA F 138 18.92 46.42 28.58
CA ALA F 138 17.66 47.12 28.80
C ALA F 138 16.85 47.14 27.50
N GLY F 139 15.60 47.57 27.59
CA GLY F 139 14.79 47.86 26.40
C GLY F 139 14.20 46.70 25.61
N VAL F 140 14.21 45.49 26.17
CA VAL F 140 13.68 44.32 25.44
C VAL F 140 12.22 43.98 25.77
N ARG F 141 11.67 44.68 26.75
N ARG F 141 11.65 44.69 26.75
CA ARG F 141 10.36 44.36 27.32
CA ARG F 141 10.33 44.38 27.26
C ARG F 141 9.78 45.57 28.05
C ARG F 141 9.76 45.58 28.01
N GLY F 142 8.55 45.41 28.54
CA GLY F 142 7.95 46.39 29.46
C GLY F 142 7.63 45.65 30.74
N THR F 143 7.64 46.36 31.87
CA THR F 143 7.32 45.75 33.17
C THR F 143 6.41 46.65 33.99
N LYS F 144 5.33 46.07 34.52
CA LYS F 144 4.37 46.80 35.36
C LYS F 144 4.15 46.02 36.65
N LEU F 145 4.75 46.52 37.73
CA LEU F 145 4.70 45.86 39.04
C LEU F 145 3.29 45.94 39.62
N PHE F 146 2.94 44.97 40.46
CA PHE F 146 1.60 44.91 41.09
C PHE F 146 0.51 45.44 40.16
N PRO F 147 0.35 44.84 38.96
CA PRO F 147 -0.43 45.48 37.91
C PRO F 147 -1.93 45.67 38.19
N TYR F 148 -2.50 44.86 39.08
CA TYR F 148 -3.93 44.95 39.39
C TYR F 148 -4.22 45.39 40.83
N LEU F 149 -3.17 45.80 41.54
CA LEU F 149 -3.32 46.23 42.93
C LEU F 149 -3.97 47.61 43.00
N THR F 150 -5.26 47.61 43.31
CA THR F 150 -6.02 48.84 43.47
C THR F 150 -5.58 49.61 44.71
N ASP F 151 -5.34 50.92 44.54
CA ASP F 151 -4.78 51.75 45.60
C ASP F 151 -5.82 52.11 46.68
N ASP F 152 -6.04 51.18 47.59
CA ASP F 152 -6.95 51.40 48.72
C ASP F 152 -6.29 51.12 50.07
N GLU F 153 -7.10 50.88 51.10
CA GLU F 153 -6.61 50.70 52.46
C GLU F 153 -5.94 49.34 52.73
N GLU F 154 -6.30 48.34 51.93
CA GLU F 154 -5.77 46.98 52.12
C GLU F 154 -4.57 46.68 51.23
N ALA F 155 -4.14 47.69 50.47
CA ALA F 155 -2.99 47.56 49.56
C ALA F 155 -1.66 47.43 50.32
N VAL F 156 -1.52 48.20 51.40
CA VAL F 156 -0.33 48.17 52.25
C VAL F 156 0.01 46.75 52.73
N GLU F 157 -1.02 46.02 53.15
CA GLU F 157 -0.88 44.63 53.59
C GLU F 157 -0.42 43.73 52.45
N GLN F 158 -1.03 43.91 51.28
CA GLN F 158 -0.69 43.13 50.08
C GLN F 158 0.76 43.36 49.66
N ILE F 159 1.21 44.62 49.74
CA ILE F 159 2.59 44.98 49.41
C ILE F 159 3.58 44.26 50.32
N GLY F 160 3.30 44.27 51.63
CA GLY F 160 4.18 43.63 52.61
C GLY F 160 4.31 42.13 52.45
N THR F 161 3.22 41.47 52.06
CA THR F 161 3.20 40.02 51.90
C THR F 161 3.95 39.56 50.64
N TYR F 162 3.86 40.37 49.58
CA TYR F 162 4.28 39.92 48.25
C TYR F 162 5.52 40.58 47.62
N LEU F 163 6.02 41.65 48.24
CA LEU F 163 7.13 42.43 47.65
C LEU F 163 8.38 41.60 47.32
N LEU F 164 8.85 40.83 48.30
CA LEU F 164 10.03 40.00 48.09
C LEU F 164 9.76 38.86 47.11
N ALA F 165 8.63 38.19 47.29
CA ALA F 165 8.22 37.07 46.45
C ALA F 165 8.07 37.50 44.99
N ALA F 166 7.52 38.68 44.78
CA ALA F 166 7.32 39.22 43.42
C ALA F 166 8.64 39.53 42.72
N GLN F 167 9.61 40.05 43.47
CA GLN F 167 10.97 40.29 42.94
C GLN F 167 11.64 38.96 42.56
N GLN F 168 11.58 37.99 43.47
CA GLN F 168 12.19 36.68 43.26
C GLN F 168 11.54 35.91 42.12
N GLY F 169 10.20 35.90 42.09
CA GLY F 169 9.46 35.24 41.02
C GLY F 169 9.67 35.87 39.65
N THR F 170 9.70 37.19 39.60
CA THR F 170 9.96 37.91 38.35
C THR F 170 11.37 37.60 37.84
N GLU F 171 12.35 37.63 38.72
CA GLU F 171 13.73 37.35 38.36
C GLU F 171 13.84 35.96 37.71
N ALA F 172 13.07 35.01 38.23
CA ALA F 172 13.08 33.64 37.71
C ALA F 172 12.45 33.57 36.31
N VAL F 173 11.31 34.21 36.13
CA VAL F 173 10.63 34.23 34.83
C VAL F 173 11.48 34.92 33.76
N LEU F 174 12.04 36.09 34.10
CA LEU F 174 12.86 36.82 33.13
C LEU F 174 14.11 36.07 32.70
N ALA F 175 14.72 35.32 33.62
CA ALA F 175 15.87 34.47 33.26
C ALA F 175 15.46 33.45 32.20
N GLY F 176 14.22 32.98 32.28
CA GLY F 176 13.67 32.08 31.27
C GLY F 176 13.35 32.71 29.93
N CYS F 177 13.32 34.05 29.90
CA CYS F 177 12.94 34.81 28.69
C CYS F 177 14.13 35.30 27.86
N GLY F 178 15.34 34.97 28.30
CA GLY F 178 16.57 35.37 27.60
C GLY F 178 17.45 34.17 27.25
N SER F 179 18.64 34.47 26.73
CA SER F 179 19.59 33.46 26.25
C SER F 179 20.95 33.52 26.94
N ARG F 180 20.98 33.96 28.21
CA ARG F 180 22.23 34.03 28.98
C ARG F 180 22.88 32.64 29.12
N LYS F 181 24.21 32.56 29.03
CA LYS F 181 24.90 31.27 29.12
C LYS F 181 24.74 30.68 30.51
N PRO F 182 24.24 29.44 30.60
CA PRO F 182 24.14 28.79 31.90
C PRO F 182 25.47 28.17 32.33
N ASP F 183 25.53 27.78 33.61
CA ASP F 183 26.68 27.07 34.16
C ASP F 183 26.42 25.58 33.98
N LEU F 184 27.23 24.93 33.16
CA LEU F 184 27.03 23.51 32.87
C LEU F 184 27.12 22.64 34.10
N SER F 185 28.03 22.98 35.01
CA SER F 185 28.16 22.26 36.27
C SER F 185 26.86 22.31 37.08
N GLU F 186 26.23 23.48 37.11
N GLU F 186 26.22 23.48 37.12
CA GLU F 186 24.97 23.69 37.83
CA GLU F 186 24.95 23.64 37.85
C GLU F 186 23.80 22.91 37.19
C GLU F 186 23.80 22.88 37.20
N LEU F 187 23.73 22.92 35.86
CA LEU F 187 22.71 22.18 35.12
C LEU F 187 22.83 20.68 35.34
N SER F 188 24.07 20.21 35.43
CA SER F 188 24.36 18.81 35.71
C SER F 188 23.74 18.33 37.02
N SER F 189 23.85 19.13 38.08
CA SER F 189 23.19 18.84 39.35
C SER F 189 21.67 19.03 39.26
N ARG F 190 21.25 20.07 38.57
CA ARG F 190 19.82 20.38 38.41
C ARG F 190 19.07 19.26 37.68
N TYR F 191 19.73 18.69 36.66
CA TYR F 191 19.09 17.68 35.82
C TYR F 191 19.48 16.22 36.17
N PHE F 192 20.24 16.05 37.26
CA PHE F 192 20.59 14.72 37.79
C PHE F 192 21.39 13.86 36.79
N THR F 193 22.45 14.43 36.24
CA THR F 193 23.35 13.68 35.39
C THR F 193 24.72 13.66 36.06
N PRO F 194 25.47 12.55 35.91
CA PRO F 194 26.72 12.44 36.67
C PRO F 194 27.94 13.10 36.00
N LYS F 195 27.71 14.02 35.06
CA LYS F 195 28.81 14.68 34.32
C LYS F 195 29.76 15.49 35.21
N PHE F 196 29.28 15.93 36.38
CA PHE F 196 30.11 16.68 37.33
C PHE F 196 29.66 16.46 38.78
N GLY F 197 30.64 16.42 39.69
CA GLY F 197 30.33 16.52 41.11
C GLY F 197 30.78 15.38 42.00
N PHE F 198 31.01 14.20 41.41
CA PHE F 198 31.28 13.02 42.22
C PHE F 198 32.17 12.01 41.52
N LEU F 199 31.61 11.30 40.54
CA LEU F 199 32.34 10.31 39.77
C LEU F 199 33.18 10.96 38.68
N HIS F 200 32.68 12.07 38.14
CA HIS F 200 33.25 12.69 36.94
C HIS F 200 33.31 14.20 37.04
N TRP F 201 34.18 14.81 36.23
CA TRP F 201 34.45 16.24 36.33
C TRP F 201 34.51 16.85 34.92
N PHE F 202 33.55 16.44 34.07
CA PHE F 202 33.57 16.71 32.63
C PHE F 202 33.16 18.11 32.20
N THR F 203 32.21 18.72 32.92
CA THR F 203 31.53 19.92 32.44
C THR F 203 32.43 21.13 32.14
N PRO F 204 33.53 21.33 32.90
CA PRO F 204 34.39 22.46 32.46
C PRO F 204 35.00 22.24 31.07
N HIS F 205 35.26 20.99 30.70
CA HIS F 205 35.79 20.69 29.36
C HIS F 205 34.69 20.84 28.31
N TYR F 206 33.52 20.31 28.62
CA TYR F 206 32.34 20.54 27.76
C TYR F 206 32.08 22.03 27.54
N ASP F 207 32.14 22.81 28.61
CA ASP F 207 31.95 24.25 28.49
C ASP F 207 32.98 24.89 27.56
N ARG F 208 34.26 24.56 27.76
CA ARG F 208 35.30 25.14 26.92
C ARG F 208 35.13 24.81 25.44
N HIS F 209 34.80 23.54 25.15
CA HIS F 209 34.67 23.09 23.77
C HIS F 209 33.34 23.43 23.09
N PHE F 210 32.28 23.63 23.88
CA PHE F 210 30.95 23.86 23.30
C PHE F 210 30.50 25.32 23.30
N ARG F 211 31.08 26.15 24.17
CA ARG F 211 30.52 27.49 24.38
C ARG F 211 30.48 28.37 23.12
N ASP F 212 31.48 28.22 22.24
CA ASP F 212 31.57 29.01 21.01
C ASP F 212 30.48 28.66 19.98
N TYR F 213 29.77 27.55 20.18
CA TYR F 213 28.71 27.13 19.25
C TYR F 213 27.33 27.70 19.59
N ARG F 214 27.20 28.41 20.72
CA ARG F 214 25.86 28.74 21.27
C ARG F 214 24.94 29.65 20.44
N ASN F 215 25.48 30.46 19.54
N ASN F 215 25.54 30.44 19.55
CA ASN F 215 24.57 31.25 18.69
CA ASN F 215 24.81 31.31 18.60
C ASN F 215 24.22 30.56 17.38
C ASN F 215 24.22 30.55 17.42
N GLN F 216 24.69 29.31 17.23
CA GLN F 216 24.36 28.52 16.04
C GLN F 216 23.19 27.56 16.24
N GLN F 217 22.49 27.28 15.14
CA GLN F 217 21.36 26.35 15.15
C GLN F 217 21.87 24.90 15.10
N VAL F 218 22.53 24.48 16.18
CA VAL F 218 23.23 23.21 16.21
C VAL F 218 22.29 22.00 16.18
N ARG F 219 22.77 20.93 15.58
CA ARG F 219 22.15 19.62 15.72
C ARG F 219 23.13 18.80 16.52
N VAL F 220 22.69 18.34 17.70
CA VAL F 220 23.50 17.59 18.64
C VAL F 220 22.93 16.19 18.81
N LEU F 221 23.76 15.19 18.57
CA LEU F 221 23.38 13.80 18.76
C LEU F 221 24.15 13.19 19.93
N GLU F 222 23.46 12.81 21.00
CA GLU F 222 24.09 12.05 22.09
C GLU F 222 23.61 10.61 22.08
N ILE F 223 24.57 9.69 22.03
CA ILE F 223 24.30 8.26 22.21
C ILE F 223 24.27 7.95 23.70
N GLY F 224 23.14 7.45 24.18
CA GLY F 224 22.96 7.14 25.60
C GLY F 224 22.12 8.21 26.26
N VAL F 225 20.82 7.96 26.34
CA VAL F 225 19.87 8.90 26.95
C VAL F 225 19.90 8.83 28.48
N GLY F 226 20.13 7.62 28.99
CA GLY F 226 20.21 7.38 30.43
C GLY F 226 19.05 6.60 30.96
N GLY F 227 19.24 6.02 32.16
CA GLY F 227 18.18 5.31 32.86
C GLY F 227 18.07 3.83 32.53
N TYR F 228 18.73 3.40 31.46
CA TYR F 228 18.76 2.00 31.06
C TYR F 228 17.36 1.40 30.94
N LYS F 229 17.09 0.29 31.62
CA LYS F 229 15.78 -0.38 31.53
C LYS F 229 14.65 0.29 32.32
N HIS F 230 14.99 1.20 33.23
CA HIS F 230 13.95 1.83 34.07
C HIS F 230 13.00 2.66 33.21
N PRO F 231 11.69 2.43 33.33
CA PRO F 231 10.69 3.05 32.44
C PRO F 231 10.54 4.57 32.59
N GLU F 232 11.03 5.13 33.69
CA GLU F 232 10.89 6.58 33.94
C GLU F 232 12.20 7.38 33.93
N TRP F 233 13.33 6.72 34.15
CA TRP F 233 14.60 7.45 34.30
C TRP F 233 15.26 7.81 32.97
N GLY F 234 16.10 8.84 33.00
CA GLY F 234 16.91 9.26 31.86
C GLY F 234 16.60 10.64 31.30
N GLY F 235 17.46 11.12 30.42
CA GLY F 235 17.23 12.38 29.71
C GLY F 235 17.92 13.62 30.27
N GLY F 236 18.56 13.48 31.43
CA GLY F 236 19.21 14.61 32.09
C GLY F 236 20.25 15.35 31.27
N SER F 237 21.09 14.61 30.54
CA SER F 237 22.09 15.28 29.70
C SER F 237 21.48 15.91 28.45
N LEU F 238 20.40 15.34 27.92
CA LEU F 238 19.68 15.97 26.81
C LEU F 238 19.10 17.33 27.23
N ARG F 239 18.49 17.38 28.41
N ARG F 239 18.50 17.38 28.41
CA ARG F 239 17.97 18.64 28.98
CA ARG F 239 17.96 18.63 28.96
C ARG F 239 19.10 19.65 29.13
C ARG F 239 19.07 19.66 29.22
N MET F 240 20.25 19.17 29.57
CA MET F 240 21.44 20.00 29.73
C MET F 240 21.86 20.65 28.41
N TRP F 241 21.95 19.85 27.34
CA TRP F 241 22.32 20.40 26.02
C TRP F 241 21.24 21.35 25.49
N LYS F 242 19.97 21.02 25.70
CA LYS F 242 18.87 21.92 25.31
C LYS F 242 19.03 23.29 25.99
N SER F 243 19.32 23.27 27.29
N SER F 243 19.30 23.28 27.29
CA SER F 243 19.51 24.49 28.07
CA SER F 243 19.51 24.50 28.05
C SER F 243 20.76 25.26 27.64
C SER F 243 20.73 25.27 27.54
N PHE F 244 21.82 24.54 27.29
CA PHE F 244 23.09 25.15 26.88
C PHE F 244 23.06 25.77 25.48
N PHE F 245 22.34 25.12 24.57
CA PHE F 245 22.24 25.59 23.18
C PHE F 245 20.85 26.15 22.89
N PRO F 246 20.65 27.47 23.07
CA PRO F 246 19.30 28.05 22.97
C PRO F 246 18.66 27.91 21.59
N ARG F 247 19.47 27.70 20.55
CA ARG F 247 18.96 27.56 19.17
C ARG F 247 19.08 26.11 18.66
N GLY F 248 19.47 25.19 19.54
CA GLY F 248 19.78 23.82 19.15
C GLY F 248 18.60 22.89 19.00
N GLN F 249 18.81 21.85 18.18
CA GLN F 249 17.97 20.67 18.20
C GLN F 249 18.81 19.54 18.80
N ILE F 250 18.27 18.88 19.82
CA ILE F 250 18.96 17.77 20.47
C ILE F 250 18.31 16.44 20.07
N TYR F 251 19.16 15.48 19.69
CA TYR F 251 18.74 14.10 19.44
C TYR F 251 19.43 13.17 20.46
N GLY F 252 18.65 12.26 21.03
CA GLY F 252 19.19 11.23 21.91
C GLY F 252 18.91 9.83 21.39
N LEU F 253 19.96 9.01 21.33
N LEU F 253 19.96 9.03 21.29
CA LEU F 253 19.84 7.64 20.85
CA LEU F 253 19.86 7.64 20.88
C LEU F 253 19.98 6.66 22.01
C LEU F 253 19.89 6.75 22.11
N ASP F 254 19.03 5.75 22.13
CA ASP F 254 19.05 4.74 23.18
C ASP F 254 18.46 3.45 22.69
N ILE F 255 19.05 2.34 23.11
CA ILE F 255 18.55 1.00 22.76
C ILE F 255 17.16 0.78 23.37
N MET F 256 16.88 1.45 24.48
CA MET F 256 15.58 1.40 25.16
C MET F 256 14.70 2.57 24.72
N ASP F 257 13.38 2.37 24.72
CA ASP F 257 12.47 3.48 24.43
C ASP F 257 12.66 4.59 25.48
N LYS F 258 12.77 5.83 25.01
CA LYS F 258 12.93 6.99 25.90
C LYS F 258 11.98 8.12 25.50
N SER F 259 10.87 7.75 24.84
CA SER F 259 9.93 8.72 24.30
C SER F 259 9.31 9.64 25.35
N HIS F 260 9.38 9.23 26.63
CA HIS F 260 8.93 10.07 27.74
C HIS F 260 9.83 11.31 27.97
N VAL F 261 11.03 11.29 27.41
CA VAL F 261 11.99 12.39 27.51
C VAL F 261 11.68 13.50 26.49
N ASP F 262 11.07 13.13 25.36
CA ASP F 262 10.85 14.08 24.28
C ASP F 262 10.09 15.33 24.74
N GLU F 263 10.57 16.49 24.29
CA GLU F 263 9.91 17.77 24.54
C GLU F 263 10.34 18.73 23.42
N LEU F 264 9.94 20.00 23.50
CA LEU F 264 10.41 20.98 22.53
C LEU F 264 11.93 20.92 22.40
N ARG F 265 12.42 20.76 21.16
CA ARG F 265 13.86 20.74 20.83
C ARG F 265 14.64 19.50 21.31
N ILE F 266 13.94 18.51 21.85
CA ILE F 266 14.54 17.21 22.21
C ILE F 266 13.76 16.04 21.60
N ARG F 267 14.40 15.31 20.70
CA ARG F 267 13.83 14.10 20.10
C ARG F 267 14.68 12.88 20.46
N THR F 268 14.04 11.81 20.95
CA THR F 268 14.77 10.58 21.20
C THR F 268 14.49 9.57 20.09
N ILE F 269 15.45 8.68 19.88
CA ILE F 269 15.36 7.67 18.84
C ILE F 269 15.75 6.33 19.46
N GLN F 270 14.96 5.30 19.19
CA GLN F 270 15.26 3.98 19.70
C GLN F 270 16.05 3.16 18.69
N GLY F 271 17.20 2.68 19.12
CA GLY F 271 18.03 1.82 18.29
C GLY F 271 19.38 1.51 18.91
N ASP F 272 20.13 0.65 18.23
CA ASP F 272 21.40 0.11 18.73
C ASP F 272 22.56 0.87 18.12
N GLN F 273 23.44 1.41 18.97
CA GLN F 273 24.60 2.18 18.48
C GLN F 273 25.59 1.31 17.75
N ASN F 274 25.45 -0.01 17.90
CA ASN F 274 26.32 -0.97 17.23
C ASN F 274 25.74 -1.45 15.89
N ASP F 275 24.68 -0.79 15.44
CA ASP F 275 24.01 -1.17 14.18
C ASP F 275 24.32 -0.07 13.17
N ALA F 276 25.32 -0.31 12.32
CA ALA F 276 25.80 0.69 11.38
C ALA F 276 24.77 1.11 10.33
N GLU F 277 23.87 0.19 9.95
CA GLU F 277 22.79 0.49 8.98
C GLU F 277 21.85 1.51 9.58
N PHE F 278 21.45 1.25 10.83
CA PHE F 278 20.58 2.14 11.58
C PHE F 278 21.25 3.52 11.71
N LEU F 279 22.53 3.53 12.07
CA LEU F 279 23.25 4.79 12.20
C LEU F 279 23.29 5.59 10.90
N ASP F 280 23.46 4.91 9.76
CA ASP F 280 23.42 5.57 8.44
C ASP F 280 22.09 6.28 8.23
N ARG F 281 20.99 5.57 8.49
CA ARG F 281 19.66 6.10 8.25
C ARG F 281 19.36 7.31 9.13
N ILE F 282 19.65 7.22 10.42
CA ILE F 282 19.35 8.35 11.30
C ILE F 282 20.25 9.54 11.01
N ALA F 283 21.51 9.29 10.65
CA ALA F 283 22.41 10.39 10.34
C ALA F 283 21.96 11.12 9.06
N ARG F 284 21.51 10.37 8.07
CA ARG F 284 21.05 10.98 6.84
C ARG F 284 19.67 11.62 6.98
N ARG F 285 18.85 11.09 7.89
CA ARG F 285 17.54 11.68 8.17
C ARG F 285 17.64 12.98 8.97
N TYR F 286 18.52 13.01 9.96
CA TYR F 286 18.56 14.11 10.93
C TYR F 286 19.80 14.99 10.90
N GLY F 287 20.84 14.56 10.20
CA GLY F 287 22.13 15.28 10.20
C GLY F 287 22.21 16.34 9.12
N PRO F 288 23.43 16.88 8.87
CA PRO F 288 24.66 16.51 9.57
C PRO F 288 24.71 17.14 10.97
N PHE F 289 25.55 16.58 11.84
CA PHE F 289 25.57 16.97 13.23
C PHE F 289 26.77 17.86 13.54
N ASP F 290 26.52 18.97 14.24
CA ASP F 290 27.62 19.82 14.70
C ASP F 290 28.41 19.10 15.79
N ILE F 291 27.70 18.31 16.59
CA ILE F 291 28.25 17.62 17.76
C ILE F 291 27.64 16.22 17.87
N VAL F 292 28.50 15.22 17.99
CA VAL F 292 28.11 13.86 18.33
C VAL F 292 28.83 13.47 19.62
N ILE F 293 28.10 12.91 20.58
CA ILE F 293 28.67 12.46 21.86
C ILE F 293 28.35 10.98 22.09
N ASP F 294 29.38 10.17 22.32
CA ASP F 294 29.17 8.77 22.69
C ASP F 294 29.21 8.63 24.22
N ASP F 295 28.03 8.50 24.81
CA ASP F 295 27.92 8.16 26.23
C ASP F 295 27.00 6.94 26.40
N GLY F 296 27.20 5.93 25.55
CA GLY F 296 26.28 4.80 25.48
C GLY F 296 26.65 3.57 26.29
N SER F 297 26.72 2.42 25.62
CA SER F 297 27.06 1.15 26.28
C SER F 297 28.43 1.18 26.97
N HIS F 298 29.36 1.91 26.38
CA HIS F 298 30.78 1.89 26.76
C HIS F 298 31.47 0.56 26.43
N ILE F 299 30.81 -0.27 25.62
CA ILE F 299 31.48 -1.45 25.06
C ILE F 299 32.48 -0.96 24.01
N ASN F 300 33.72 -1.43 24.09
CA ASN F 300 34.78 -0.90 23.21
C ASN F 300 34.47 -1.01 21.71
N ALA F 301 33.98 -2.16 21.29
CA ALA F 301 33.58 -2.41 19.89
C ALA F 301 32.51 -1.43 19.42
N HIS F 302 31.57 -1.09 20.32
CA HIS F 302 30.48 -0.16 20.04
C HIS F 302 31.01 1.26 19.83
N VAL F 303 31.90 1.69 20.73
CA VAL F 303 32.54 3.00 20.59
C VAL F 303 33.20 3.13 19.21
N ARG F 304 33.92 2.08 18.82
CA ARG F 304 34.64 2.10 17.55
C ARG F 304 33.70 2.04 16.34
N THR F 305 32.64 1.22 16.44
CA THR F 305 31.62 1.11 15.39
C THR F 305 30.89 2.42 15.18
N SER F 306 30.43 3.03 16.28
CA SER F 306 29.70 4.28 16.19
C SER F 306 30.56 5.40 15.60
N PHE F 307 31.83 5.44 16.00
CA PHE F 307 32.74 6.46 15.48
C PHE F 307 32.95 6.32 13.97
N ALA F 308 33.23 5.09 13.53
CA ALA F 308 33.43 4.84 12.10
C ALA F 308 32.19 5.24 11.29
N ALA F 309 31.01 4.94 11.81
CA ALA F 309 29.74 5.23 11.13
C ALA F 309 29.33 6.69 11.17
N LEU F 310 29.61 7.38 12.28
CA LEU F 310 29.07 8.73 12.49
C LEU F 310 30.05 9.88 12.26
N PHE F 311 31.35 9.63 12.37
CA PHE F 311 32.34 10.68 12.08
C PHE F 311 32.12 11.33 10.70
N PRO F 312 31.78 10.52 9.65
CA PRO F 312 31.47 11.13 8.36
C PRO F 312 30.30 12.10 8.37
N HIS F 313 29.43 11.98 9.37
CA HIS F 313 28.24 12.83 9.48
C HIS F 313 28.37 13.99 10.47
N VAL F 314 29.57 14.15 11.04
CA VAL F 314 29.89 15.36 11.79
C VAL F 314 30.23 16.47 10.78
N ARG F 315 29.70 17.66 10.99
CA ARG F 315 30.01 18.77 10.08
C ARG F 315 31.47 19.16 10.19
N PRO F 316 32.07 19.68 9.09
CA PRO F 316 33.38 20.31 9.23
C PRO F 316 33.30 21.41 10.28
N GLY F 317 34.28 21.47 11.17
CA GLY F 317 34.25 22.42 12.29
C GLY F 317 33.45 21.90 13.47
N GLY F 318 32.92 20.68 13.34
CA GLY F 318 32.16 20.04 14.41
C GLY F 318 33.02 19.20 15.35
N LEU F 319 32.35 18.55 16.30
CA LEU F 319 33.04 17.74 17.33
C LEU F 319 32.45 16.35 17.49
N TYR F 320 33.34 15.37 17.68
CA TYR F 320 32.94 14.03 18.10
C TYR F 320 33.53 13.78 19.49
N VAL F 321 32.66 13.49 20.46
CA VAL F 321 33.06 13.35 21.84
C VAL F 321 32.87 11.91 22.29
N ILE F 322 33.86 11.37 23.00
CA ILE F 322 33.77 10.03 23.59
C ILE F 322 33.93 10.16 25.09
N GLU F 323 32.92 9.69 25.82
CA GLU F 323 32.91 9.73 27.27
C GLU F 323 33.18 8.34 27.86
N ASP F 324 33.78 8.30 29.05
CA ASP F 324 34.00 7.07 29.83
C ASP F 324 34.93 6.05 29.19
N MET F 325 36.14 6.50 28.82
CA MET F 325 37.13 5.58 28.26
C MET F 325 37.72 4.63 29.30
N TRP F 326 37.31 4.78 30.56
CA TRP F 326 37.76 3.86 31.61
C TRP F 326 37.52 2.39 31.26
N THR F 327 36.46 2.14 30.48
CA THR F 327 36.11 0.76 30.12
C THR F 327 37.12 0.11 29.16
N ALA F 328 38.02 0.90 28.59
CA ALA F 328 39.09 0.37 27.74
C ALA F 328 39.93 -0.68 28.48
N TYR F 329 39.94 -0.61 29.80
CA TYR F 329 40.80 -1.48 30.61
C TYR F 329 40.09 -2.72 31.15
N TRP F 330 38.82 -2.91 30.78
CA TRP F 330 37.99 -3.94 31.41
C TRP F 330 37.40 -4.97 30.44
N PRO F 331 37.80 -6.26 30.59
CA PRO F 331 37.32 -7.35 29.71
C PRO F 331 35.80 -7.43 29.60
N GLY F 332 35.08 -7.13 30.68
CA GLY F 332 33.61 -7.16 30.67
C GLY F 332 32.98 -6.11 29.76
N PHE F 333 33.79 -5.16 29.30
CA PHE F 333 33.38 -4.17 28.30
C PHE F 333 34.13 -4.38 26.98
N GLY F 334 34.81 -5.51 26.85
CA GLY F 334 35.61 -5.80 25.65
C GLY F 334 36.99 -5.15 25.66
N GLY F 335 37.40 -4.65 26.82
CA GLY F 335 38.71 -3.99 26.95
C GLY F 335 39.79 -4.95 27.39
N GLN F 336 40.97 -4.41 27.73
CA GLN F 336 42.10 -5.24 28.15
C GLN F 336 42.79 -4.58 29.33
N ALA F 337 43.15 -5.37 30.34
CA ALA F 337 43.83 -4.87 31.54
C ALA F 337 45.21 -4.27 31.23
N ASP F 338 45.88 -4.81 30.21
CA ASP F 338 47.17 -4.30 29.76
C ASP F 338 46.95 -3.11 28.82
N PRO F 339 47.41 -1.91 29.23
CA PRO F 339 47.20 -0.71 28.40
C PRO F 339 47.89 -0.78 27.04
N GLN F 340 48.91 -1.63 26.92
CA GLN F 340 49.61 -1.83 25.63
C GLN F 340 48.83 -2.70 24.64
N GLU F 341 47.92 -3.53 25.14
N GLU F 341 47.92 -3.52 25.14
CA GLU F 341 47.08 -4.38 24.29
CA GLU F 341 47.08 -4.36 24.29
C GLU F 341 45.79 -3.65 23.92
C GLU F 341 45.79 -3.63 23.93
N CYS F 342 45.94 -2.57 23.15
CA CYS F 342 44.83 -1.63 22.90
C CYS F 342 44.28 -1.62 21.47
N SER F 343 44.58 -2.65 20.67
CA SER F 343 44.14 -2.65 19.26
C SER F 343 42.61 -2.62 19.09
N GLY F 344 41.89 -3.13 20.09
CA GLY F 344 40.42 -3.12 20.06
C GLY F 344 39.74 -2.19 21.05
N THR F 345 40.48 -1.27 21.66
CA THR F 345 39.88 -0.41 22.71
C THR F 345 39.63 1.01 22.24
N SER F 346 38.79 1.75 22.99
CA SER F 346 38.59 3.16 22.72
C SER F 346 39.90 3.95 22.84
N LEU F 347 40.78 3.56 23.76
CA LEU F 347 42.08 4.24 23.87
C LEU F 347 42.98 3.93 22.68
N GLY F 348 42.88 2.71 22.14
CA GLY F 348 43.59 2.38 20.91
C GLY F 348 43.11 3.26 19.77
N LEU F 349 41.81 3.51 19.73
CA LEU F 349 41.25 4.41 18.73
C LEU F 349 41.86 5.82 18.86
N LEU F 350 41.85 6.37 20.07
CA LEU F 350 42.40 7.71 20.30
C LEU F 350 43.89 7.79 19.94
N LYS F 351 44.67 6.77 20.31
CA LYS F 351 46.08 6.73 19.92
C LYS F 351 46.25 6.76 18.40
N SER F 352 45.41 6.01 17.68
CA SER F 352 45.47 5.98 16.21
C SER F 352 45.06 7.30 15.58
N LEU F 353 44.22 8.08 16.25
CA LEU F 353 43.88 9.42 15.75
C LEU F 353 45.09 10.38 15.72
N ILE F 354 46.10 10.11 16.55
CA ILE F 354 47.33 10.89 16.51
C ILE F 354 48.06 10.67 15.18
N ASP F 355 48.15 9.41 14.74
CA ASP F 355 48.74 9.10 13.43
C ASP F 355 47.87 9.61 12.28
N ALA F 356 46.55 9.59 12.47
CA ALA F 356 45.65 10.14 11.46
C ALA F 356 45.90 11.62 11.25
N ILE F 357 46.04 12.36 12.34
CA ILE F 357 46.38 13.80 12.28
C ILE F 357 47.70 14.02 11.52
N GLN F 358 48.68 13.15 11.77
CA GLN F 358 50.02 13.26 11.21
C GLN F 358 50.21 12.56 9.85
N HIS F 359 49.13 12.05 9.26
CA HIS F 359 49.28 11.12 8.11
C HIS F 359 50.01 11.70 6.91
N GLN F 360 49.94 13.01 6.72
CA GLN F 360 50.61 13.64 5.57
C GLN F 360 52.13 13.66 5.73
N GLU F 361 52.62 13.30 6.91
CA GLU F 361 54.07 13.24 7.18
C GLU F 361 54.69 11.87 6.91
N LEU F 362 53.86 10.88 6.58
CA LEU F 362 54.35 9.54 6.25
C LEU F 362 55.17 9.55 4.97
N PRO F 363 56.21 8.69 4.88
CA PRO F 363 56.96 8.60 3.64
C PRO F 363 56.02 8.18 2.51
N SER F 364 56.30 8.64 1.30
CA SER F 364 55.41 8.42 0.17
C SER F 364 55.26 6.94 -0.16
N ASP F 365 54.04 6.55 -0.51
CA ASP F 365 53.72 5.18 -0.90
C ASP F 365 52.57 5.19 -1.90
N PRO F 366 52.84 4.78 -3.15
CA PRO F 366 51.79 4.67 -4.17
C PRO F 366 50.76 3.59 -3.88
N ASN F 367 51.13 2.59 -3.07
CA ASN F 367 50.24 1.49 -2.68
C ASN F 367 49.35 1.80 -1.47
N ARG F 368 49.51 3.00 -0.92
CA ARG F 368 48.79 3.41 0.29
C ARG F 368 47.98 4.68 0.04
N SER F 369 46.70 4.64 0.41
CA SER F 369 45.83 5.80 0.29
C SER F 369 45.35 6.24 1.68
N PRO F 370 45.41 7.56 1.95
CA PRO F 370 44.85 8.07 3.21
C PRO F 370 43.37 7.70 3.32
N GLY F 371 42.94 7.28 4.51
CA GLY F 371 41.55 6.88 4.72
C GLY F 371 40.67 8.07 5.07
N TYR F 372 39.38 7.81 5.29
CA TYR F 372 38.45 8.89 5.58
C TYR F 372 38.85 9.69 6.83
N VAL F 373 39.13 8.99 7.93
CA VAL F 373 39.48 9.65 9.19
C VAL F 373 40.77 10.48 9.05
N ASP F 374 41.82 9.89 8.47
CA ASP F 374 43.05 10.62 8.11
C ASP F 374 42.76 12.02 7.53
N ARG F 375 41.89 12.06 6.53
CA ARG F 375 41.63 13.27 5.75
C ARG F 375 40.72 14.26 6.48
N ASN F 376 40.11 13.81 7.57
CA ASN F 376 39.06 14.57 8.23
C ASN F 376 39.20 14.89 9.72
N ILE F 377 40.36 14.60 10.30
CA ILE F 377 40.60 14.98 11.70
C ILE F 377 41.65 16.10 11.77
N VAL F 378 41.35 17.16 12.50
CA VAL F 378 42.28 18.30 12.62
C VAL F 378 42.68 18.62 14.05
N GLY F 379 42.16 17.85 14.99
CA GLY F 379 42.50 18.05 16.40
C GLY F 379 42.01 16.91 17.28
N LEU F 380 42.75 16.66 18.36
CA LEU F 380 42.36 15.68 19.36
C LEU F 380 42.60 16.27 20.73
N HIS F 381 41.58 16.19 21.60
CA HIS F 381 41.69 16.65 22.98
C HIS F 381 41.31 15.53 23.93
N VAL F 382 42.25 15.18 24.80
CA VAL F 382 42.03 14.07 25.74
C VAL F 382 42.13 14.55 27.16
N TYR F 383 41.07 14.28 27.93
CA TYR F 383 41.03 14.52 29.37
C TYR F 383 40.64 13.23 30.07
N HIS F 384 40.69 13.22 31.40
CA HIS F 384 40.27 12.04 32.15
C HIS F 384 38.84 11.63 31.79
N ASN F 385 38.70 10.45 31.20
CA ASN F 385 37.41 9.85 30.79
C ASN F 385 36.55 10.63 29.80
N VAL F 386 37.14 11.58 29.09
CA VAL F 386 36.42 12.28 28.01
C VAL F 386 37.41 12.82 26.97
N ALA F 387 37.08 12.61 25.70
CA ALA F 387 37.94 13.05 24.59
C ALA F 387 37.11 13.74 23.51
N PHE F 388 37.71 14.75 22.88
CA PHE F 388 37.05 15.59 21.88
C PHE F 388 37.83 15.49 20.58
N VAL F 389 37.15 15.13 19.49
CA VAL F 389 37.77 15.00 18.19
C VAL F 389 37.27 16.11 17.28
N GLU F 390 38.18 16.88 16.68
CA GLU F 390 37.78 17.96 15.77
C GLU F 390 37.73 17.51 14.33
N LYS F 391 36.54 17.62 13.73
CA LYS F 391 36.28 17.31 12.32
C LYS F 391 36.66 18.51 11.44
N GLY F 392 37.43 18.25 10.39
CA GLY F 392 37.80 19.30 9.47
C GLY F 392 38.69 18.75 8.39
N ARG F 393 38.96 19.54 7.35
N ARG F 393 38.97 19.56 7.38
CA ARG F 393 39.81 19.09 6.26
CA ARG F 393 39.83 19.14 6.28
C ARG F 393 41.28 19.08 6.67
C ARG F 393 41.28 19.09 6.72
N ASN F 394 41.85 17.89 6.78
CA ASN F 394 43.25 17.71 7.17
C ASN F 394 44.12 17.67 5.93
N ASP F 395 44.40 18.86 5.40
CA ASP F 395 45.11 18.96 4.12
C ASP F 395 46.05 20.16 4.11
N GLU F 396 46.89 20.25 5.14
CA GLU F 396 47.82 21.37 5.28
C GLU F 396 49.06 21.18 4.41
N GLY F 397 49.35 19.92 4.08
CA GLY F 397 50.56 19.55 3.34
C GLY F 397 51.60 19.01 4.30
N GLY F 398 52.23 17.89 3.92
CA GLY F 398 53.34 17.36 4.69
C GLY F 398 54.58 18.20 4.44
N ILE F 399 55.62 17.96 5.25
CA ILE F 399 56.92 18.59 5.05
C ILE F 399 57.43 18.26 3.64
N PRO F 400 57.79 19.29 2.86
CA PRO F 400 58.18 19.05 1.47
C PRO F 400 59.46 18.23 1.34
N THR F 401 59.63 17.59 0.19
CA THR F 401 60.77 16.70 -0.05
C THR F 401 62.11 17.42 0.06
N TRP F 402 62.12 18.72 -0.23
CA TRP F 402 63.36 19.51 -0.19
C TRP F 402 63.83 19.91 1.21
N ILE F 403 63.03 19.61 2.23
CA ILE F 403 63.52 19.68 3.61
C ILE F 403 64.25 18.35 3.89
N PRO F 404 65.53 18.42 4.33
CA PRO F 404 66.31 17.22 4.61
C PRO F 404 65.69 16.30 5.67
N ARG F 405 65.87 15.00 5.48
CA ARG F 405 65.25 14.00 6.35
C ARG F 405 66.23 13.42 7.39
N ASP F 406 67.33 14.12 7.61
CA ASP F 406 68.22 13.81 8.72
C ASP F 406 68.73 15.11 9.35
N PHE F 407 69.09 15.03 10.63
CA PHE F 407 69.44 16.22 11.40
C PHE F 407 70.63 17.03 10.86
N GLU F 408 71.74 16.35 10.59
N GLU F 408 71.74 16.36 10.58
CA GLU F 408 72.94 17.01 10.07
CA GLU F 408 72.93 17.05 10.09
C GLU F 408 72.64 17.77 8.78
C GLU F 408 72.69 17.76 8.75
N SER F 409 71.91 17.14 7.87
CA SER F 409 71.56 17.75 6.58
C SER F 409 70.65 18.95 6.76
N LEU F 410 69.75 18.86 7.74
CA LEU F 410 68.87 19.97 8.09
C LEU F 410 69.65 21.18 8.61
N VAL F 411 70.58 20.94 9.53
CA VAL F 411 71.45 22.00 10.08
C VAL F 411 72.23 22.71 8.97
N GLN F 412 72.87 21.91 8.11
CA GLN F 412 73.62 22.42 6.97
C GLN F 412 72.75 23.27 6.05
N ALA F 413 71.60 22.72 5.65
CA ALA F 413 70.68 23.43 4.76
C ALA F 413 70.13 24.74 5.37
N SER F 414 70.04 24.80 6.69
CA SER F 414 69.39 25.93 7.37
C SER F 414 70.35 27.00 7.90
N SER F 415 71.64 26.86 7.61
CA SER F 415 72.66 27.72 8.22
C SER F 415 73.31 28.73 7.27
N GLY F 416 72.82 28.78 6.03
CA GLY F 416 73.27 29.76 5.04
C GLY F 416 74.76 29.76 4.72
N GLY F 417 75.39 28.59 4.82
CA GLY F 417 76.81 28.43 4.46
C GLY F 417 77.80 28.66 5.59
N ALA F 418 77.30 29.02 6.78
CA ALA F 418 78.15 29.28 7.94
C ALA F 418 78.71 27.99 8.56
#